data_3I5R
# 
_entry.id   3I5R 
# 
_audit_conform.dict_name       mmcif_pdbx.dic 
_audit_conform.dict_version    5.378 
_audit_conform.dict_location   http://mmcif.pdb.org/dictionaries/ascii/mmcif_pdbx.dic 
# 
loop_
_database_2.database_id 
_database_2.database_code 
_database_2.pdbx_database_accession 
_database_2.pdbx_DOI 
PDB   3I5R         pdb_00003i5r 10.2210/pdb3i5r/pdb 
RCSB  RCSB053998   ?            ?                   
WWPDB D_1000053998 ?            ?                   
# 
_pdbx_database_related.db_name        PDB 
_pdbx_database_related.db_id          3I5S 
_pdbx_database_related.details        . 
_pdbx_database_related.content_type   unspecified 
# 
_pdbx_database_status.status_code                     REL 
_pdbx_database_status.entry_id                        3I5R 
_pdbx_database_status.recvd_initial_deposition_date   2009-07-06 
_pdbx_database_status.deposit_site                    RCSB 
_pdbx_database_status.process_site                    RCSB 
_pdbx_database_status.status_code_sf                  REL 
_pdbx_database_status.status_code_mr                  ? 
_pdbx_database_status.SG_entry                        ? 
_pdbx_database_status.pdb_format_compatible           Y 
_pdbx_database_status.status_code_cs                  ? 
_pdbx_database_status.status_code_nmr_data            ? 
_pdbx_database_status.methods_development_category    ? 
# 
loop_
_audit_author.name 
_audit_author.pdbx_ordinal 
'Batra-Safferling, R.' 1 
'Granzin, J.'          2 
'Modder, S.'           3 
'Hoffmann, S.'         4 
'Willbold, D.'         5 
# 
_citation.id                        primary 
_citation.title                     
;Structural studies of the phosphatidylinositol 3-kinase (PI3K) SH3 domain in complex with a peptide ligand: role of the anchor residue in ligand binding.
;
_citation.journal_abbrev            Biol.Chem. 
_citation.journal_volume            391 
_citation.page_first                33 
_citation.page_last                 42 
_citation.year                      2010 
_citation.journal_id_ASTM           ? 
_citation.country                   GE 
_citation.journal_id_ISSN           1431-6730 
_citation.journal_id_CSD            ? 
_citation.book_publisher            ? 
_citation.pdbx_database_id_PubMed   19919182 
_citation.pdbx_database_id_DOI      10.1515/BC.2010.003 
# 
loop_
_citation_author.citation_id 
_citation_author.name 
_citation_author.ordinal 
_citation_author.identifier_ORCID 
primary 'Batra-Safferling, R.' 1 ? 
primary 'Granzin, J.'          2 ? 
primary 'Modder, S.'           3 ? 
primary 'Hoffmann, S.'         4 ? 
primary 'Willbold, D.'         5 ? 
# 
_cell.entry_id           3I5R 
_cell.length_a           60.365 
_cell.length_b           60.365 
_cell.length_c           46.525 
_cell.angle_alpha        90.00 
_cell.angle_beta         90.00 
_cell.angle_gamma        120.00 
_cell.Z_PDB              6 
_cell.pdbx_unique_axis   ? 
_cell.length_a_esd       ? 
_cell.length_b_esd       ? 
_cell.length_c_esd       ? 
_cell.angle_alpha_esd    ? 
_cell.angle_beta_esd     ? 
_cell.angle_gamma_esd    ? 
# 
_symmetry.entry_id                         3I5R 
_symmetry.space_group_name_H-M             'P 31 2 1' 
_symmetry.pdbx_full_space_group_name_H-M   ? 
_symmetry.cell_setting                     ? 
_symmetry.Int_Tables_number                152 
_symmetry.space_group_name_Hall            ? 
# 
loop_
_entity.id 
_entity.type 
_entity.src_method 
_entity.pdbx_description 
_entity.formula_weight 
_entity.pdbx_number_of_molecules 
_entity.pdbx_ec 
_entity.pdbx_mutation 
_entity.pdbx_fragment 
_entity.details 
1 polymer man 'Phosphatidylinositol 3-kinase regulatory subunit alpha' 9436.354 1  ? ? 'SH3 domain (UNP residues 1-83)' ? 
2 polymer syn 'Peptide ligand'                                         1344.624 1  ? ? ?                                ? 
3 water   nat water                                                    18.015   67 ? ? ?                                ? 
# 
_entity_name_com.entity_id   1 
_entity_name_com.name        'PI3-kinase p85 subunit alpha, PtdIns-3-kinase p85-alpha, PI3K' 
# 
loop_
_entity_poly.entity_id 
_entity_poly.type 
_entity_poly.nstd_linkage 
_entity_poly.nstd_monomer 
_entity_poly.pdbx_seq_one_letter_code 
_entity_poly.pdbx_seq_one_letter_code_can 
_entity_poly.pdbx_strand_id 
_entity_poly.pdbx_target_identifier 
1 'polypeptide(L)' no no 
;MSAEGYQYRALYDYKKEREEDIDLHLGDILTVNKGSLVALGFSDGQEARPEEIGWLNGYNETTGERGDFPGTYVEYIGRK
KIS
;
;MSAEGYQYRALYDYKKEREEDIDLHLGDILTVNKGSLVALGFSDGQEARPEEIGWLNGYNETTGERGDFPGTYVEYIGRK
KIS
;
A ? 
2 'polypeptide(L)' no no HSKRPLPPLPSL                                                                           HSKRPLPPLPSL B ? 
# 
loop_
_entity_poly_seq.entity_id 
_entity_poly_seq.num 
_entity_poly_seq.mon_id 
_entity_poly_seq.hetero 
1 1  MET n 
1 2  SER n 
1 3  ALA n 
1 4  GLU n 
1 5  GLY n 
1 6  TYR n 
1 7  GLN n 
1 8  TYR n 
1 9  ARG n 
1 10 ALA n 
1 11 LEU n 
1 12 TYR n 
1 13 ASP n 
1 14 TYR n 
1 15 LYS n 
1 16 LYS n 
1 17 GLU n 
1 18 ARG n 
1 19 GLU n 
1 20 GLU n 
1 21 ASP n 
1 22 ILE n 
1 23 ASP n 
1 24 LEU n 
1 25 HIS n 
1 26 LEU n 
1 27 GLY n 
1 28 ASP n 
1 29 ILE n 
1 30 LEU n 
1 31 THR n 
1 32 VAL n 
1 33 ASN n 
1 34 LYS n 
1 35 GLY n 
1 36 SER n 
1 37 LEU n 
1 38 VAL n 
1 39 ALA n 
1 40 LEU n 
1 41 GLY n 
1 42 PHE n 
1 43 SER n 
1 44 ASP n 
1 45 GLY n 
1 46 GLN n 
1 47 GLU n 
1 48 ALA n 
1 49 ARG n 
1 50 PRO n 
1 51 GLU n 
1 52 GLU n 
1 53 ILE n 
1 54 GLY n 
1 55 TRP n 
1 56 LEU n 
1 57 ASN n 
1 58 GLY n 
1 59 TYR n 
1 60 ASN n 
1 61 GLU n 
1 62 THR n 
1 63 THR n 
1 64 GLY n 
1 65 GLU n 
1 66 ARG n 
1 67 GLY n 
1 68 ASP n 
1 69 PHE n 
1 70 PRO n 
1 71 GLY n 
1 72 THR n 
1 73 TYR n 
1 74 VAL n 
1 75 GLU n 
1 76 TYR n 
1 77 ILE n 
1 78 GLY n 
1 79 ARG n 
1 80 LYS n 
1 81 LYS n 
1 82 ILE n 
1 83 SER n 
2 1  HIS n 
2 2  SER n 
2 3  LYS n 
2 4  ARG n 
2 5  PRO n 
2 6  LEU n 
2 7  PRO n 
2 8  PRO n 
2 9  LEU n 
2 10 PRO n 
2 11 SER n 
2 12 LEU n 
# 
_entity_src_gen.entity_id                          1 
_entity_src_gen.pdbx_src_id                        1 
_entity_src_gen.pdbx_alt_source_flag               sample 
_entity_src_gen.pdbx_seq_type                      ? 
_entity_src_gen.pdbx_beg_seq_num                   ? 
_entity_src_gen.pdbx_end_seq_num                   ? 
_entity_src_gen.gene_src_common_name               human 
_entity_src_gen.gene_src_genus                     ? 
_entity_src_gen.pdbx_gene_src_gene                 'GRB1, PIK3R1' 
_entity_src_gen.gene_src_species                   ? 
_entity_src_gen.gene_src_strain                    ? 
_entity_src_gen.gene_src_tissue                    ? 
_entity_src_gen.gene_src_tissue_fraction           ? 
_entity_src_gen.gene_src_details                   ? 
_entity_src_gen.pdbx_gene_src_fragment             ? 
_entity_src_gen.pdbx_gene_src_scientific_name      'Homo sapiens' 
_entity_src_gen.pdbx_gene_src_ncbi_taxonomy_id     9606 
_entity_src_gen.pdbx_gene_src_variant              ? 
_entity_src_gen.pdbx_gene_src_cell_line            ? 
_entity_src_gen.pdbx_gene_src_atcc                 ? 
_entity_src_gen.pdbx_gene_src_organ                ? 
_entity_src_gen.pdbx_gene_src_organelle            ? 
_entity_src_gen.pdbx_gene_src_cell                 ? 
_entity_src_gen.pdbx_gene_src_cellular_location    ? 
_entity_src_gen.host_org_common_name               ? 
_entity_src_gen.pdbx_host_org_scientific_name      'Escherichia coli' 
_entity_src_gen.pdbx_host_org_ncbi_taxonomy_id     562 
_entity_src_gen.host_org_genus                     ? 
_entity_src_gen.pdbx_host_org_gene                 ? 
_entity_src_gen.pdbx_host_org_organ                ? 
_entity_src_gen.host_org_species                   ? 
_entity_src_gen.pdbx_host_org_tissue               ? 
_entity_src_gen.pdbx_host_org_tissue_fraction      ? 
_entity_src_gen.pdbx_host_org_strain               BL21 
_entity_src_gen.pdbx_host_org_variant              ? 
_entity_src_gen.pdbx_host_org_cell_line            ? 
_entity_src_gen.pdbx_host_org_atcc                 ? 
_entity_src_gen.pdbx_host_org_culture_collection   ? 
_entity_src_gen.pdbx_host_org_cell                 ? 
_entity_src_gen.pdbx_host_org_organelle            ? 
_entity_src_gen.pdbx_host_org_cellular_location    ? 
_entity_src_gen.pdbx_host_org_vector_type          PLASMID 
_entity_src_gen.pdbx_host_org_vector               ? 
_entity_src_gen.host_org_details                   ? 
_entity_src_gen.expression_system_id               ? 
_entity_src_gen.plasmid_name                       pGEX 
_entity_src_gen.plasmid_details                    ? 
_entity_src_gen.pdbx_description                   ? 
# 
_pdbx_entity_src_syn.entity_id              2 
_pdbx_entity_src_syn.pdbx_src_id            1 
_pdbx_entity_src_syn.pdbx_alt_source_flag   sample 
_pdbx_entity_src_syn.pdbx_beg_seq_num       ? 
_pdbx_entity_src_syn.pdbx_end_seq_num       ? 
_pdbx_entity_src_syn.organism_scientific    ? 
_pdbx_entity_src_syn.organism_common_name   ? 
_pdbx_entity_src_syn.ncbi_taxonomy_id       ? 
_pdbx_entity_src_syn.details                'artificial peptide ligand' 
# 
loop_
_struct_ref.id 
_struct_ref.db_name 
_struct_ref.db_code 
_struct_ref.pdbx_db_accession 
_struct_ref.entity_id 
_struct_ref.pdbx_seq_one_letter_code 
_struct_ref.pdbx_align_begin 
_struct_ref.pdbx_db_isoform 
1 UNP P85A_HUMAN P27986 1 
;MSAEGYQYRALYDYKKEREEDIDLHLGDILTVNKGSLVALGFSDGQEARPEEIGWLNGYNETTGERGDFPGTYVEYIGRK
KIS
;
1 ? 
2 PDB 3I5R       3I5R   2 HSKRPLPPLPSL                                                                           1 ? 
# 
loop_
_struct_ref_seq.align_id 
_struct_ref_seq.ref_id 
_struct_ref_seq.pdbx_PDB_id_code 
_struct_ref_seq.pdbx_strand_id 
_struct_ref_seq.seq_align_beg 
_struct_ref_seq.pdbx_seq_align_beg_ins_code 
_struct_ref_seq.seq_align_end 
_struct_ref_seq.pdbx_seq_align_end_ins_code 
_struct_ref_seq.pdbx_db_accession 
_struct_ref_seq.db_align_beg 
_struct_ref_seq.pdbx_db_align_beg_ins_code 
_struct_ref_seq.db_align_end 
_struct_ref_seq.pdbx_db_align_end_ins_code 
_struct_ref_seq.pdbx_auth_seq_align_beg 
_struct_ref_seq.pdbx_auth_seq_align_end 
1 1 3I5R A 1 ? 83 ? P27986 1 ? 83 ? 1 83 
2 2 3I5R B 1 ? 12 ? 3I5R   1 ? 12 ? 1 12 
# 
loop_
_chem_comp.id 
_chem_comp.type 
_chem_comp.mon_nstd_flag 
_chem_comp.name 
_chem_comp.pdbx_synonyms 
_chem_comp.formula 
_chem_comp.formula_weight 
ALA 'L-peptide linking' y ALANINE         ? 'C3 H7 N O2'     89.093  
ARG 'L-peptide linking' y ARGININE        ? 'C6 H15 N4 O2 1' 175.209 
ASN 'L-peptide linking' y ASPARAGINE      ? 'C4 H8 N2 O3'    132.118 
ASP 'L-peptide linking' y 'ASPARTIC ACID' ? 'C4 H7 N O4'     133.103 
GLN 'L-peptide linking' y GLUTAMINE       ? 'C5 H10 N2 O3'   146.144 
GLU 'L-peptide linking' y 'GLUTAMIC ACID' ? 'C5 H9 N O4'     147.129 
GLY 'peptide linking'   y GLYCINE         ? 'C2 H5 N O2'     75.067  
HIS 'L-peptide linking' y HISTIDINE       ? 'C6 H10 N3 O2 1' 156.162 
HOH non-polymer         . WATER           ? 'H2 O'           18.015  
ILE 'L-peptide linking' y ISOLEUCINE      ? 'C6 H13 N O2'    131.173 
LEU 'L-peptide linking' y LEUCINE         ? 'C6 H13 N O2'    131.173 
LYS 'L-peptide linking' y LYSINE          ? 'C6 H15 N2 O2 1' 147.195 
MET 'L-peptide linking' y METHIONINE      ? 'C5 H11 N O2 S'  149.211 
PHE 'L-peptide linking' y PHENYLALANINE   ? 'C9 H11 N O2'    165.189 
PRO 'L-peptide linking' y PROLINE         ? 'C5 H9 N O2'     115.130 
SER 'L-peptide linking' y SERINE          ? 'C3 H7 N O3'     105.093 
THR 'L-peptide linking' y THREONINE       ? 'C4 H9 N O3'     119.119 
TRP 'L-peptide linking' y TRYPTOPHAN      ? 'C11 H12 N2 O2'  204.225 
TYR 'L-peptide linking' y TYROSINE        ? 'C9 H11 N O3'    181.189 
VAL 'L-peptide linking' y VALINE          ? 'C5 H11 N O2'    117.146 
# 
_exptl.entry_id          3I5R 
_exptl.method            'X-RAY DIFFRACTION' 
_exptl.crystals_number   1 
# 
_exptl_crystal.id                    1 
_exptl_crystal.density_meas          ? 
_exptl_crystal.density_Matthews      2.27 
_exptl_crystal.density_percent_sol   45.81 
_exptl_crystal.description           ? 
_exptl_crystal.F_000                 ? 
_exptl_crystal.preparation           ? 
# 
_exptl_crystal_grow.crystal_id      1 
_exptl_crystal_grow.method          'VAPOR DIFFUSION' 
_exptl_crystal_grow.temp            293.0 
_exptl_crystal_grow.temp_details    ? 
_exptl_crystal_grow.pH              10.5 
_exptl_crystal_grow.pdbx_details    
'100mM CAPS, 2M ammonium sulfate, 0.2M lithium sulfate, pH 10.5, VAPOR DIFFUSION, temperature 293.0K' 
_exptl_crystal_grow.pdbx_pH_range   ? 
# 
_diffrn.id                     1 
_diffrn.ambient_temp           100.0 
_diffrn.ambient_temp_details   ? 
_diffrn.crystal_id             1 
# 
_diffrn_detector.diffrn_id              1 
_diffrn_detector.detector               CCD 
_diffrn_detector.type                   'ADSC QUANTUM 210' 
_diffrn_detector.pdbx_collection_date   2006-11-23 
_diffrn_detector.details                ? 
# 
_diffrn_radiation.diffrn_id                        1 
_diffrn_radiation.wavelength_id                    1 
_diffrn_radiation.pdbx_monochromatic_or_laue_m_l   M 
_diffrn_radiation.monochromator                    ? 
_diffrn_radiation.pdbx_diffrn_protocol             'SINGLE WAVELENGTH' 
_diffrn_radiation.pdbx_scattering_type             x-ray 
# 
_diffrn_radiation_wavelength.id           1 
_diffrn_radiation_wavelength.wavelength   0.934 
_diffrn_radiation_wavelength.wt           1.0 
# 
_diffrn_source.diffrn_id                   1 
_diffrn_source.source                      SYNCHROTRON 
_diffrn_source.type                        'ESRF BEAMLINE ID14-1' 
_diffrn_source.pdbx_synchrotron_site       ESRF 
_diffrn_source.pdbx_synchrotron_beamline   ID14-1 
_diffrn_source.pdbx_wavelength             ? 
_diffrn_source.pdbx_wavelength_list        0.934 
# 
_reflns.entry_id                     3I5R 
_reflns.observed_criterion_sigma_I   0.0 
_reflns.observed_criterion_sigma_F   0.0 
_reflns.d_resolution_low             22.79 
_reflns.d_resolution_high            1.7 
_reflns.number_obs                   11076 
_reflns.number_all                   11100 
_reflns.percent_possible_obs         99.7 
_reflns.pdbx_Rmerge_I_obs            0.047 
_reflns.pdbx_Rsym_value              0.047 
_reflns.pdbx_netI_over_sigmaI        26.5 
_reflns.B_iso_Wilson_estimate        18.12 
_reflns.pdbx_redundancy              6.7 
_reflns.R_free_details               ? 
_reflns.limit_h_max                  ? 
_reflns.limit_h_min                  ? 
_reflns.limit_k_max                  ? 
_reflns.limit_k_min                  ? 
_reflns.limit_l_max                  ? 
_reflns.limit_l_min                  ? 
_reflns.observed_criterion_F_max     ? 
_reflns.observed_criterion_F_min     ? 
_reflns.pdbx_chi_squared             ? 
_reflns.pdbx_scaling_rejects         ? 
_reflns.pdbx_diffrn_id               1 
_reflns.pdbx_ordinal                 1 
# 
_refine.entry_id                                 3I5R 
_refine.pdbx_refine_id                           'X-RAY DIFFRACTION' 
_refine.ls_d_res_high                            1.700 
_refine.ls_d_res_low                             22.789 
_refine.pdbx_ls_sigma_F                          0.07 
_refine.pdbx_data_cutoff_high_absF               ? 
_refine.pdbx_data_cutoff_low_absF                ? 
_refine.ls_percent_reflns_obs                    98.630 
_refine.ls_number_reflns_obs                     10942 
_refine.ls_number_reflns_all                     ? 
_refine.pdbx_ls_cross_valid_method               ? 
_refine.ls_matrix_type                           ? 
_refine.pdbx_R_Free_selection_details            ? 
_refine.details                                  ? 
_refine.ls_R_factor_all                          ? 
_refine.ls_R_factor_obs                          0.1836 
_refine.ls_R_factor_R_work                       0.1817 
_refine.ls_wR_factor_R_work                      ? 
_refine.ls_R_factor_R_free                       0.2228 
_refine.ls_wR_factor_R_free                      ? 
_refine.ls_percent_reflns_R_free                 4.75 
_refine.ls_number_reflns_R_free                  520 
_refine.ls_number_reflns_R_work                  10422 
_refine.ls_R_factor_R_free_error                 ? 
_refine.B_iso_mean                               22.183 
_refine.solvent_model_param_bsol                 70.527 
_refine.solvent_model_param_ksol                 0.427 
_refine.pdbx_isotropic_thermal_model             ? 
_refine.aniso_B[1][1]                            0.438 
_refine.aniso_B[2][2]                            0.438 
_refine.aniso_B[3][3]                            -0.877 
_refine.aniso_B[1][2]                            -0.000 
_refine.aniso_B[1][3]                            -0.000 
_refine.aniso_B[2][3]                            0.000 
_refine.correlation_coeff_Fo_to_Fc               ? 
_refine.correlation_coeff_Fo_to_Fc_free          ? 
_refine.overall_SU_R_Cruickshank_DPI             ? 
_refine.overall_SU_R_free                        ? 
_refine.pdbx_overall_ESU_R                       ? 
_refine.pdbx_overall_ESU_R_Free                  ? 
_refine.overall_SU_ML                            0.190 
_refine.overall_SU_B                             ? 
_refine.solvent_model_details                    'FLAT BULK SOLVENT MODEL' 
_refine.pdbx_solvent_vdw_probe_radii             1.110 
_refine.pdbx_solvent_ion_probe_radii             ? 
_refine.pdbx_solvent_shrinkage_radii             0.900 
_refine.ls_number_parameters                     ? 
_refine.ls_number_restraints                     ? 
_refine.pdbx_starting_model                      'PDB entry 1pht' 
_refine.pdbx_method_to_determine_struct          'MOLECULAR REPLACEMENT' 
_refine.pdbx_stereochemistry_target_values       ML 
_refine.pdbx_stereochem_target_val_spec_case     ? 
_refine.overall_FOM_work_R_set                   ? 
_refine.B_iso_max                                71.14 
_refine.B_iso_min                                7.81 
_refine.pdbx_overall_phase_error                 18.230 
_refine.occupancy_max                            1.00 
_refine.occupancy_min                            0.45 
_refine.pdbx_ls_sigma_I                          ? 
_refine.ls_redundancy_reflns_obs                 ? 
_refine.ls_R_factor_R_free_error_details         ? 
_refine.pdbx_data_cutoff_high_rms_absF           ? 
_refine.overall_FOM_free_R_set                   ? 
_refine.pdbx_diffrn_id                           1 
_refine.pdbx_TLS_residual_ADP_flag               ? 
_refine.pdbx_overall_SU_R_free_Cruickshank_DPI   ? 
_refine.pdbx_overall_SU_R_Blow_DPI               ? 
_refine.pdbx_overall_SU_R_free_Blow_DPI          ? 
# 
_refine_hist.pdbx_refine_id                   'X-RAY DIFFRACTION' 
_refine_hist.cycle_id                         LAST 
_refine_hist.pdbx_number_atoms_protein        714 
_refine_hist.pdbx_number_atoms_nucleic_acid   0 
_refine_hist.pdbx_number_atoms_ligand         0 
_refine_hist.number_atoms_solvent             67 
_refine_hist.number_atoms_total               781 
_refine_hist.d_res_high                       1.700 
_refine_hist.d_res_low                        22.789 
# 
loop_
_refine_ls_restr.type 
_refine_ls_restr.dev_ideal 
_refine_ls_restr.dev_ideal_target 
_refine_ls_restr.weight 
_refine_ls_restr.number 
_refine_ls_restr.pdbx_refine_id 
_refine_ls_restr.pdbx_restraint_function 
f_bond_d           0.008  ? ? 730 'X-RAY DIFFRACTION' ? 
f_angle_d          1.254  ? ? 987 'X-RAY DIFFRACTION' ? 
f_dihedral_angle_d 19.358 ? ? 268 'X-RAY DIFFRACTION' ? 
f_chiral_restr     0.092  ? ? 100 'X-RAY DIFFRACTION' ? 
f_plane_restr      0.006  ? ? 132 'X-RAY DIFFRACTION' ? 
# 
loop_
_refine_ls_shell.pdbx_total_number_of_bins_used 
_refine_ls_shell.d_res_high 
_refine_ls_shell.d_res_low 
_refine_ls_shell.number_reflns_R_work 
_refine_ls_shell.R_factor_R_work 
_refine_ls_shell.percent_reflns_obs 
_refine_ls_shell.R_factor_R_free 
_refine_ls_shell.R_factor_R_free_error 
_refine_ls_shell.percent_reflns_R_free 
_refine_ls_shell.number_reflns_R_free 
_refine_ls_shell.number_reflns_all 
_refine_ls_shell.R_factor_all 
_refine_ls_shell.number_reflns_obs 
_refine_ls_shell.redundancy_reflns_obs 
_refine_ls_shell.pdbx_refine_id 
. 1.7002 1.8712  2508 0.1788 96.00  0.2283 . . 121 . . . . 'X-RAY DIFFRACTION' 
. 1.8712 2.1418  2560 0.1547 99.00  0.1995 . . 147 . . . . 'X-RAY DIFFRACTION' 
. 2.1418 2.6978  2604 0.1710 99.00  0.2038 . . 135 . . . . 'X-RAY DIFFRACTION' 
. 2.6978 22.7906 2750 0.1922 100.00 0.2379 . . 117 . . . . 'X-RAY DIFFRACTION' 
# 
_struct.entry_id                  3I5R 
_struct.title                     'PI3K SH3 domain in complex with a peptide ligand' 
_struct.pdbx_model_details        ? 
_struct.pdbx_CASP_flag            N 
_struct.pdbx_model_type_details   ? 
# 
_struct_keywords.entry_id        3I5R 
_struct_keywords.pdbx_keywords   'PROTEIN BINDING' 
_struct_keywords.text            
;SH3 domain, peptide complex, Alternative splicing, Disease mutation, Host-virus interaction, Phosphoprotein, Polymorphism, SH2 domain, Ubl conjugation, PROTEIN BINDING
;
# 
loop_
_struct_asym.id 
_struct_asym.pdbx_blank_PDB_chainid_flag 
_struct_asym.pdbx_modified 
_struct_asym.entity_id 
_struct_asym.details 
A N N 1 ? 
B N N 2 ? 
C N N 3 ? 
D N N 3 ? 
# 
_struct_biol.id        1 
_struct_biol.details   ? 
# 
loop_
_struct_conf.conf_type_id 
_struct_conf.id 
_struct_conf.pdbx_PDB_helix_id 
_struct_conf.beg_label_comp_id 
_struct_conf.beg_label_asym_id 
_struct_conf.beg_label_seq_id 
_struct_conf.pdbx_beg_PDB_ins_code 
_struct_conf.end_label_comp_id 
_struct_conf.end_label_asym_id 
_struct_conf.end_label_seq_id 
_struct_conf.pdbx_end_PDB_ins_code 
_struct_conf.beg_auth_comp_id 
_struct_conf.beg_auth_asym_id 
_struct_conf.beg_auth_seq_id 
_struct_conf.end_auth_comp_id 
_struct_conf.end_auth_asym_id 
_struct_conf.end_auth_seq_id 
_struct_conf.pdbx_PDB_helix_class 
_struct_conf.details 
_struct_conf.pdbx_PDB_helix_length 
HELX_P HELX_P1 1 LYS A 34 ? GLY A 41 ? LYS A 34 GLY A 41 1 ? 8 
HELX_P HELX_P2 2 GLY A 45 ? ALA A 48 ? GLY A 45 ALA A 48 5 ? 4 
HELX_P HELX_P3 3 ARG A 49 ? GLY A 54 ? ARG A 49 GLY A 54 1 ? 6 
# 
_struct_conf_type.id          HELX_P 
_struct_conf_type.criteria    ? 
_struct_conf_type.reference   ? 
# 
_struct_sheet.id               A 
_struct_sheet.type             ? 
_struct_sheet.number_strands   5 
_struct_sheet.details          ? 
# 
loop_
_struct_sheet_order.sheet_id 
_struct_sheet_order.range_id_1 
_struct_sheet_order.range_id_2 
_struct_sheet_order.offset 
_struct_sheet_order.sense 
A 1 2 ? anti-parallel 
A 2 3 ? anti-parallel 
A 3 4 ? anti-parallel 
A 4 5 ? anti-parallel 
# 
loop_
_struct_sheet_range.sheet_id 
_struct_sheet_range.id 
_struct_sheet_range.beg_label_comp_id 
_struct_sheet_range.beg_label_asym_id 
_struct_sheet_range.beg_label_seq_id 
_struct_sheet_range.pdbx_beg_PDB_ins_code 
_struct_sheet_range.end_label_comp_id 
_struct_sheet_range.end_label_asym_id 
_struct_sheet_range.end_label_seq_id 
_struct_sheet_range.pdbx_end_PDB_ins_code 
_struct_sheet_range.beg_auth_comp_id 
_struct_sheet_range.beg_auth_asym_id 
_struct_sheet_range.beg_auth_seq_id 
_struct_sheet_range.end_auth_comp_id 
_struct_sheet_range.end_auth_asym_id 
_struct_sheet_range.end_auth_seq_id 
A 1 GLU A 65 ? PRO A 70 ? GLU A 65 PRO A 70 
A 2 TRP A 55 ? ASN A 60 ? TRP A 55 ASN A 60 
A 3 ILE A 29 ? ASN A 33 ? ILE A 29 ASN A 33 
A 4 GLU A 4  ? ALA A 10 ? GLU A 4  ALA A 10 
A 5 VAL A 74 ? LYS A 81 ? VAL A 74 LYS A 81 
# 
loop_
_pdbx_struct_sheet_hbond.sheet_id 
_pdbx_struct_sheet_hbond.range_id_1 
_pdbx_struct_sheet_hbond.range_id_2 
_pdbx_struct_sheet_hbond.range_1_label_atom_id 
_pdbx_struct_sheet_hbond.range_1_label_comp_id 
_pdbx_struct_sheet_hbond.range_1_label_asym_id 
_pdbx_struct_sheet_hbond.range_1_label_seq_id 
_pdbx_struct_sheet_hbond.range_1_PDB_ins_code 
_pdbx_struct_sheet_hbond.range_1_auth_atom_id 
_pdbx_struct_sheet_hbond.range_1_auth_comp_id 
_pdbx_struct_sheet_hbond.range_1_auth_asym_id 
_pdbx_struct_sheet_hbond.range_1_auth_seq_id 
_pdbx_struct_sheet_hbond.range_2_label_atom_id 
_pdbx_struct_sheet_hbond.range_2_label_comp_id 
_pdbx_struct_sheet_hbond.range_2_label_asym_id 
_pdbx_struct_sheet_hbond.range_2_label_seq_id 
_pdbx_struct_sheet_hbond.range_2_PDB_ins_code 
_pdbx_struct_sheet_hbond.range_2_auth_atom_id 
_pdbx_struct_sheet_hbond.range_2_auth_comp_id 
_pdbx_struct_sheet_hbond.range_2_auth_asym_id 
_pdbx_struct_sheet_hbond.range_2_auth_seq_id 
A 1 2 O GLU A 65 ? O GLU A 65 N ASN A 60 ? N ASN A 60 
A 2 3 O TYR A 59 ? O TYR A 59 N THR A 31 ? N THR A 31 
A 3 4 O VAL A 32 ? O VAL A 32 N TYR A 6  ? N TYR A 6  
A 4 5 N GLN A 7  ? N GLN A 7  O GLY A 78 ? O GLY A 78 
# 
_atom_sites.entry_id                    3I5R 
_atom_sites.fract_transf_matrix[1][1]   -0.00710980 
_atom_sites.fract_transf_matrix[1][2]   0.01125633 
_atom_sites.fract_transf_matrix[1][3]   0.01373492 
_atom_sites.fract_transf_matrix[2][1]   0.00018496 
_atom_sites.fract_transf_matrix[2][2]   0.01900574 
_atom_sites.fract_transf_matrix[2][3]   -0.00216020 
_atom_sites.fract_transf_matrix[3][1]   -0.01935520 
_atom_sites.fract_transf_matrix[3][2]   -0.00086943 
_atom_sites.fract_transf_matrix[3][3]   -0.00930657 
_atom_sites.fract_transf_vector[1]      0.222330 
_atom_sites.fract_transf_vector[2]      0.407025 
_atom_sites.fract_transf_vector[3]      0.157638 
# 
loop_
_atom_type.symbol 
C 
N 
O 
# 
loop_
_atom_site.group_PDB 
_atom_site.id 
_atom_site.type_symbol 
_atom_site.label_atom_id 
_atom_site.label_alt_id 
_atom_site.label_comp_id 
_atom_site.label_asym_id 
_atom_site.label_entity_id 
_atom_site.label_seq_id 
_atom_site.pdbx_PDB_ins_code 
_atom_site.Cartn_x 
_atom_site.Cartn_y 
_atom_site.Cartn_z 
_atom_site.occupancy 
_atom_site.B_iso_or_equiv 
_atom_site.pdbx_formal_charge 
_atom_site.auth_seq_id 
_atom_site.auth_comp_id 
_atom_site.auth_asym_id 
_atom_site.auth_atom_id 
_atom_site.pdbx_PDB_model_num 
ATOM   1   N N   . SER A 1 2  ? 15.390  -0.729  -4.470  1.00 66.25 ? 2   SER A N   1 
ATOM   2   C CA  . SER A 1 2  ? 15.923  -0.106  -3.264  1.00 57.09 ? 2   SER A CA  1 
ATOM   3   C C   . SER A 1 2  ? 16.053  -1.108  -2.121  1.00 50.93 ? 2   SER A C   1 
ATOM   4   O O   . SER A 1 2  ? 15.332  -2.111  -2.070  1.00 49.49 ? 2   SER A O   1 
ATOM   5   C CB  . SER A 1 2  ? 15.042  1.068   -2.829  1.00 52.15 ? 2   SER A CB  1 
ATOM   6   O OG  . SER A 1 2  ? 15.459  1.584   -1.576  1.00 38.96 ? 2   SER A OG  1 
ATOM   7   N N   . ALA A 1 3  ? 16.977  -0.819  -1.207  1.00 37.18 ? 3   ALA A N   1 
ATOM   8   C CA  . ALA A 1 3  ? 17.205  -1.640  -0.032  1.00 30.82 ? 3   ALA A CA  1 
ATOM   9   C C   . ALA A 1 3  ? 16.274  -1.236  1.109   1.00 19.35 ? 3   ALA A C   1 
ATOM   10  O O   . ALA A 1 3  ? 16.403  -1.735  2.219   1.00 24.04 ? 3   ALA A O   1 
ATOM   11  C CB  . ALA A 1 3  ? 18.663  -1.526  0.413   1.00 31.76 ? 3   ALA A CB  1 
ATOM   12  N N   . GLU A 1 4  ? 15.339  -0.326  0.841   1.00 18.70 ? 4   GLU A N   1 
ATOM   13  C CA  . GLU A 1 4  ? 14.420  0.114   1.890   1.00 18.28 ? 4   GLU A CA  1 
ATOM   14  C C   . GLU A 1 4  ? 12.962  -0.040  1.486   1.00 16.54 ? 4   GLU A C   1 
ATOM   15  O O   . GLU A 1 4  ? 12.622  0.024   0.312   1.00 17.24 ? 4   GLU A O   1 
ATOM   16  C CB  . GLU A 1 4  ? 14.689  1.561   2.306   1.00 24.44 ? 4   GLU A CB  1 
ATOM   17  C CG  . GLU A 1 4  ? 16.142  1.804   2.675   1.00 32.68 ? 4   GLU A CG  1 
ATOM   18  C CD  . GLU A 1 4  ? 16.373  3.173   3.270   1.00 40.25 ? 4   GLU A CD  1 
ATOM   19  O OE1 . GLU A 1 4  ? 15.430  3.987   3.278   1.00 36.45 ? 4   GLU A OE1 1 
ATOM   20  O OE2 . GLU A 1 4  ? 17.503  3.431   3.731   1.00 54.41 ? 4   GLU A OE2 1 
ATOM   21  N N   . GLY A 1 5  ? 12.113  -0.243  2.483   1.00 17.30 ? 5   GLY A N   1 
ATOM   22  C CA  . GLY A 1 5  ? 10.692  -0.429  2.240   1.00 17.83 ? 5   GLY A CA  1 
ATOM   23  C C   . GLY A 1 5  ? 9.882   0.457   3.165   1.00 16.19 ? 5   GLY A C   1 
ATOM   24  O O   . GLY A 1 5  ? 10.244  0.633   4.328   1.00 15.74 ? 5   GLY A O   1 
ATOM   25  N N   . TYR A 1 6  ? 8.804   1.038   2.650   1.00 10.57 ? 6   TYR A N   1 
ATOM   26  C CA  . TYR A 1 6  ? 7.889   1.786   3.508   1.00 8.89  ? 6   TYR A CA  1 
ATOM   27  C C   . TYR A 1 6  ? 6.823   0.814   3.973   1.00 11.80 ? 6   TYR A C   1 
ATOM   28  O O   . TYR A 1 6  ? 6.316   0.039   3.169   1.00 11.78 ? 6   TYR A O   1 
ATOM   29  C CB  . TYR A 1 6  ? 7.221   2.910   2.714   1.00 9.87  ? 6   TYR A CB  1 
ATOM   30  C CG  . TYR A 1 6  ? 8.199   3.940   2.191   1.00 13.12 ? 6   TYR A CG  1 
ATOM   31  C CD1 . TYR A 1 6  ? 8.879   4.777   3.059   1.00 10.99 ? 6   TYR A CD1 1 
ATOM   32  C CD2 . TYR A 1 6  ? 8.401   4.092   0.817   1.00 17.67 ? 6   TYR A CD2 1 
ATOM   33  C CE1 . TYR A 1 6  ? 9.798   5.736   2.564   1.00 15.08 ? 6   TYR A CE1 1 
ATOM   34  C CE2 . TYR A 1 6  ? 9.281   5.041   0.317   1.00 18.36 ? 6   TYR A CE2 1 
ATOM   35  C CZ  . TYR A 1 6  ? 9.969   5.863   1.199   1.00 18.41 ? 6   TYR A CZ  1 
ATOM   36  O OH  . TYR A 1 6  ? 10.843  6.810   0.697   1.00 21.71 ? 6   TYR A OH  1 
ATOM   37  N N   . GLN A 1 7  ? 6.474   0.854   5.255   1.00 11.10 ? 7   GLN A N   1 
ATOM   38  C CA  . GLN A 1 7  ? 5.534   -0.117  5.805   1.00 9.00  ? 7   GLN A CA  1 
ATOM   39  C C   . GLN A 1 7  ? 4.179   0.489   6.120   1.00 10.22 ? 7   GLN A C   1 
ATOM   40  O O   . GLN A 1 7  ? 4.088   1.615   6.602   1.00 9.19  ? 7   GLN A O   1 
ATOM   41  C CB  . GLN A 1 7  ? 6.079   -0.713  7.105   1.00 9.96  ? 7   GLN A CB  1 
ATOM   42  C CG  . GLN A 1 7  ? 7.464   -1.298  6.954   1.00 12.36 ? 7   GLN A CG  1 
ATOM   43  C CD  . GLN A 1 7  ? 7.972   -1.819  8.275   1.00 13.82 ? 7   GLN A CD  1 
ATOM   44  O OE1 . GLN A 1 7  ? 8.604   -1.088  9.026   1.00 13.42 ? 7   GLN A OE1 1 
ATOM   45  N NE2 . GLN A 1 7  ? 7.665   -3.082  8.577   1.00 14.46 ? 7   GLN A NE2 1 
ATOM   46  N N   . TYR A 1 8  ? 3.143   -0.297  5.853   1.00 9.48  ? 8   TYR A N   1 
ATOM   47  C CA  . TYR A 1 8  ? 1.757   0.108   6.053   1.00 8.54  ? 8   TYR A CA  1 
ATOM   48  C C   . TYR A 1 8  ? 0.977   -0.994  6.747   1.00 10.54 ? 8   TYR A C   1 
ATOM   49  O O   . TYR A 1 8  ? 1.297   -2.184  6.600   1.00 11.62 ? 8   TYR A O   1 
ATOM   50  C CB  . TYR A 1 8  ? 1.104   0.391   4.686   1.00 9.77  ? 8   TYR A CB  1 
ATOM   51  C CG  . TYR A 1 8  ? 1.831   1.507   3.971   1.00 8.57  ? 8   TYR A CG  1 
ATOM   52  C CD1 . TYR A 1 8  ? 1.502   2.848   4.203   1.00 10.25 ? 8   TYR A CD1 1 
ATOM   53  C CD2 . TYR A 1 8  ? 2.894   1.230   3.117   1.00 10.25 ? 8   TYR A CD2 1 
ATOM   54  C CE1 . TYR A 1 8  ? 2.206   3.886   3.573   1.00 8.29  ? 8   TYR A CE1 1 
ATOM   55  C CE2 . TYR A 1 8  ? 3.596   2.266   2.479   1.00 12.16 ? 8   TYR A CE2 1 
ATOM   56  C CZ  . TYR A 1 8  ? 3.241   3.579   2.717   1.00 8.98  ? 8   TYR A CZ  1 
ATOM   57  O OH  . TYR A 1 8  ? 3.963   4.574   2.099   1.00 9.93  ? 8   TYR A OH  1 
ATOM   58  N N   . ARG A 1 9  ? -0.067  -0.604  7.470   1.00 9.54  ? 9   ARG A N   1 
ATOM   59  C CA  . ARG A 1 9  ? -0.968  -1.596  8.061   1.00 9.53  ? 9   ARG A CA  1 
ATOM   60  C C   . ARG A 1 9  ? -2.372  -1.362  7.523   1.00 11.72 ? 9   ARG A C   1 
ATOM   61  O O   . ARG A 1 9  ? -2.838  -0.222  7.450   1.00 11.29 ? 9   ARG A O   1 
ATOM   62  C CB  . ARG A 1 9  ? -0.943  -1.502  9.601   1.00 8.91  ? 9   ARG A CB  1 
ATOM   63  C CG  . ARG A 1 9  ? -1.978  -2.381  10.289  1.00 12.19 ? 9   ARG A CG  1 
ATOM   64  C CD  . ARG A 1 9  ? -1.869  -2.288  11.820  1.00 11.07 ? 9   ARG A CD  1 
ATOM   65  N NE  . ARG A 1 9  ? -3.022  -2.960  12.414  1.00 11.98 ? 9   ARG A NE  1 
ATOM   66  C CZ  . ARG A 1 9  ? -4.218  -2.404  12.596  1.00 14.38 ? 9   ARG A CZ  1 
ATOM   67  N NH1 . ARG A 1 9  ? -4.425  -1.135  12.265  1.00 16.42 ? 9   ARG A NH1 1 
ATOM   68  N NH2 . ARG A 1 9  ? -5.214  -3.115  13.128  1.00 15.86 ? 9   ARG A NH2 1 
ATOM   69  N N   . ALA A 1 10 ? -3.041  -2.433  7.106   1.00 10.39 ? 10  ALA A N   1 
ATOM   70  C CA  . ALA A 1 10 ? -4.391  -2.290  6.541   1.00 13.00 ? 10  ALA A CA  1 
ATOM   71  C C   . ALA A 1 10 ? -5.395  -1.980  7.649   1.00 13.41 ? 10  ALA A C   1 
ATOM   72  O O   . ALA A 1 10 ? -5.443  -2.664  8.680   1.00 14.21 ? 10  ALA A O   1 
ATOM   73  C CB  . ALA A 1 10 ? -4.811  -3.571  5.809   1.00 14.27 ? 10  ALA A CB  1 
ATOM   74  N N   . LEU A 1 11 ? -6.194  -0.944  7.434   1.00 11.49 ? 11  LEU A N   1 
ATOM   75  C CA  . LEU A 1 11 ? -7.173  -0.520  8.437   1.00 13.95 ? 11  LEU A CA  1 
ATOM   76  C C   . LEU A 1 11 ? -8.540  -1.115  8.135   1.00 17.93 ? 11  LEU A C   1 
ATOM   77  O O   . LEU A 1 11 ? -9.410  -1.148  9.012   1.00 19.03 ? 11  LEU A O   1 
ATOM   78  C CB  . LEU A 1 11 ? -7.318  0.996   8.435   1.00 12.10 ? 11  LEU A CB  1 
ATOM   79  C CG  . LEU A 1 11 ? -6.067  1.809   8.744   1.00 15.18 ? 11  LEU A CG  1 
ATOM   80  C CD1 . LEU A 1 11 ? -6.312  3.282   8.480   1.00 22.71 ? 11  LEU A CD1 1 
ATOM   81  C CD2 . LEU A 1 11 ? -5.617  1.577   10.177  1.00 21.69 ? 11  LEU A CD2 1 
ATOM   82  N N   . TYR A 1 12 ? -8.734  -1.540  6.886   1.00 14.50 ? 12  TYR A N   1 
ATOM   83  C CA  . TYR A 1 12 ? -10.017 -2.093  6.420   1.00 16.62 ? 12  TYR A CA  1 
ATOM   84  C C   . TYR A 1 12 ? -9.793  -3.304  5.520   1.00 23.43 ? 12  TYR A C   1 
ATOM   85  O O   . TYR A 1 12 ? -8.730  -3.424  4.901   1.00 19.55 ? 12  TYR A O   1 
ATOM   86  C CB  . TYR A 1 12 ? -10.783 -1.038  5.599   1.00 16.10 ? 12  TYR A CB  1 
ATOM   87  C CG  . TYR A 1 12 ? -10.888 0.313   6.258   1.00 20.99 ? 12  TYR A CG  1 
ATOM   88  C CD1 . TYR A 1 12 ? -11.960 0.625   7.094   1.00 34.18 ? 12  TYR A CD1 1 
ATOM   89  C CD2 . TYR A 1 12 ? -9.925  1.282   6.045   1.00 19.39 ? 12  TYR A CD2 1 
ATOM   90  C CE1 . TYR A 1 12 ? -12.041 1.872   7.711   1.00 37.43 ? 12  TYR A CE1 1 
ATOM   91  C CE2 . TYR A 1 12 ? -9.998  2.521   6.652   1.00 25.68 ? 12  TYR A CE2 1 
ATOM   92  C CZ  . TYR A 1 12 ? -11.050 2.809   7.483   1.00 36.73 ? 12  TYR A CZ  1 
ATOM   93  O OH  . TYR A 1 12 ? -11.104 4.053   8.072   1.00 44.58 ? 12  TYR A OH  1 
ATOM   94  N N   . ASP A 1 13 ? -10.793 -4.186  5.421   1.00 20.22 ? 13  ASP A N   1 
ATOM   95  C CA  . ASP A 1 13 ? -10.740 -5.270  4.442   1.00 19.19 ? 13  ASP A CA  1 
ATOM   96  C C   . ASP A 1 13 ? -10.959 -4.708  3.030   1.00 19.68 ? 13  ASP A C   1 
ATOM   97  O O   . ASP A 1 13 ? -11.752 -3.774  2.827   1.00 21.74 ? 13  ASP A O   1 
ATOM   98  C CB  . ASP A 1 13 ? -11.843 -6.319  4.704   1.00 20.84 ? 13  ASP A CB  1 
ATOM   99  C CG  . ASP A 1 13 ? -11.623 -7.157  5.962   1.00 25.19 ? 13  ASP A CG  1 
ATOM   100 O OD1 . ASP A 1 13 ? -10.523 -7.197  6.542   1.00 22.87 ? 13  ASP A OD1 1 
ATOM   101 O OD2 . ASP A 1 13 ? -12.595 -7.826  6.376   1.00 29.44 ? 13  ASP A OD2 1 
ATOM   102 N N   . TYR A 1 14 ? -10.286 -5.295  2.045   1.00 18.35 ? 14  TYR A N   1 
ATOM   103 C CA  . TYR A 1 14 ? -10.479 -4.945  0.639   1.00 17.33 ? 14  TYR A CA  1 
ATOM   104 C C   . TYR A 1 14 ? -10.480 -6.236  -0.166  1.00 24.92 ? 14  TYR A C   1 
ATOM   105 O O   . TYR A 1 14 ? -9.554  -7.029  -0.042  1.00 20.13 ? 14  TYR A O   1 
ATOM   106 C CB  . TYR A 1 14 ? -9.347  -4.023  0.127   1.00 17.37 ? 14  TYR A CB  1 
ATOM   107 C CG  . TYR A 1 14 ? -9.378  -3.810  -1.379  1.00 18.53 ? 14  TYR A CG  1 
ATOM   108 C CD1 . TYR A 1 14 ? -10.407 -3.078  -1.985  1.00 17.53 ? 14  TYR A CD1 1 
ATOM   109 C CD2 . TYR A 1 14 ? -8.385  -4.330  -2.198  1.00 18.46 ? 14  TYR A CD2 1 
ATOM   110 C CE1 . TYR A 1 14 ? -10.443 -2.891  -3.354  1.00 20.67 ? 14  TYR A CE1 1 
ATOM   111 C CE2 . TYR A 1 14 ? -8.418  -4.143  -3.578  1.00 22.31 ? 14  TYR A CE2 1 
ATOM   112 C CZ  . TYR A 1 14 ? -9.452  -3.426  -4.144  1.00 22.77 ? 14  TYR A CZ  1 
ATOM   113 O OH  . TYR A 1 14 ? -9.485  -3.236  -5.504  1.00 26.14 ? 14  TYR A OH  1 
ATOM   114 N N   . LYS A 1 15 ? -11.527 -6.460  -0.965  1.00 24.38 ? 15  LYS A N   1 
ATOM   115 C CA  . LYS A 1 15 ? -11.571 -7.602  -1.866  1.00 19.81 ? 15  LYS A CA  1 
ATOM   116 C C   . LYS A 1 15 ? -11.066 -7.210  -3.241  1.00 22.25 ? 15  LYS A C   1 
ATOM   117 O O   . LYS A 1 15 ? -11.507 -6.210  -3.813  1.00 24.12 ? 15  LYS A O   1 
ATOM   118 C CB  . LYS A 1 15 ? -13.008 -8.156  -1.948  1.00 23.51 ? 15  LYS A CB  1 
ATOM   119 N N   . LYS A 1 16 ? -10.117 -7.972  -3.778  1.00 25.85 ? 16  LYS A N   1 
ATOM   120 C CA  . LYS A 1 16 ? -9.484  -7.570  -5.028  1.00 26.70 ? 16  LYS A CA  1 
ATOM   121 C C   . LYS A 1 16 ? -10.521 -7.392  -6.130  1.00 36.50 ? 16  LYS A C   1 
ATOM   122 O O   . LYS A 1 16 ? -11.433 -8.211  -6.275  1.00 36.42 ? 16  LYS A O   1 
ATOM   123 C CB  . LYS A 1 16 ? -8.379  -8.549  -5.440  1.00 33.88 ? 16  LYS A CB  1 
ATOM   124 C CG  . LYS A 1 16 ? -8.817  -9.979  -5.646  1.00 41.09 ? 16  LYS A CG  1 
ATOM   125 C CD  . LYS A 1 16 ? -7.644  -10.800 -6.163  1.00 40.82 ? 16  LYS A CD  1 
ATOM   126 C CE  . LYS A 1 16 ? -7.159  -10.269 -7.505  1.00 42.82 ? 16  LYS A CE  1 
ATOM   127 N NZ  . LYS A 1 16 ? -5.919  -10.945 -8.004  1.00 45.40 ? 16  LYS A NZ  1 
ATOM   128 N N   . GLU A 1 17 ? -10.396 -6.302  -6.881  1.00 31.92 ? 17  GLU A N   1 
ATOM   129 C CA  . GLU A 1 17 ? -11.387 -5.968  -7.903  1.00 39.85 ? 17  GLU A CA  1 
ATOM   130 C C   . GLU A 1 17 ? -10.824 -6.171  -9.307  1.00 46.01 ? 17  GLU A C   1 
ATOM   131 O O   . GLU A 1 17 ? -11.542 -6.058  -10.299 1.00 55.00 ? 17  GLU A O   1 
ATOM   132 C CB  . GLU A 1 17 ? -11.859 -4.519  -7.719  1.00 42.57 ? 17  GLU A CB  1 
ATOM   133 N N   . ARG A 1 18 ? -9.537  -6.495  -9.374  1.00 39.45 ? 18  ARG A N   1 
ATOM   134 C CA  . ARG A 1 18 ? -8.809  -6.585  -10.626 1.00 41.61 ? 18  ARG A CA  1 
ATOM   135 C C   . ARG A 1 18 ? -7.725  -7.637  -10.467 1.00 45.54 ? 18  ARG A C   1 
ATOM   136 O O   . ARG A 1 18 ? -7.284  -7.908  -9.351  1.00 39.37 ? 18  ARG A O   1 
ATOM   137 C CB  . ARG A 1 18 ? -8.179  -5.231  -10.941 1.00 46.38 ? 18  ARG A CB  1 
ATOM   138 C CG  . ARG A 1 18 ? -7.777  -5.023  -12.373 1.00 50.93 ? 18  ARG A CG  1 
ATOM   139 C CD  . ARG A 1 18 ? -7.616  -3.537  -12.666 1.00 53.41 ? 18  ARG A CD  1 
ATOM   140 N NE  . ARG A 1 18 ? -8.865  -2.802  -12.477 1.00 51.84 ? 18  ARG A NE  1 
ATOM   141 C CZ  . ARG A 1 18 ? -9.063  -1.547  -12.869 1.00 54.32 ? 18  ARG A CZ  1 
ATOM   142 N NH1 . ARG A 1 18 ? -8.089  -0.876  -13.474 1.00 54.22 ? 18  ARG A NH1 1 
ATOM   143 N NH2 . ARG A 1 18 ? -10.234 -0.958  -12.656 1.00 58.94 ? 18  ARG A NH2 1 
ATOM   144 N N   . GLU A 1 19 ? -7.289  -8.225  -11.574 1.00 48.03 ? 19  GLU A N   1 
ATOM   145 C CA  . GLU A 1 19 ? -6.290  -9.291  -11.526 1.00 51.13 ? 19  GLU A CA  1 
ATOM   146 C C   . GLU A 1 19 ? -5.012  -8.875  -10.788 1.00 35.73 ? 19  GLU A C   1 
ATOM   147 O O   . GLU A 1 19 ? -4.423  -9.668  -10.061 1.00 37.94 ? 19  GLU A O   1 
ATOM   148 C CB  . GLU A 1 19 ? -5.954  -9.781  -12.940 1.00 58.07 ? 19  GLU A CB  1 
ATOM   149 C CG  . GLU A 1 19 ? -4.728  -10.686 -13.030 1.00 64.26 ? 19  GLU A CG  1 
ATOM   150 C CD  . GLU A 1 19 ? -3.432  -9.920  -13.258 1.00 69.24 ? 19  GLU A CD  1 
ATOM   151 O OE1 . GLU A 1 19 ? -3.491  -8.727  -13.632 1.00 69.95 ? 19  GLU A OE1 1 
ATOM   152 O OE2 . GLU A 1 19 ? -2.350  -10.518 -13.069 1.00 69.41 ? 19  GLU A OE2 1 
ATOM   153 N N   . GLU A 1 20 ? -4.596  -7.632  -10.990 1.00 32.72 ? 20  GLU A N   1 
ATOM   154 C CA  . GLU A 1 20 ? -3.335  -7.145  -10.444 1.00 24.36 ? 20  GLU A CA  1 
ATOM   155 C C   . GLU A 1 20 ? -3.452  -6.742  -8.963  1.00 22.16 ? 20  GLU A C   1 
ATOM   156 O O   . GLU A 1 20 ? -2.437  -6.473  -8.315  1.00 21.47 ? 20  GLU A O   1 
ATOM   157 C CB  . GLU A 1 20 ? -2.818  -5.967  -11.288 1.00 32.26 ? 20  GLU A CB  1 
ATOM   158 C CG  . GLU A 1 20 ? -1.646  -5.183  -10.686 1.00 52.25 ? 20  GLU A CG  1 
ATOM   159 C CD  . GLU A 1 20 ? -0.478  -6.068  -10.258 1.00 61.66 ? 20  GLU A CD  1 
ATOM   160 O OE1 . GLU A 1 20 ? -0.393  -7.217  -10.736 1.00 71.14 ? 20  GLU A OE1 1 
ATOM   161 O OE2 . GLU A 1 20 ? 0.356   -5.612  -9.444  1.00 55.59 ? 20  GLU A OE2 1 
ATOM   162 N N   . ASP A 1 21 ? -4.675  -6.730  -8.432  1.00 19.69 ? 21  ASP A N   1 
ATOM   163 C CA  . ASP A 1 21 ? -4.896  -6.288  -7.053  1.00 19.85 ? 21  ASP A CA  1 
ATOM   164 C C   . ASP A 1 21 ? -4.537  -7.398  -6.082  1.00 19.67 ? 21  ASP A C   1 
ATOM   165 O O   . ASP A 1 21 ? -4.495  -8.568  -6.456  1.00 23.12 ? 21  ASP A O   1 
ATOM   166 C CB  . ASP A 1 21 ? -6.366  -5.962  -6.806  1.00 21.98 ? 21  ASP A CB  1 
ATOM   167 C CG  . ASP A 1 21 ? -6.838  -4.705  -7.497  1.00 21.77 ? 21  ASP A CG  1 
ATOM   168 O OD1 . ASP A 1 21 ? -6.035  -3.966  -8.096  1.00 22.32 ? 21  ASP A OD1 1 
ATOM   169 O OD2 . ASP A 1 21 ? -8.062  -4.469  -7.423  1.00 24.79 ? 21  ASP A OD2 1 
ATOM   170 N N   . ILE A 1 22 ? -4.317  -7.029  -4.822  1.00 17.16 ? 22  ILE A N   1 
ATOM   171 C CA  . ILE A 1 22 ? -4.319  -8.001  -3.742  1.00 17.12 ? 22  ILE A CA  1 
ATOM   172 C C   . ILE A 1 22 ? -5.454  -7.757  -2.766  1.00 17.98 ? 22  ILE A C   1 
ATOM   173 O O   . ILE A 1 22 ? -5.889  -6.611  -2.568  1.00 18.77 ? 22  ILE A O   1 
ATOM   174 C CB  . ILE A 1 22 ? -2.993  -7.990  -2.921  1.00 16.67 ? 22  ILE A CB  1 
ATOM   175 C CG1 . ILE A 1 22 ? -2.595  -6.553  -2.569  1.00 17.81 ? 22  ILE A CG1 1 
ATOM   176 C CG2 . ILE A 1 22 ? -1.894  -8.695  -3.692  1.00 22.79 ? 22  ILE A CG2 1 
ATOM   177 C CD1 . ILE A 1 22 ? -1.534  -6.464  -1.451  1.00 19.30 ? 22  ILE A CD1 1 
ATOM   178 N N   . ASP A 1 23 ? -5.930  -8.831  -2.142  1.00 18.81 ? 23  ASP A N   1 
ATOM   179 C CA  . ASP A 1 23 ? -6.833  -8.695  -0.997  1.00 16.32 ? 23  ASP A CA  1 
ATOM   180 C C   . ASP A 1 23 ? -6.108  -8.047  0.178   1.00 19.07 ? 23  ASP A C   1 
ATOM   181 O O   . ASP A 1 23 ? -4.937  -8.343  0.425   1.00 19.38 ? 23  ASP A O   1 
ATOM   182 C CB  . ASP A 1 23 ? -7.343  -10.055 -0.520  1.00 16.11 ? 23  ASP A CB  1 
ATOM   183 C CG  . ASP A 1 23 ? -8.290  -10.724 -1.524  1.00 29.35 ? 23  ASP A CG  1 
ATOM   184 O OD1 . ASP A 1 23 ? -9.155  -10.041 -2.103  1.00 25.27 ? 23  ASP A OD1 1 
ATOM   185 O OD2 . ASP A 1 23 ? -8.162  -11.944 -1.715  1.00 39.86 ? 23  ASP A OD2 1 
ATOM   186 N N   . LEU A 1 24 ? -6.808  -7.173  0.898   1.00 16.68 ? 24  LEU A N   1 
ATOM   187 C CA  . LEU A 1 24 ? -6.374  -6.729  2.224   1.00 14.49 ? 24  LEU A CA  1 
ATOM   188 C C   . LEU A 1 24 ? -7.318  -7.242  3.297   1.00 17.50 ? 24  LEU A C   1 
ATOM   189 O O   . LEU A 1 24 ? -8.529  -7.355  3.075   1.00 21.41 ? 24  LEU A O   1 
ATOM   190 C CB  . LEU A 1 24 ? -6.361  -5.198  2.319   1.00 14.13 ? 24  LEU A CB  1 
ATOM   191 C CG  . LEU A 1 24 ? -5.554  -4.430  1.270   1.00 14.52 ? 24  LEU A CG  1 
ATOM   192 C CD1 . LEU A 1 24 ? -5.714  -2.957  1.546   1.00 12.35 ? 24  LEU A CD1 1 
ATOM   193 C CD2 . LEU A 1 24 ? -4.080  -4.836  1.267   1.00 14.25 ? 24  LEU A CD2 1 
ATOM   194 N N   . HIS A 1 25 ? -6.746  -7.540  4.458   1.00 14.57 ? 25  HIS A N   1 
ATOM   195 C CA  . HIS A 1 25 ? -7.488  -7.892  5.659   1.00 14.61 ? 25  HIS A CA  1 
ATOM   196 C C   . HIS A 1 25 ? -7.027  -6.949  6.758   1.00 15.43 ? 25  HIS A C   1 
ATOM   197 O O   . HIS A 1 25 ? -5.847  -6.616  6.840   1.00 13.33 ? 25  HIS A O   1 
ATOM   198 C CB  . HIS A 1 25 ? -7.198  -9.348  6.064   1.00 16.75 ? 25  HIS A CB  1 
ATOM   199 C CG  . HIS A 1 25 ? -7.195  -10.306 4.913   1.00 22.24 ? 25  HIS A CG  1 
ATOM   200 N ND1 . HIS A 1 25 ? -6.090  -10.506 4.113   1.00 20.13 ? 25  HIS A ND1 1 
ATOM   201 C CD2 . HIS A 1 25 ? -8.172  -11.107 4.415   1.00 26.91 ? 25  HIS A CD2 1 
ATOM   202 C CE1 . HIS A 1 25 ? -6.384  -11.391 3.174   1.00 24.80 ? 25  HIS A CE1 1 
ATOM   203 N NE2 . HIS A 1 25 ? -7.638  -11.776 3.338   1.00 31.10 ? 25  HIS A NE2 1 
ATOM   204 N N   . LEU A 1 26 ? -7.957  -6.494  7.593   1.00 16.43 ? 26  LEU A N   1 
ATOM   205 C CA  . LEU A 1 26 ? -7.600  -5.667  8.744   1.00 16.07 ? 26  LEU A CA  1 
ATOM   206 C C   . LEU A 1 26 ? -6.377  -6.236  9.449   1.00 16.85 ? 26  LEU A C   1 
ATOM   207 O O   . LEU A 1 26 ? -6.350  -7.419  9.810   1.00 17.60 ? 26  LEU A O   1 
ATOM   208 C CB  . LEU A 1 26 ? -8.765  -5.612  9.742   1.00 18.64 ? 26  LEU A CB  1 
ATOM   209 C CG  . LEU A 1 26 ? -8.344  -5.171  11.152  1.00 20.78 ? 26  LEU A CG  1 
ATOM   210 C CD1 . LEU A 1 26 ? -8.193  -3.666  11.173  1.00 24.37 ? 26  LEU A CD1 1 
ATOM   211 C CD2 . LEU A 1 26 ? -9.358  -5.635  12.194  1.00 34.67 ? 26  LEU A CD2 1 
ATOM   212 N N   . GLY A 1 27 ? -5.353  -5.408  9.620   1.00 17.20 ? 27  GLY A N   1 
ATOM   213 C CA  . GLY A 1 27 ? -4.172  -5.823  10.352  1.00 16.55 ? 27  GLY A CA  1 
ATOM   214 C C   . GLY A 1 27 ? -3.042  -6.336  9.489   1.00 13.72 ? 27  GLY A C   1 
ATOM   215 O O   . GLY A 1 27 ? -1.934  -6.511  9.972   1.00 15.10 ? 27  GLY A O   1 
ATOM   216 N N   . ASP A 1 28 ? -3.326  -6.626  8.220   1.00 11.30 ? 28  ASP A N   1 
ATOM   217 C CA  . ASP A 1 28 ? -2.273  -7.050  7.314   1.00 11.45 ? 28  ASP A CA  1 
ATOM   218 C C   . ASP A 1 28 ? -1.215  -5.972  7.249   1.00 10.20 ? 28  ASP A C   1 
ATOM   219 O O   . ASP A 1 28 ? -1.522  -4.771  7.286   1.00 10.74 ? 28  ASP A O   1 
ATOM   220 C CB  . ASP A 1 28 ? -2.810  -7.257  5.894   1.00 11.10 ? 28  ASP A CB  1 
ATOM   221 C CG  . ASP A 1 28 ? -3.597  -8.549  5.724   1.00 14.42 ? 28  ASP A CG  1 
ATOM   222 O OD1 . ASP A 1 28 ? -3.694  -9.384  6.662   1.00 14.84 ? 28  ASP A OD1 1 
ATOM   223 O OD2 . ASP A 1 28 ? -4.116  -8.726  4.588   1.00 15.14 ? 28  ASP A OD2 1 
ATOM   224 N N   . ILE A 1 29 ? 0.029   -6.408  7.083   1.00 10.69 ? 29  ILE A N   1 
ATOM   225 C CA  . ILE A 1 29 ? 1.166   -5.503  6.981   1.00 10.25 ? 29  ILE A CA  1 
ATOM   226 C C   . ILE A 1 29 ? 1.704   -5.544  5.542   1.00 11.24 ? 29  ILE A C   1 
ATOM   227 O O   . ILE A 1 29 ? 1.898   -6.614  4.977   1.00 11.95 ? 29  ILE A O   1 
ATOM   228 C CB  . ILE A 1 29 ? 2.271   -5.935  7.953   1.00 13.09 ? 29  ILE A CB  1 
ATOM   229 C CG1 . ILE A 1 29 ? 1.732   -5.991  9.390   1.00 12.77 ? 29  ILE A CG1 1 
ATOM   230 C CG2 . ILE A 1 29 ? 3.463   -4.983  7.827   1.00 16.77 ? 29  ILE A CG2 1 
ATOM   231 C CD1 . ILE A 1 29 ? 1.156   -4.663  9.897   1.00 14.17 ? 29  ILE A CD1 1 
ATOM   232 N N   . LEU A 1 30 ? 1.882   -4.375  4.932   1.00 11.62 ? 30  LEU A N   1 
ATOM   233 C CA  . LEU A 1 30 ? 2.347   -4.278  3.539   1.00 10.52 ? 30  LEU A CA  1 
ATOM   234 C C   . LEU A 1 30 ? 3.656   -3.534  3.500   1.00 11.77 ? 30  LEU A C   1 
ATOM   235 O O   . LEU A 1 30 ? 3.860   -2.601  4.284   1.00 13.04 ? 30  LEU A O   1 
ATOM   236 C CB  . LEU A 1 30 ? 1.326   -3.502  2.731   1.00 9.89  ? 30  LEU A CB  1 
ATOM   237 C CG  . LEU A 1 30 ? 0.019   -4.261  3.046   1.00 22.30 ? 30  LEU A CG  1 
ATOM   238 C CD1 . LEU A 1 30 ? -1.070  -3.373  3.697   1.00 15.68 ? 30  LEU A CD1 1 
ATOM   239 C CD2 . LEU A 1 30 ? -0.472  -5.049  1.864   1.00 22.17 ? 30  LEU A CD2 1 
ATOM   240 N N   . THR A 1 31 ? 4.509   -3.918  2.555   1.00 10.13 ? 31  THR A N   1 
ATOM   241 C CA  . THR A 1 31 ? 5.792   -3.259  2.349   1.00 10.04 ? 31  THR A CA  1 
ATOM   242 C C   . THR A 1 31 ? 5.823   -2.759  0.916   1.00 12.12 ? 31  THR A C   1 
ATOM   243 O O   . THR A 1 31 ? 5.626   -3.531  -0.026  1.00 13.70 ? 31  THR A O   1 
ATOM   244 C CB  . THR A 1 31 ? 6.961   -4.229  2.580   1.00 15.15 ? 31  THR A CB  1 
ATOM   245 O OG1 . THR A 1 31 ? 6.956   -4.661  3.949   1.00 17.04 ? 31  THR A OG1 1 
ATOM   246 C CG2 . THR A 1 31 ? 8.281   -3.547  2.283   1.00 15.43 ? 31  THR A CG2 1 
ATOM   247 N N   . VAL A 1 32 ? 6.014   -1.455  0.767   1.00 11.07 ? 32  VAL A N   1 
ATOM   248 C CA  . VAL A 1 32 ? 6.128   -0.828  -0.541  1.00 9.59  ? 32  VAL A CA  1 
ATOM   249 C C   . VAL A 1 32 ? 7.589   -0.475  -0.734  1.00 11.02 ? 32  VAL A C   1 
ATOM   250 O O   . VAL A 1 32 ? 8.175   0.229   0.095   1.00 12.56 ? 32  VAL A O   1 
ATOM   251 C CB  . VAL A 1 32 ? 5.260   0.457   -0.599  1.00 9.24  ? 32  VAL A CB  1 
ATOM   252 C CG1 . VAL A 1 32 ? 5.498   1.219   -1.902  1.00 11.39 ? 32  VAL A CG1 1 
ATOM   253 C CG2 . VAL A 1 32 ? 3.770   0.081   -0.451  1.00 12.63 ? 32  VAL A CG2 1 
ATOM   254 N N   . ASN A 1 33 ? 8.182   -0.992  -1.808  1.00 12.11 ? 33  ASN A N   1 
ATOM   255 C CA  . ASN A 1 33 ? 9.582   -0.727  -2.081  1.00 14.99 ? 33  ASN A CA  1 
ATOM   256 C C   . ASN A 1 33 ? 9.757   0.770   -2.238  1.00 14.75 ? 33  ASN A C   1 
ATOM   257 O O   . ASN A 1 33 ? 8.957   1.421   -2.915  1.00 13.37 ? 33  ASN A O   1 
ATOM   258 C CB  . ASN A 1 33 ? 9.999   -1.458  -3.349  1.00 18.80 ? 33  ASN A CB  1 
ATOM   259 C CG  . ASN A 1 33 ? 11.485  -1.535  -3.500  1.00 31.53 ? 33  ASN A CG  1 
ATOM   260 O OD1 . ASN A 1 33 ? 12.146  -0.527  -3.737  1.00 30.73 ? 33  ASN A OD1 1 
ATOM   261 N ND2 . ASN A 1 33 ? 12.029  -2.742  -3.373  1.00 36.78 ? 33  ASN A ND2 1 
ATOM   262 N N   . LYS A 1 34 ? 10.783  1.335   -1.605  1.00 14.81 ? 34  LYS A N   1 
ATOM   263 C CA  . LYS A 1 34 ? 11.003  2.786   -1.708  1.00 12.98 ? 34  LYS A CA  1 
ATOM   264 C C   . LYS A 1 34 ? 11.115  3.230   -3.157  1.00 11.71 ? 34  LYS A C   1 
ATOM   265 O O   . LYS A 1 34 ? 10.661  4.324   -3.517  1.00 15.77 ? 34  LYS A O   1 
ATOM   266 C CB  . LYS A 1 34 ? 12.275  3.195   -0.954  1.00 15.53 ? 34  LYS A CB  1 
ATOM   267 C CG  . LYS A 1 34 ? 12.723  4.642   -1.217  1.00 13.67 ? 34  LYS A CG  1 
ATOM   268 C CD  . LYS A 1 34 ? 14.003  4.946   -0.433  1.00 20.45 ? 34  LYS A CD  1 
ATOM   269 C CE  . LYS A 1 34 ? 14.472  6.371   -0.688  1.00 22.44 ? 34  LYS A CE  1 
ATOM   270 N NZ  . LYS A 1 34 ? 15.781  6.647   -0.003  1.00 16.19 ? 34  LYS A NZ  1 
ATOM   271 N N   . GLY A 1 35 ? 11.719  2.383   -3.980  1.00 13.32 ? 35  GLY A N   1 
ATOM   272 C CA  . GLY A 1 35 ? 11.840  2.670   -5.406  1.00 16.93 ? 35  GLY A CA  1 
ATOM   273 C C   . GLY A 1 35 ? 10.499  2.924   -6.073  1.00 17.86 ? 35  GLY A C   1 
ATOM   274 O O   . GLY A 1 35 ? 10.399  3.720   -7.010  1.00 15.75 ? 35  GLY A O   1 
ATOM   275 N N   . SER A 1 36 ? 9.452   2.247   -5.602  1.00 14.00 ? 36  SER A N   1 
ATOM   276 C CA  . SER A 1 36 ? 8.145   2.452   -6.193  1.00 14.03 ? 36  SER A CA  1 
ATOM   277 C C   . SER A 1 36 ? 7.673   3.874   -5.986  1.00 15.36 ? 36  SER A C   1 
ATOM   278 O O   . SER A 1 36 ? 7.076   4.460   -6.877  1.00 16.21 ? 36  SER A O   1 
ATOM   279 C CB  . SER A 1 36 ? 7.109   1.486   -5.569  1.00 16.09 ? 36  SER A CB  1 
ATOM   280 O OG  . SER A 1 36 ? 7.493   0.142   -5.807  1.00 25.56 ? 36  SER A OG  1 
ATOM   281 N N   . LEU A 1 37 ? 7.905   4.428   -4.798  1.00 12.65 ? 37  LEU A N   1 
ATOM   282 C CA  . LEU A 1 37 ? 7.442   5.785   -4.532  1.00 11.70 ? 37  LEU A CA  1 
ATOM   283 C C   . LEU A 1 37 ? 8.378   6.829   -5.142  1.00 13.69 ? 37  LEU A C   1 
ATOM   284 O O   . LEU A 1 37 ? 7.942   7.899   -5.569  1.00 15.44 ? 37  LEU A O   1 
ATOM   285 C CB  . LEU A 1 37 ? 7.244   6.033   -3.031  1.00 16.51 ? 37  LEU A CB  1 
ATOM   286 C CG  . LEU A 1 37 ? 6.143   5.193   -2.357  1.00 18.36 ? 37  LEU A CG  1 
ATOM   287 C CD1 . LEU A 1 37 ? 5.798   5.850   -1.046  1.00 18.27 ? 37  LEU A CD1 1 
ATOM   288 C CD2 . LEU A 1 37 ? 4.899   5.092   -3.246  1.00 17.89 ? 37  LEU A CD2 1 
ATOM   289 N N   . VAL A 1 38 ? 9.663   6.506   -5.220  1.00 14.02 ? 38  VAL A N   1 
ATOM   290 C CA  . VAL A 1 38 ? 10.590  7.371   -5.970  1.00 13.90 ? 38  VAL A CA  1 
ATOM   291 C C   . VAL A 1 38 ? 10.106  7.489   -7.420  1.00 14.22 ? 38  VAL A C   1 
ATOM   292 O O   . VAL A 1 38 ? 10.021  8.582   -7.975  1.00 15.45 ? 38  VAL A O   1 
ATOM   293 C CB  . VAL A 1 38 ? 12.020  6.819   -5.914  1.00 15.94 ? 38  VAL A CB  1 
ATOM   294 C CG1 . VAL A 1 38 ? 12.961  7.605   -6.868  1.00 13.89 ? 38  VAL A CG1 1 
ATOM   295 C CG2 . VAL A 1 38 ? 12.528  6.871   -4.453  1.00 13.99 ? 38  VAL A CG2 1 
ATOM   296 N N   . ALA A 1 39 ? 9.745   6.353   -8.007  1.00 14.06 ? 39  ALA A N   1 
ATOM   297 C CA  . ALA A 1 39 ? 9.296   6.324   -9.395  1.00 17.55 ? 39  ALA A CA  1 
ATOM   298 C C   . ALA A 1 39 ? 8.056   7.188   -9.617  1.00 17.76 ? 39  ALA A C   1 
ATOM   299 O O   . ALA A 1 39 ? 7.905   7.808   -10.668 1.00 19.24 ? 39  ALA A O   1 
ATOM   300 C CB  . ALA A 1 39 ? 9.026   4.883   -9.833  1.00 20.83 ? 39  ALA A CB  1 
ATOM   301 N N   . LEU A 1 40 ? 7.163   7.189   -8.633  1.00 19.22 ? 40  LEU A N   1 
ATOM   302 C CA  . LEU A 1 40 ? 5.894   7.922   -8.719  1.00 21.72 ? 40  LEU A CA  1 
ATOM   303 C C   . LEU A 1 40 ? 6.020   9.384   -8.317  1.00 25.35 ? 40  LEU A C   1 
ATOM   304 O O   . LEU A 1 40 ? 5.097   10.182  -8.544  1.00 20.40 ? 40  LEU A O   1 
ATOM   305 C CB  . LEU A 1 40 ? 4.854   7.265   -7.804  1.00 18.46 ? 40  LEU A CB  1 
ATOM   306 C CG  . LEU A 1 40 ? 4.440   5.860   -8.239  1.00 27.63 ? 40  LEU A CG  1 
ATOM   307 C CD1 . LEU A 1 40 ? 3.534   5.216   -7.211  1.00 30.66 ? 40  LEU A CD1 1 
ATOM   308 C CD2 . LEU A 1 40 ? 3.753   5.947   -9.581  1.00 30.57 ? 40  LEU A CD2 1 
ATOM   309 N N   . GLY A 1 41 ? 7.145   9.730   -7.692  1.00 17.40 ? 41  GLY A N   1 
ATOM   310 C CA  . GLY A 1 41 ? 7.351   11.080  -7.186  1.00 14.33 ? 41  GLY A CA  1 
ATOM   311 C C   . GLY A 1 41 ? 6.756   11.364  -5.815  1.00 15.91 ? 41  GLY A C   1 
ATOM   312 O O   . GLY A 1 41 ? 6.443   12.507  -5.502  1.00 19.41 ? 41  GLY A O   1 
ATOM   313 N N   . PHE A 1 42 ? 6.616   10.341  -4.976  1.00 13.86 ? 42  PHE A N   1 
ATOM   314 C CA  . PHE A 1 42 ? 6.047   10.538  -3.646  1.00 16.77 ? 42  PHE A CA  1 
ATOM   315 C C   . PHE A 1 42 ? 7.011   10.227  -2.495  1.00 14.79 ? 42  PHE A C   1 
ATOM   316 O O   . PHE A 1 42 ? 6.572   10.053  -1.356  1.00 16.32 ? 42  PHE A O   1 
ATOM   317 C CB  . PHE A 1 42 ? 4.770   9.679   -3.488  1.00 17.69 ? 42  PHE A CB  1 
ATOM   318 C CG  . PHE A 1 42 ? 3.680   10.029  -4.469  1.00 19.71 ? 42  PHE A CG  1 
ATOM   319 C CD1 . PHE A 1 42 ? 3.062   11.265  -4.421  1.00 26.68 ? 42  PHE A CD1 1 
ATOM   320 C CD2 . PHE A 1 42 ? 3.252   9.108   -5.410  1.00 20.48 ? 42  PHE A CD2 1 
ATOM   321 C CE1 . PHE A 1 42 ? 2.043   11.588  -5.316  1.00 28.57 ? 42  PHE A CE1 1 
ATOM   322 C CE2 . PHE A 1 42 ? 2.235   9.429   -6.306  1.00 26.26 ? 42  PHE A CE2 1 
ATOM   323 C CZ  . PHE A 1 42 ? 1.639   10.671  -6.254  1.00 23.69 ? 42  PHE A CZ  1 
ATOM   324 N N   . SER A 1 43 ? 8.318   10.169  -2.774  1.00 12.14 ? 43  SER A N   1 
ATOM   325 C CA  . SER A 1 43 ? 9.288   9.766   -1.756  1.00 14.26 ? 43  SER A CA  1 
ATOM   326 C C   . SER A 1 43 ? 9.782   10.931  -0.893  1.00 15.97 ? 43  SER A C   1 
ATOM   327 O O   . SER A 1 43 ? 10.635  10.745  -0.030  1.00 14.97 ? 43  SER A O   1 
ATOM   328 C CB  . SER A 1 43 ? 10.493  9.092   -2.449  1.00 12.80 ? 43  SER A CB  1 
ATOM   329 O OG  . SER A 1 43 ? 10.941  9.928   -3.518  1.00 12.37 ? 43  SER A OG  1 
ATOM   330 N N   . ASP A 1 44 ? 9.260   12.128  -1.146  1.00 13.08 ? 44  ASP A N   1 
ATOM   331 C CA  . ASP A 1 44 ? 9.697   13.326  -0.423  1.00 11.91 ? 44  ASP A CA  1 
ATOM   332 C C   . ASP A 1 44 ? 8.759   13.651  0.736   1.00 17.32 ? 44  ASP A C   1 
ATOM   333 O O   . ASP A 1 44 ? 8.508   14.824  1.033   1.00 20.69 ? 44  ASP A O   1 
ATOM   334 C CB  . ASP A 1 44 ? 9.830   14.531  -1.361  1.00 15.18 ? 44  ASP A CB  1 
ATOM   335 C CG  . ASP A 1 44 ? 8.520   14.925  -2.027  1.00 25.21 ? 44  ASP A CG  1 
ATOM   336 O OD1 . ASP A 1 44 ? 7.636   14.061  -2.193  1.00 25.33 ? 44  ASP A OD1 1 
ATOM   337 O OD2 . ASP A 1 44 ? 8.399   16.110  -2.408  1.00 30.70 ? 44  ASP A OD2 1 
ATOM   338 N N   . GLY A 1 45 ? 8.213   12.610  1.365   1.00 17.78 ? 45  GLY A N   1 
ATOM   339 C CA  . GLY A 1 45 ? 7.351   12.785  2.529   1.00 23.43 ? 45  GLY A CA  1 
ATOM   340 C C   . GLY A 1 45 ? 5.942   12.221  2.395   1.00 21.71 ? 45  GLY A C   1 
ATOM   341 O O   . GLY A 1 45 ? 5.285   11.889  3.389   1.00 18.69 ? 45  GLY A O   1 
ATOM   342 N N   . GLN A 1 46 ? 5.456   12.111  1.169   1.00 15.66 ? 46  GLN A N   1 
ATOM   343 C CA  . GLN A 1 46 ? 4.107   11.639  0.985   1.00 16.96 ? 46  GLN A CA  1 
ATOM   344 C C   . GLN A 1 46 ? 3.947   10.146  1.250   1.00 12.54 ? 46  GLN A C   1 
ATOM   345 O O   . GLN A 1 46 ? 2.840   9.649   1.282   1.00 15.34 ? 46  GLN A O   1 
ATOM   346 C CB  . GLN A 1 46 ? 3.535   12.056  -0.368  1.00 26.10 ? 46  GLN A CB  1 
ATOM   347 C CG  . GLN A 1 46 ? 2.918   13.449  -0.309  1.00 35.64 ? 46  GLN A CG  1 
ATOM   348 C CD  . GLN A 1 46 ? 2.233   13.834  -1.597  1.00 37.84 ? 46  GLN A CD  1 
ATOM   349 O OE1 . GLN A 1 46 ? 2.872   13.938  -2.638  1.00 34.86 ? 46  GLN A OE1 1 
ATOM   350 N NE2 . GLN A 1 46 ? 0.918   14.051  -1.534  1.00 38.92 ? 46  GLN A NE2 1 
ATOM   351 N N   . GLU A 1 47 ? 5.052   9.439   1.469   1.00 16.21 ? 47  GLU A N   1 
ATOM   352 C CA  . GLU A 1 47 ? 4.949   8.035   1.919   1.00 13.07 ? 47  GLU A CA  1 
ATOM   353 C C   . GLU A 1 47 ? 4.119   7.905   3.190   1.00 10.40 ? 47  GLU A C   1 
ATOM   354 O O   . GLU A 1 47 ? 3.477   6.872   3.449   1.00 11.52 ? 47  GLU A O   1 
ATOM   355 C CB  . GLU A 1 47 ? 6.352   7.429   2.129   1.00 13.69 ? 47  GLU A CB  1 
ATOM   356 C CG  . GLU A 1 47 ? 7.144   8.034   3.274   1.00 15.28 ? 47  GLU A CG  1 
ATOM   357 C CD  . GLU A 1 47 ? 7.967   9.249   2.856   1.00 16.91 ? 47  GLU A CD  1 
ATOM   358 O OE1 . GLU A 1 47 ? 7.763   9.780   1.749   1.00 15.63 ? 47  GLU A OE1 1 
ATOM   359 O OE2 . GLU A 1 47 ? 8.809   9.695   3.659   1.00 22.25 ? 47  GLU A OE2 1 
ATOM   360 N N   . ALA A 1 48 ? 4.084   8.970   3.976   1.00 9.88  ? 48  ALA A N   1 
ATOM   361 C CA  . ALA A 1 48 ? 3.342   8.956   5.211   1.00 12.79 ? 48  ALA A CA  1 
ATOM   362 C C   . ALA A 1 48 ? 1.855   9.250   5.015   1.00 11.75 ? 48  ALA A C   1 
ATOM   363 O O   . ALA A 1 48 ? 1.083   9.193   5.971   1.00 11.98 ? 48  ALA A O   1 
ATOM   364 C CB  . ALA A 1 48 ? 3.944   9.955   6.191   1.00 17.29 ? 48  ALA A CB  1 
ATOM   365 N N   . ARG A 1 49 ? 1.476   9.581   3.782   1.00 10.86 ? 49  ARG A N   1 
ATOM   366 C CA  . ARG A 1 49 ? 0.093   9.934   3.456   1.00 10.35 ? 49  ARG A CA  1 
ATOM   367 C C   . ARG A 1 49 ? -0.390  9.089   2.288   1.00 9.53  ? 49  ARG A C   1 
ATOM   368 O O   . ARG A 1 49 ? -0.665  9.601   1.192   1.00 11.14 ? 49  ARG A O   1 
ATOM   369 C CB  . ARG A 1 49 ? 0.000   11.435  3.115   1.00 12.66 ? 49  ARG A CB  1 
ATOM   370 C CG  . ARG A 1 49 ? 0.363   12.337  4.284   1.00 14.55 ? 49  ARG A CG  1 
ATOM   371 C CD  A ARG A 1 49 ? 0.565   13.792  3.859   0.55 22.50 ? 49  ARG A CD  1 
ATOM   372 C CD  B ARG A 1 49 ? 0.664   13.768  3.819   0.45 22.21 ? 49  ARG A CD  1 
ATOM   373 N NE  A ARG A 1 49 ? 0.733   14.637  5.036   0.55 24.67 ? 49  ARG A NE  1 
ATOM   374 N NE  B ARG A 1 49 ? 1.608   14.406  4.729   0.45 28.74 ? 49  ARG A NE  1 
ATOM   375 C CZ  A ARG A 1 49 ? -0.176  15.498  5.480   0.55 24.64 ? 49  ARG A CZ  1 
ATOM   376 C CZ  B ARG A 1 49 ? 2.848   14.750  4.402   0.45 34.25 ? 49  ARG A CZ  1 
ATOM   377 N NH1 A ARG A 1 49 ? -1.326  15.651  4.838   0.55 22.30 ? 49  ARG A NH1 1 
ATOM   378 N NH1 B ARG A 1 49 ? 3.636   15.314  5.307   0.45 39.13 ? 49  ARG A NH1 1 
ATOM   379 N NH2 A ARG A 1 49 ? 0.075   16.213  6.565   0.55 26.05 ? 49  ARG A NH2 1 
ATOM   380 N NH2 B ARG A 1 49 ? 3.294   14.548  3.172   0.45 34.33 ? 49  ARG A NH2 1 
ATOM   381 N N   . PRO A 1 50 ? -0.490  7.769   2.500   1.00 10.03 ? 50  PRO A N   1 
ATOM   382 C CA  . PRO A 1 50 ? -0.873  6.879   1.398   1.00 9.35  ? 50  PRO A CA  1 
ATOM   383 C C   . PRO A 1 50 ? -2.257  7.212   0.855   1.00 10.31 ? 50  PRO A C   1 
ATOM   384 O O   . PRO A 1 50 ? -2.531  6.959   -0.312  1.00 11.03 ? 50  PRO A O   1 
ATOM   385 C CB  . PRO A 1 50 ? -0.869  5.503   2.058   1.00 8.15  ? 50  PRO A CB  1 
ATOM   386 C CG  . PRO A 1 50 ? -1.087  5.787   3.513   1.00 11.51 ? 50  PRO A CG  1 
ATOM   387 C CD  . PRO A 1 50 ? -0.209  7.006   3.732   1.00 10.32 ? 50  PRO A CD  1 
ATOM   388 N N   . GLU A 1 51 ? -3.094  7.810   1.699   1.00 10.70 ? 51  GLU A N   1 
ATOM   389 C CA  . GLU A 1 51 ? -4.448  8.184   1.276   1.00 12.86 ? 51  GLU A CA  1 
ATOM   390 C C   . GLU A 1 51 ? -4.414  9.313   0.241   1.00 12.92 ? 51  GLU A C   1 
ATOM   391 O O   . GLU A 1 51 ? -5.399  9.524   -0.471  1.00 13.75 ? 51  GLU A O   1 
ATOM   392 C CB  . GLU A 1 51 ? -5.294  8.586   2.499   1.00 10.75 ? 51  GLU A CB  1 
ATOM   393 C CG  . GLU A 1 51 ? -4.853  9.881   3.202   1.00 12.84 ? 51  GLU A CG  1 
ATOM   394 C CD  . GLU A 1 51 ? -3.627  9.742   4.100   1.00 16.95 ? 51  GLU A CD  1 
ATOM   395 O OE1 . GLU A 1 51 ? -3.160  8.612   4.351   1.00 14.62 ? 51  GLU A OE1 1 
ATOM   396 O OE2 . GLU A 1 51 ? -3.135  10.787  4.580   1.00 18.62 ? 51  GLU A OE2 1 
ATOM   397 N N   . GLU A 1 52 ? -3.277  10.024  0.151   1.00 11.49 ? 52  GLU A N   1 
ATOM   398 C CA  . GLU A 1 52 ? -3.090  11.078  -0.855  1.00 14.42 ? 52  GLU A CA  1 
ATOM   399 C C   . GLU A 1 52 ? -2.411  10.557  -2.120  1.00 17.04 ? 52  GLU A C   1 
ATOM   400 O O   . GLU A 1 52 ? -2.537  11.143  -3.193  1.00 15.78 ? 52  GLU A O   1 
ATOM   401 C CB  . GLU A 1 52 ? -2.284  12.254  -0.270  1.00 12.26 ? 52  GLU A CB  1 
ATOM   402 C CG  . GLU A 1 52 ? -2.979  12.919  0.910   1.00 17.80 ? 52  GLU A CG  1 
ATOM   403 C CD  . GLU A 1 52 ? -2.234  14.153  1.415   1.00 22.60 ? 52  GLU A CD  1 
ATOM   404 O OE1 . GLU A 1 52 ? -1.320  14.638  0.720   1.00 27.21 ? 52  GLU A OE1 1 
ATOM   405 O OE2 . GLU A 1 52 ? -2.557  14.615  2.516   1.00 21.81 ? 52  GLU A OE2 1 
ATOM   406 N N   . ILE A 1 53 ? -1.648  9.475   -1.985  1.00 15.05 ? 53  ILE A N   1 
ATOM   407 C CA  . ILE A 1 53 ? -1.001  8.859   -3.137  1.00 14.00 ? 53  ILE A CA  1 
ATOM   408 C C   . ILE A 1 53 ? -1.997  8.177   -4.059  1.00 17.15 ? 53  ILE A C   1 
ATOM   409 O O   . ILE A 1 53 ? -1.911  8.316   -5.269  1.00 20.39 ? 53  ILE A O   1 
ATOM   410 C CB  . ILE A 1 53 ? 0.051   7.824   -2.686  1.00 11.52 ? 53  ILE A CB  1 
ATOM   411 C CG1 . ILE A 1 53 ? 1.168   8.549   -1.935  1.00 16.64 ? 53  ILE A CG1 1 
ATOM   412 C CG2 . ILE A 1 53 ? 0.626   7.089   -3.895  1.00 14.97 ? 53  ILE A CG2 1 
ATOM   413 C CD1 . ILE A 1 53 ? 2.192   7.593   -1.320  1.00 15.55 ? 53  ILE A CD1 1 
ATOM   414 N N   . GLY A 1 54 ? -2.952  7.451   -3.495  1.00 16.92 ? 54  GLY A N   1 
ATOM   415 C CA  . GLY A 1 54 ? -3.894  6.723   -4.324  1.00 19.47 ? 54  GLY A CA  1 
ATOM   416 C C   . GLY A 1 54 ? -3.576  5.243   -4.282  1.00 14.15 ? 54  GLY A C   1 
ATOM   417 O O   . GLY A 1 54 ? -3.305  4.698   -3.209  1.00 15.35 ? 54  GLY A O   1 
ATOM   418 N N   . TRP A 1 55 ? -3.570  4.603   -5.450  1.00 15.20 ? 55  TRP A N   1 
ATOM   419 C CA  . TRP A 1 55 ? -3.206  3.193   -5.542  1.00 16.67 ? 55  TRP A CA  1 
ATOM   420 C C   . TRP A 1 55 ? -1.724  2.976   -5.257  1.00 16.48 ? 55  TRP A C   1 
ATOM   421 O O   . TRP A 1 55 ? -0.863  3.753   -5.717  1.00 17.93 ? 55  TRP A O   1 
ATOM   422 C CB  . TRP A 1 55 ? -3.589  2.632   -6.925  1.00 19.05 ? 55  TRP A CB  1 
ATOM   423 C CG  . TRP A 1 55 ? -5.072  2.467   -7.023  1.00 16.80 ? 55  TRP A CG  1 
ATOM   424 C CD1 . TRP A 1 55 ? -5.973  3.394   -7.465  1.00 22.23 ? 55  TRP A CD1 1 
ATOM   425 C CD2 . TRP A 1 55 ? -5.827  1.326   -6.619  1.00 18.45 ? 55  TRP A CD2 1 
ATOM   426 N NE1 . TRP A 1 55 ? -7.249  2.891   -7.369  1.00 19.07 ? 55  TRP A NE1 1 
ATOM   427 C CE2 . TRP A 1 55 ? -7.190  1.625   -6.842  1.00 18.58 ? 55  TRP A CE2 1 
ATOM   428 C CE3 . TRP A 1 55 ? -5.488  0.076   -6.088  1.00 20.94 ? 55  TRP A CE3 1 
ATOM   429 C CZ2 . TRP A 1 55 ? -8.208  0.714   -6.572  1.00 18.80 ? 55  TRP A CZ2 1 
ATOM   430 C CZ3 . TRP A 1 55 ? -6.508  -0.828  -5.808  1.00 17.89 ? 55  TRP A CZ3 1 
ATOM   431 C CH2 . TRP A 1 55 ? -7.852  -0.502  -6.060  1.00 20.79 ? 55  TRP A CH2 1 
ATOM   432 N N   . LEU A 1 56 ? -1.425  1.936   -4.477  1.00 13.14 ? 56  LEU A N   1 
ATOM   433 C CA  . LEU A 1 56 ? -0.040  1.562   -4.187  1.00 11.19 ? 56  LEU A CA  1 
ATOM   434 C C   . LEU A 1 56 ? 0.193   0.139   -4.664  1.00 13.85 ? 56  LEU A C   1 
ATOM   435 O O   . LEU A 1 56 ? -0.747  -0.634  -4.810  1.00 16.82 ? 56  LEU A O   1 
ATOM   436 C CB  . LEU A 1 56 ? 0.210   1.598   -2.672  1.00 13.01 ? 56  LEU A CB  1 
ATOM   437 C CG  . LEU A 1 56 ? 0.158   2.988   -2.068  1.00 15.49 ? 56  LEU A CG  1 
ATOM   438 C CD1 . LEU A 1 56 ? 0.076   2.883   -0.554  1.00 15.79 ? 56  LEU A CD1 1 
ATOM   439 C CD2 . LEU A 1 56 ? 1.418   3.719   -2.514  1.00 19.26 ? 56  LEU A CD2 1 
ATOM   440 N N   . ASN A 1 57 ? 1.456   -0.223  -4.863  1.00 12.60 ? 57  ASN A N   1 
ATOM   441 C CA  . ASN A 1 57 ? 1.778   -1.604  -5.202  1.00 12.33 ? 57  ASN A CA  1 
ATOM   442 C C   . ASN A 1 57 ? 2.802   -2.084  -4.205  1.00 12.36 ? 57  ASN A C   1 
ATOM   443 O O   . ASN A 1 57 ? 3.794   -1.403  -3.953  1.00 14.54 ? 57  ASN A O   1 
ATOM   444 C CB  . ASN A 1 57 ? 2.358   -1.691  -6.613  1.00 18.53 ? 57  ASN A CB  1 
ATOM   445 C CG  . ASN A 1 57 ? 2.797   -3.103  -6.977  1.00 25.40 ? 57  ASN A CG  1 
ATOM   446 O OD1 . ASN A 1 57 ? 3.925   -3.507  -6.703  1.00 31.93 ? 57  ASN A OD1 1 
ATOM   447 N ND2 . ASN A 1 57 ? 1.905   -3.853  -7.596  1.00 28.04 ? 57  ASN A ND2 1 
ATOM   448 N N   . GLY A 1 58 ? 2.564   -3.234  -3.599  1.00 13.58 ? 58  GLY A N   1 
ATOM   449 C CA  . GLY A 1 58 ? 3.510   -3.714  -2.616  1.00 14.11 ? 58  GLY A CA  1 
ATOM   450 C C   . GLY A 1 58 ? 3.276   -5.146  -2.211  1.00 13.92 ? 58  GLY A C   1 
ATOM   451 O O   . GLY A 1 58 ? 2.404   -5.822  -2.758  1.00 15.36 ? 58  GLY A O   1 
ATOM   452 N N   . TYR A 1 59 ? 4.054   -5.590  -1.231  1.00 12.72 ? 59  TYR A N   1 
ATOM   453 C CA  . TYR A 1 59 ? 4.029   -6.963  -0.782  1.00 14.06 ? 59  TYR A CA  1 
ATOM   454 C C   . TYR A 1 59 ? 3.255   -7.075  0.526   1.00 15.50 ? 59  TYR A C   1 
ATOM   455 O O   . TYR A 1 59 ? 3.585   -6.409  1.506   1.00 13.42 ? 59  TYR A O   1 
ATOM   456 C CB  . TYR A 1 59 ? 5.477   -7.436  -0.558  1.00 13.63 ? 59  TYR A CB  1 
ATOM   457 C CG  . TYR A 1 59 ? 5.573   -8.862  -0.097  1.00 17.47 ? 59  TYR A CG  1 
ATOM   458 C CD1 . TYR A 1 59 ? 5.282   -9.907  -0.966  1.00 22.83 ? 59  TYR A CD1 1 
ATOM   459 C CD2 . TYR A 1 59 ? 5.975   -9.174  1.191   1.00 20.53 ? 59  TYR A CD2 1 
ATOM   460 C CE1 . TYR A 1 59 ? 5.372   -11.217 -0.556  1.00 24.57 ? 59  TYR A CE1 1 
ATOM   461 C CE2 . TYR A 1 59 ? 6.070   -10.498 1.609   1.00 22.14 ? 59  TYR A CE2 1 
ATOM   462 C CZ  . TYR A 1 59 ? 5.760   -11.506 0.731   1.00 28.30 ? 59  TYR A CZ  1 
ATOM   463 O OH  . TYR A 1 59 ? 5.849   -12.822 1.132   1.00 25.75 ? 59  TYR A OH  1 
ATOM   464 N N   . ASN A 1 60 ? 2.234   -7.923  0.550   1.00 13.20 ? 60  ASN A N   1 
ATOM   465 C CA  . ASN A 1 60 ? 1.501   -8.176  1.777   1.00 13.50 ? 60  ASN A CA  1 
ATOM   466 C C   . ASN A 1 60 ? 2.258   -9.237  2.570   1.00 15.19 ? 60  ASN A C   1 
ATOM   467 O O   . ASN A 1 60 ? 2.235   -10.421 2.218   1.00 16.40 ? 60  ASN A O   1 
ATOM   468 C CB  . ASN A 1 60 ? 0.083   -8.626  1.442   1.00 15.77 ? 60  ASN A CB  1 
ATOM   469 C CG  . ASN A 1 60 ? -0.815  -8.698  2.653   1.00 14.71 ? 60  ASN A CG  1 
ATOM   470 O OD1 . ASN A 1 60 ? -0.378  -9.057  3.745   1.00 14.88 ? 60  ASN A OD1 1 
ATOM   471 N ND2 . ASN A 1 60 ? -2.094  -8.377  2.459   1.00 13.76 ? 60  ASN A ND2 1 
ATOM   472 N N   . GLU A 1 61 ? 2.957   -8.795  3.612   1.00 12.62 ? 61  GLU A N   1 
ATOM   473 C CA  . GLU A 1 61 ? 3.837   -9.667  4.385   1.00 13.44 ? 61  GLU A CA  1 
ATOM   474 C C   . GLU A 1 61 ? 2.997   -10.726 5.086   1.00 17.00 ? 61  GLU A C   1 
ATOM   475 O O   . GLU A 1 61 ? 3.450   -11.837 5.370   1.00 17.34 ? 61  GLU A O   1 
ATOM   476 C CB  . GLU A 1 61 ? 4.581   -8.842  5.439   1.00 14.58 ? 61  GLU A CB  1 
ATOM   477 C CG  . GLU A 1 61 ? 5.461   -7.730  4.866   1.00 17.85 ? 61  GLU A CG  1 
ATOM   478 C CD  . GLU A 1 61 ? 6.841   -8.215  4.458   1.00 31.56 ? 61  GLU A CD  1 
ATOM   479 O OE1 . GLU A 1 61 ? 7.077   -9.443  4.504   1.00 31.37 ? 61  GLU A OE1 1 
ATOM   480 O OE2 . GLU A 1 61 ? 7.694   -7.367  4.097   1.00 30.11 ? 61  GLU A OE2 1 
ATOM   481 N N   . THR A 1 62 ? 1.767   -10.354 5.385   1.00 15.07 ? 62  THR A N   1 
ATOM   482 C CA  . THR A 1 62 ? 0.874   -11.226 6.132   1.00 15.80 ? 62  THR A CA  1 
ATOM   483 C C   . THR A 1 62 ? 0.351   -12.386 5.282   1.00 21.39 ? 62  THR A C   1 
ATOM   484 O O   . THR A 1 62 ? 0.310   -13.537 5.738   1.00 18.56 ? 62  THR A O   1 
ATOM   485 C CB  . THR A 1 62 ? -0.290  -10.425 6.754   1.00 14.42 ? 62  THR A CB  1 
ATOM   486 O OG1 . THR A 1 62 ? 0.234   -9.313  7.491   1.00 13.48 ? 62  THR A OG1 1 
ATOM   487 C CG2 . THR A 1 62 ? -1.096  -11.321 7.700   1.00 19.10 ? 62  THR A CG2 1 
ATOM   488 N N   . THR A 1 63 ? -0.018  -12.093 4.042   1.00 18.47 ? 63  THR A N   1 
ATOM   489 C CA  . THR A 1 63 ? -0.563  -13.102 3.142   1.00 20.00 ? 63  THR A CA  1 
ATOM   490 C C   . THR A 1 63 ? 0.458   -13.697 2.169   1.00 21.75 ? 63  THR A C   1 
ATOM   491 O O   . THR A 1 63 ? 0.209   -14.752 1.569   1.00 20.13 ? 63  THR A O   1 
ATOM   492 C CB  . THR A 1 63 ? -1.697  -12.524 2.289   1.00 19.83 ? 63  THR A CB  1 
ATOM   493 O OG1 . THR A 1 63 ? -1.154  -11.509 1.442   1.00 17.32 ? 63  THR A OG1 1 
ATOM   494 C CG2 . THR A 1 63 ? -2.791  -11.924 3.163   1.00 20.32 ? 63  THR A CG2 1 
ATOM   495 N N   . GLY A 1 64 ? 1.582   -13.012 1.980   1.00 19.22 ? 64  GLY A N   1 
ATOM   496 C CA  . GLY A 1 64 ? 2.576   -13.448 1.011   1.00 20.94 ? 64  GLY A CA  1 
ATOM   497 C C   . GLY A 1 64 ? 2.254   -13.102 -0.439  1.00 22.90 ? 64  GLY A C   1 
ATOM   498 O O   . GLY A 1 64 ? 2.937   -13.564 -1.372  1.00 21.77 ? 64  GLY A O   1 
ATOM   499 N N   . GLU A 1 65 ? 1.240   -12.264 -0.641  1.00 18.46 ? 65  GLU A N   1 
ATOM   500 C CA  . GLU A 1 65 ? 0.829   -11.875 -1.997  1.00 19.17 ? 65  GLU A CA  1 
ATOM   501 C C   . GLU A 1 65 ? 1.292   -10.472 -2.341  1.00 20.31 ? 65  GLU A C   1 
ATOM   502 O O   . GLU A 1 65 ? 1.360   -9.617  -1.484  1.00 17.60 ? 65  GLU A O   1 
ATOM   503 C CB  . GLU A 1 65 ? -0.688  -11.954 -2.128  1.00 19.54 ? 65  GLU A CB  1 
ATOM   504 C CG  . GLU A 1 65 ? -1.176  -13.393 -1.950  1.00 23.99 ? 65  GLU A CG  1 
ATOM   505 C CD  . GLU A 1 65 ? -2.673  -13.524 -1.963  1.00 31.90 ? 65  GLU A CD  1 
ATOM   506 O OE1 . GLU A 1 65 ? -3.373  -12.584 -1.526  1.00 26.20 ? 65  GLU A OE1 1 
ATOM   507 O OE2 . GLU A 1 65 ? -3.152  -14.594 -2.395  1.00 28.46 ? 65  GLU A OE2 1 
ATOM   508 N N   . ARG A 1 66 ? 1.583   -10.239 -3.615  1.00 17.83 ? 66  ARG A N   1 
ATOM   509 C CA  . ARG A 1 66 ? 2.021   -8.914  -4.040  1.00 15.47 ? 66  ARG A CA  1 
ATOM   510 C C   . ARG A 1 66 ? 1.073   -8.358  -5.080  1.00 15.45 ? 66  ARG A C   1 
ATOM   511 O O   . ARG A 1 66 ? 0.571   -9.095  -5.926  1.00 17.02 ? 66  ARG A O   1 
ATOM   512 C CB  . ARG A 1 66 ? 3.450   -8.999  -4.605  1.00 14.68 ? 66  ARG A CB  1 
ATOM   513 C CG  . ARG A 1 66 ? 3.954   -7.678  -5.167  1.00 19.03 ? 66  ARG A CG  1 
ATOM   514 C CD  . ARG A 1 66 ? 5.336   -7.820  -5.801  1.00 22.44 ? 66  ARG A CD  1 
ATOM   515 N NE  . ARG A 1 66 ? 6.304   -8.486  -4.924  1.00 26.55 ? 66  ARG A NE  1 
ATOM   516 C CZ  . ARG A 1 66 ? 7.056   -7.866  -4.023  1.00 32.40 ? 66  ARG A CZ  1 
ATOM   517 N NH1 . ARG A 1 66 ? 6.953   -6.549  -3.847  1.00 33.40 ? 66  ARG A NH1 1 
ATOM   518 N NH2 . ARG A 1 66 ? 7.907   -8.568  -3.287  1.00 36.09 ? 66  ARG A NH2 1 
ATOM   519 N N   . GLY A 1 67 ? 0.808   -7.054  -5.024  1.00 13.75 ? 67  GLY A N   1 
ATOM   520 C CA  . GLY A 1 67 ? -0.054  -6.440  -6.017  1.00 15.68 ? 67  GLY A CA  1 
ATOM   521 C C   . GLY A 1 67 ? -0.516  -5.054  -5.615  1.00 14.63 ? 67  GLY A C   1 
ATOM   522 O O   . GLY A 1 67 ? 0.048   -4.434  -4.712  1.00 14.96 ? 67  GLY A O   1 
ATOM   523 N N   . ASP A 1 68 ? -1.547  -4.574  -6.294  1.00 16.11 ? 68  ASP A N   1 
ATOM   524 C CA  . ASP A 1 68 ? -2.058  -3.228  -6.079  1.00 12.40 ? 68  ASP A CA  1 
ATOM   525 C C   . ASP A 1 68 ? -3.109  -3.200  -4.970  1.00 14.62 ? 68  ASP A C   1 
ATOM   526 O O   . ASP A 1 68 ? -3.911  -4.143  -4.820  1.00 15.70 ? 68  ASP A O   1 
ATOM   527 C CB  . ASP A 1 68 ? -2.706  -2.708  -7.373  1.00 15.40 ? 68  ASP A CB  1 
ATOM   528 C CG  . ASP A 1 68 ? -1.702  -2.480  -8.511  1.00 25.93 ? 68  ASP A CG  1 
ATOM   529 O OD1 . ASP A 1 68 ? -0.468  -2.553  -8.305  1.00 21.54 ? 68  ASP A OD1 1 
ATOM   530 O OD2 . ASP A 1 68 ? -2.177  -2.210  -9.633  1.00 27.51 ? 68  ASP A OD2 1 
ATOM   531 N N   . PHE A 1 69 ? -3.129  -2.102  -4.209  1.00 13.78 ? 69  PHE A N   1 
ATOM   532 C CA  . PHE A 1 69 ? -4.112  -1.956  -3.146  1.00 14.10 ? 69  PHE A CA  1 
ATOM   533 C C   . PHE A 1 69 ? -4.363  -0.463  -2.921  1.00 12.16 ? 69  PHE A C   1 
ATOM   534 O O   . PHE A 1 69 ? -3.506  0.363   -3.224  1.00 12.88 ? 69  PHE A O   1 
ATOM   535 C CB  . PHE A 1 69 ? -3.646  -2.668  -1.862  1.00 13.51 ? 69  PHE A CB  1 
ATOM   536 C CG  . PHE A 1 69 ? -2.365  -2.129  -1.302  1.00 12.15 ? 69  PHE A CG  1 
ATOM   537 C CD1 . PHE A 1 69 ? -2.390  -1.121  -0.353  1.00 12.96 ? 69  PHE A CD1 1 
ATOM   538 C CD2 . PHE A 1 69 ? -1.143  -2.629  -1.711  1.00 14.45 ? 69  PHE A CD2 1 
ATOM   539 C CE1 . PHE A 1 69 ? -1.227  -0.599  0.169   1.00 15.15 ? 69  PHE A CE1 1 
ATOM   540 C CE2 . PHE A 1 69 ? 0.037   -2.109  -1.183  1.00 12.46 ? 69  PHE A CE2 1 
ATOM   541 C CZ  . PHE A 1 69 ? -0.008  -1.096  -0.240  1.00 14.46 ? 69  PHE A CZ  1 
ATOM   542 N N   . PRO A 1 70 ? -5.539  -0.115  -2.399  1.00 12.50 ? 70  PRO A N   1 
ATOM   543 C CA  . PRO A 1 70 ? -5.865  1.312   -2.304  1.00 11.94 ? 70  PRO A CA  1 
ATOM   544 C C   . PRO A 1 70 ? -5.205  1.936   -1.092  1.00 9.83  ? 70  PRO A C   1 
ATOM   545 O O   . PRO A 1 70 ? -5.342  1.418   0.023   1.00 12.95 ? 70  PRO A O   1 
ATOM   546 C CB  . PRO A 1 70 ? -7.394  1.322   -2.139  1.00 14.38 ? 70  PRO A CB  1 
ATOM   547 C CG  . PRO A 1 70 ? -7.764  -0.046  -1.704  1.00 17.52 ? 70  PRO A CG  1 
ATOM   548 C CD  . PRO A 1 70 ? -6.666  -0.994  -2.053  1.00 16.53 ? 70  PRO A CD  1 
ATOM   549 N N   . GLY A 1 71 ? -4.496  3.046   -1.307  1.00 10.59 ? 71  GLY A N   1 
ATOM   550 C CA  . GLY A 1 71 ? -3.739  3.678   -0.234  1.00 11.60 ? 71  GLY A CA  1 
ATOM   551 C C   . GLY A 1 71 ? -4.600  4.253   0.872   1.00 10.83 ? 71  GLY A C   1 
ATOM   552 O O   . GLY A 1 71 ? -4.143  4.430   1.985   1.00 11.13 ? 71  GLY A O   1 
ATOM   553 N N   . THR A 1 72 ? -5.863  4.550   0.572   1.00 10.22 ? 72  THR A N   1 
ATOM   554 C CA  . THR A 1 72 ? -6.772  5.078   1.584   1.00 9.84  ? 72  THR A CA  1 
ATOM   555 C C   . THR A 1 72 ? -7.157  3.997   2.616   1.00 11.96 ? 72  THR A C   1 
ATOM   556 O O   . THR A 1 72 ? -7.718  4.313   3.673   1.00 13.69 ? 72  THR A O   1 
ATOM   557 C CB  . THR A 1 72 ? -8.080  5.588   0.934   1.00 12.93 ? 72  THR A CB  1 
ATOM   558 O OG1 . THR A 1 72 ? -8.563  4.603   0.006   1.00 12.99 ? 72  THR A OG1 1 
ATOM   559 C CG2 . THR A 1 72 ? -7.843  6.901   0.196   1.00 13.76 ? 72  THR A CG2 1 
ATOM   560 N N   . TYR A 1 73 ? -6.849  2.730   2.315   1.00 10.90 ? 73  TYR A N   1 
ATOM   561 C CA  . TYR A 1 73 ? -7.247  1.630   3.207   1.00 10.26 ? 73  TYR A CA  1 
ATOM   562 C C   . TYR A 1 73 ? -6.154  1.297   4.202   1.00 12.38 ? 73  TYR A C   1 
ATOM   563 O O   . TYR A 1 73 ? -6.318  0.379   5.012   1.00 11.54 ? 73  TYR A O   1 
ATOM   564 C CB  . TYR A 1 73 ? -7.555  0.352   2.408   1.00 11.83 ? 73  TYR A CB  1 
ATOM   565 C CG  . TYR A 1 73 ? -8.936  0.292   1.805   1.00 13.20 ? 73  TYR A CG  1 
ATOM   566 C CD1 . TYR A 1 73 ? -9.462  1.368   1.090   1.00 11.41 ? 73  TYR A CD1 1 
ATOM   567 C CD2 . TYR A 1 73 ? -9.694  -0.859  1.922   1.00 12.32 ? 73  TYR A CD2 1 
ATOM   568 C CE1 . TYR A 1 73 ? -10.752 1.289   0.534   1.00 14.35 ? 73  TYR A CE1 1 
ATOM   569 C CE2 . TYR A 1 73 ? -10.961 -0.954  1.362   1.00 15.88 ? 73  TYR A CE2 1 
ATOM   570 C CZ  . TYR A 1 73 ? -11.476 0.116   0.668   1.00 16.96 ? 73  TYR A CZ  1 
ATOM   571 O OH  . TYR A 1 73 ? -12.744 -0.017  0.137   1.00 21.07 ? 73  TYR A OH  1 
ATOM   572 N N   . VAL A 1 74 ? -5.032  2.018   4.134   1.00 10.31 ? 74  VAL A N   1 
ATOM   573 C CA  . VAL A 1 74 ? -3.882  1.673   4.983   1.00 8.94  ? 74  VAL A CA  1 
ATOM   574 C C   . VAL A 1 74 ? -3.322  2.882   5.727   1.00 11.59 ? 74  VAL A C   1 
ATOM   575 O O   . VAL A 1 74 ? -3.603  4.036   5.363   1.00 12.62 ? 74  VAL A O   1 
ATOM   576 C CB  . VAL A 1 74 ? -2.726  0.989   4.179   1.00 10.38 ? 74  VAL A CB  1 
ATOM   577 C CG1 . VAL A 1 74 ? -3.266  -0.193  3.346   1.00 11.91 ? 74  VAL A CG1 1 
ATOM   578 C CG2 . VAL A 1 74 ? -2.007  2.013   3.282   1.00 9.52  ? 74  VAL A CG2 1 
ATOM   579 N N   . GLU A 1 75 ? -2.557  2.601   6.784   1.00 10.27 ? 75  GLU A N   1 
ATOM   580 C CA  . GLU A 1 75 ? -1.875  3.624   7.586   1.00 8.85  ? 75  GLU A CA  1 
ATOM   581 C C   . GLU A 1 75 ? -0.374  3.376   7.511   1.00 10.96 ? 75  GLU A C   1 
ATOM   582 O O   . GLU A 1 75 ? 0.061   2.240   7.652   1.00 11.86 ? 75  GLU A O   1 
ATOM   583 C CB  . GLU A 1 75 ? -2.320  3.466   9.054   1.00 16.09 ? 75  GLU A CB  1 
ATOM   584 C CG  . GLU A 1 75 ? -1.784  4.526   9.996   1.00 20.75 ? 75  GLU A CG  1 
ATOM   585 C CD  . GLU A 1 75 ? -2.536  4.566   11.321  1.00 33.47 ? 75  GLU A CD  1 
ATOM   586 O OE1 . GLU A 1 75 ? -2.868  3.490   11.862  1.00 21.85 ? 75  GLU A OE1 1 
ATOM   587 O OE2 . GLU A 1 75 ? -2.791  5.681   11.821  1.00 42.48 ? 75  GLU A OE2 1 
ATOM   588 N N   . TYR A 1 76 ? 0.422   4.432   7.303   1.00 9.48  ? 76  TYR A N   1 
ATOM   589 C CA  . TYR A 1 76 ? 1.874   4.341   7.342   1.00 7.81  ? 76  TYR A CA  1 
ATOM   590 C C   . TYR A 1 76 ? 2.348   4.030   8.760   1.00 11.53 ? 76  TYR A C   1 
ATOM   591 O O   . TYR A 1 76 ? 1.914   4.687   9.724   1.00 12.11 ? 76  TYR A O   1 
ATOM   592 C CB  . TYR A 1 76 ? 2.473   5.684   6.914   1.00 10.07 ? 76  TYR A CB  1 
ATOM   593 C CG  . TYR A 1 76 ? 3.987   5.727   6.929   1.00 11.29 ? 76  TYR A CG  1 
ATOM   594 C CD1 . TYR A 1 76 ? 4.734   4.994   6.010   1.00 13.30 ? 76  TYR A CD1 1 
ATOM   595 C CD2 . TYR A 1 76 ? 4.668   6.535   7.830   1.00 14.13 ? 76  TYR A CD2 1 
ATOM   596 C CE1 . TYR A 1 76 ? 6.102   5.046   5.997   1.00 12.27 ? 76  TYR A CE1 1 
ATOM   597 C CE2 . TYR A 1 76 ? 6.064   6.591   7.815   1.00 14.96 ? 76  TYR A CE2 1 
ATOM   598 C CZ  . TYR A 1 76 ? 6.763   5.851   6.903   1.00 16.77 ? 76  TYR A CZ  1 
ATOM   599 O OH  . TYR A 1 76 ? 8.144   5.879   6.867   1.00 16.47 ? 76  TYR A OH  1 
ATOM   600 N N   . ILE A 1 77 ? 3.240   3.050   8.891   1.00 9.25  ? 77  ILE A N   1 
ATOM   601 C CA  . ILE A 1 77 ? 3.747   2.693   10.224  1.00 10.24 ? 77  ILE A CA  1 
ATOM   602 C C   . ILE A 1 77 ? 5.258   2.818   10.393  1.00 13.08 ? 77  ILE A C   1 
ATOM   603 O O   . ILE A 1 77 ? 5.777   2.678   11.503  1.00 13.80 ? 77  ILE A O   1 
ATOM   604 C CB  . ILE A 1 77 ? 3.268   1.293   10.686  1.00 10.25 ? 77  ILE A CB  1 
ATOM   605 C CG1 . ILE A 1 77 ? 3.799   0.205   9.757   1.00 10.73 ? 77  ILE A CG1 1 
ATOM   606 C CG2 . ILE A 1 77 ? 1.731   1.249   10.801  1.00 8.36  ? 77  ILE A CG2 1 
ATOM   607 C CD1 . ILE A 1 77 ? 3.429   -1.242  10.232  1.00 10.04 ? 77  ILE A CD1 1 
ATOM   608 N N   . GLY A 1 78 ? 5.970   3.096   9.314   1.00 11.33 ? 78  GLY A N   1 
ATOM   609 C CA  . GLY A 1 78 ? 7.403   3.351   9.407   1.00 12.23 ? 78  GLY A CA  1 
ATOM   610 C C   . GLY A 1 78 ? 8.165   2.753   8.249   1.00 12.31 ? 78  GLY A C   1 
ATOM   611 O O   . GLY A 1 78 ? 7.573   2.406   7.227   1.00 12.65 ? 78  GLY A O   1 
ATOM   612 N N   . ARG A 1 79 ? 9.488   2.686   8.359   1.00 10.64 ? 79  ARG A N   1 
ATOM   613 C CA  . ARG A 1 79 ? 10.240  2.129   7.247   1.00 13.13 ? 79  ARG A CA  1 
ATOM   614 C C   . ARG A 1 79 ? 11.207  1.071   7.752   1.00 17.44 ? 79  ARG A C   1 
ATOM   615 O O   . ARG A 1 79 ? 11.535  1.034   8.942   1.00 18.01 ? 79  ARG A O   1 
ATOM   616 C CB  . ARG A 1 79 ? 10.961  3.239   6.471   1.00 23.00 ? 79  ARG A CB  1 
ATOM   617 C CG  . ARG A 1 79 ? 11.682  4.219   7.365   1.00 29.11 ? 79  ARG A CG  1 
ATOM   618 C CD  . ARG A 1 79 ? 11.894  5.541   6.648   1.00 37.43 ? 79  ARG A CD  1 
ATOM   619 N NE  . ARG A 1 79 ? 12.823  5.401   5.537   1.00 35.07 ? 79  ARG A NE  1 
ATOM   620 C CZ  . ARG A 1 79 ? 13.077  6.358   4.647   1.00 32.67 ? 79  ARG A CZ  1 
ATOM   621 N NH1 . ARG A 1 79 ? 12.461  7.531   4.733   1.00 28.91 ? 79  ARG A NH1 1 
ATOM   622 N NH2 . ARG A 1 79 ? 13.943  6.139   3.674   1.00 30.35 ? 79  ARG A NH2 1 
ATOM   623 N N   . LYS A 1 80 ? 11.649  0.199   6.858   1.00 15.86 ? 80  LYS A N   1 
ATOM   624 C CA  . LYS A 1 80 ? 12.609  -0.814  7.265   1.00 16.23 ? 80  LYS A CA  1 
ATOM   625 C C   . LYS A 1 80 ? 13.564  -1.121  6.136   1.00 18.26 ? 80  LYS A C   1 
ATOM   626 O O   . LYS A 1 80 ? 13.318  -0.759  4.981   1.00 17.41 ? 80  LYS A O   1 
ATOM   627 C CB  . LYS A 1 80 ? 11.896  -2.088  7.716   1.00 16.33 ? 80  LYS A CB  1 
ATOM   628 C CG  . LYS A 1 80 ? 11.109  -2.770  6.626   1.00 21.00 ? 80  LYS A CG  1 
ATOM   629 C CD  . LYS A 1 80 ? 10.788  -4.192  7.037   1.00 21.88 ? 80  LYS A CD  1 
ATOM   630 C CE  . LYS A 1 80 ? 9.967   -4.901  5.986   1.00 22.76 ? 80  LYS A CE  1 
ATOM   631 N NZ  . LYS A 1 80 ? 9.651   -6.318  6.395   1.00 24.64 ? 80  LYS A NZ  1 
ATOM   632 N N   . LYS A 1 81 ? 14.672  -1.780  6.471   1.00 17.59 ? 81  LYS A N   1 
ATOM   633 C CA  . LYS A 1 81 ? 15.528  -2.366  5.458   1.00 16.84 ? 81  LYS A CA  1 
ATOM   634 C C   . LYS A 1 81 ? 14.892  -3.633  4.883   1.00 21.96 ? 81  LYS A C   1 
ATOM   635 O O   . LYS A 1 81 ? 14.316  -4.432  5.613   1.00 25.69 ? 81  LYS A O   1 
ATOM   636 C CB  . LYS A 1 81 ? 16.915  -2.683  6.047   1.00 24.57 ? 81  LYS A CB  1 
ATOM   637 N N   . ILE A 1 82 ? 14.987  -3.803  3.567   1.00 25.05 ? 82  ILE A N   1 
ATOM   638 C CA  . ILE A 1 82 ? 14.477  -5.012  2.920   1.00 29.03 ? 82  ILE A CA  1 
ATOM   639 C C   . ILE A 1 82 ? 15.622  -5.779  2.253   1.00 38.29 ? 82  ILE A C   1 
ATOM   640 O O   . ILE A 1 82 ? 16.557  -5.172  1.723   1.00 34.79 ? 82  ILE A O   1 
ATOM   641 C CB  . ILE A 1 82 ? 13.385  -4.707  1.869   1.00 27.23 ? 82  ILE A CB  1 
ATOM   642 C CG1 . ILE A 1 82 ? 13.924  -3.810  0.757   1.00 30.79 ? 82  ILE A CG1 1 
ATOM   643 C CG2 . ILE A 1 82 ? 12.173  -4.060  2.517   1.00 24.73 ? 82  ILE A CG2 1 
ATOM   644 C CD1 . ILE A 1 82 ? 12.850  -3.381  -0.263  1.00 33.65 ? 82  ILE A CD1 1 
ATOM   645 N N   . LYS B 2 3  ? -5.788  8.594   -13.455 1.00 62.54 ? 3   LYS B N   1 
ATOM   646 C CA  . LYS B 2 3  ? -5.589  7.663   -12.346 1.00 58.02 ? 3   LYS B CA  1 
ATOM   647 C C   . LYS B 2 3  ? -6.819  6.779   -12.131 1.00 51.42 ? 3   LYS B C   1 
ATOM   648 O O   . LYS B 2 3  ? -7.958  7.230   -12.259 1.00 50.91 ? 3   LYS B O   1 
ATOM   649 C CB  . LYS B 2 3  ? -5.269  8.424   -11.058 1.00 56.65 ? 3   LYS B CB  1 
ATOM   650 C CG  . LYS B 2 3  ? -4.207  9.500   -11.214 1.00 60.58 ? 3   LYS B CG  1 
ATOM   651 C CD  . LYS B 2 3  ? -4.502  10.698  -10.314 1.00 62.46 ? 3   LYS B CD  1 
ATOM   652 C CE  . LYS B 2 3  ? -4.408  10.345  -8.834  1.00 63.76 ? 3   LYS B CE  1 
ATOM   653 N NZ  . LYS B 2 3  ? -3.002  10.285  -8.358  1.00 63.57 ? 3   LYS B NZ  1 
ATOM   654 N N   . ARG B 2 4  ? -6.578  5.511   -11.816 1.00 38.00 ? 4   ARG B N   1 
ATOM   655 C CA  . ARG B 2 4  ? -7.644  4.598   -11.438 1.00 34.24 ? 4   ARG B CA  1 
ATOM   656 C C   . ARG B 2 4  ? -8.368  5.128   -10.206 1.00 28.73 ? 4   ARG B C   1 
ATOM   657 O O   . ARG B 2 4  ? -7.732  5.487   -9.222  1.00 24.00 ? 4   ARG B O   1 
ATOM   658 C CB  . ARG B 2 4  ? -7.052  3.227   -11.128 1.00 34.65 ? 4   ARG B CB  1 
ATOM   659 C CG  . ARG B 2 4  ? -8.062  2.205   -10.670 1.00 27.23 ? 4   ARG B CG  1 
ATOM   660 C CD  . ARG B 2 4  ? -7.362  0.905   -10.345 1.00 22.17 ? 4   ARG B CD  1 
ATOM   661 N NE  . ARG B 2 4  ? -8.302  -0.096  -9.846  1.00 24.34 ? 4   ARG B NE  1 
ATOM   662 C CZ  . ARG B 2 4  ? -7.932  -1.250  -9.307  1.00 26.88 ? 4   ARG B CZ  1 
ATOM   663 N NH1 . ARG B 2 4  ? -6.637  -1.542  -9.195  1.00 25.58 ? 4   ARG B NH1 1 
ATOM   664 N NH2 . ARG B 2 4  ? -8.848  -2.115  -8.884  1.00 24.85 ? 4   ARG B NH2 1 
ATOM   665 N N   . PRO B 2 5  ? -9.707  5.198   -10.263 1.00 24.41 ? 5   PRO B N   1 
ATOM   666 C CA  . PRO B 2 5  ? -10.471 5.701   -9.123  1.00 25.56 ? 5   PRO B CA  1 
ATOM   667 C C   . PRO B 2 5  ? -10.280 4.827   -7.887  1.00 23.78 ? 5   PRO B C   1 
ATOM   668 O O   . PRO B 2 5  ? -10.182 3.610   -7.999  1.00 21.63 ? 5   PRO B O   1 
ATOM   669 C CB  . PRO B 2 5  ? -11.927 5.611   -9.611  1.00 30.06 ? 5   PRO B CB  1 
ATOM   670 C CG  . PRO B 2 5  ? -11.881 4.683   -10.794 1.00 37.74 ? 5   PRO B CG  1 
ATOM   671 C CD  . PRO B 2 5  ? -10.571 4.976   -11.433 1.00 30.22 ? 5   PRO B CD  1 
ATOM   672 N N   . LEU B 2 6  ? -10.238 5.452   -6.719  1.00 21.12 ? 6   LEU B N   1 
ATOM   673 C CA  . LEU B 2 6  ? -10.168 4.705   -5.465  1.00 18.79 ? 6   LEU B CA  1 
ATOM   674 C C   . LEU B 2 6  ? -11.553 4.249   -5.071  1.00 21.97 ? 6   LEU B C   1 
ATOM   675 O O   . LEU B 2 6  ? -12.529 4.975   -5.293  1.00 23.73 ? 6   LEU B O   1 
ATOM   676 C CB  . LEU B 2 6  ? -9.665  5.604   -4.361  1.00 15.18 ? 6   LEU B CB  1 
ATOM   677 C CG  . LEU B 2 6  ? -8.176  5.913   -4.448  1.00 18.28 ? 6   LEU B CG  1 
ATOM   678 C CD1 . LEU B 2 6  ? -7.844  7.110   -3.590  1.00 17.84 ? 6   LEU B CD1 1 
ATOM   679 C CD2 . LEU B 2 6  ? -7.401  4.688   -4.006  1.00 18.97 ? 6   LEU B CD2 1 
ATOM   680 N N   . PRO B 2 7  ? -11.652 3.064   -4.456  1.00 17.52 ? 7   PRO B N   1 
ATOM   681 C CA  . PRO B 2 7  ? -12.959 2.675   -3.934  1.00 17.83 ? 7   PRO B CA  1 
ATOM   682 C C   . PRO B 2 7  ? -13.219 3.459   -2.650  1.00 21.14 ? 7   PRO B C   1 
ATOM   683 O O   . PRO B 2 7  ? -12.273 3.867   -1.987  1.00 18.67 ? 7   PRO B O   1 
ATOM   684 C CB  . PRO B 2 7  ? -12.765 1.189   -3.644  1.00 26.88 ? 7   PRO B CB  1 
ATOM   685 C CG  . PRO B 2 7  ? -11.354 1.129   -3.173  1.00 25.83 ? 7   PRO B CG  1 
ATOM   686 C CD  . PRO B 2 7  ? -10.628 2.045   -4.155  1.00 23.36 ? 7   PRO B CD  1 
ATOM   687 N N   . PRO B 2 8  ? -14.492 3.701   -2.317  1.00 16.66 ? 8   PRO B N   1 
ATOM   688 C CA  . PRO B 2 8  ? -14.794 4.289   -1.017  1.00 16.84 ? 8   PRO B CA  1 
ATOM   689 C C   . PRO B 2 8  ? -14.393 3.316   0.092   1.00 20.12 ? 8   PRO B C   1 
ATOM   690 O O   . PRO B 2 8  ? -14.289 2.096   -0.145  1.00 19.34 ? 8   PRO B O   1 
ATOM   691 C CB  . PRO B 2 8  ? -16.321 4.443   -1.053  1.00 22.42 ? 8   PRO B CB  1 
ATOM   692 C CG  . PRO B 2 8  ? -16.756 3.382   -2.031  1.00 32.49 ? 8   PRO B CG  1 
ATOM   693 C CD  . PRO B 2 8  ? -15.714 3.457   -3.100  1.00 21.57 ? 8   PRO B CD  1 
ATOM   694 N N   . LEU B 2 9  ? -14.137 3.851   1.282   1.00 18.67 ? 9   LEU B N   1 
ATOM   695 C CA  . LEU B 2 9  ? -13.909 2.998   2.440   1.00 21.67 ? 9   LEU B CA  1 
ATOM   696 C C   . LEU B 2 9  ? -15.149 2.162   2.714   1.00 22.63 ? 9   LEU B C   1 
ATOM   697 O O   . LEU B 2 9  ? -16.276 2.610   2.475   1.00 25.65 ? 9   LEU B O   1 
ATOM   698 C CB  . LEU B 2 9  ? -13.561 3.828   3.676   1.00 17.41 ? 9   LEU B CB  1 
ATOM   699 C CG  . LEU B 2 9  ? -12.250 4.604   3.652   1.00 19.02 ? 9   LEU B CG  1 
ATOM   700 C CD1 . LEU B 2 9  ? -12.109 5.356   4.976   1.00 23.74 ? 9   LEU B CD1 1 
ATOM   701 C CD2 . LEU B 2 9  ? -11.058 3.699   3.381   1.00 16.59 ? 9   LEU B CD2 1 
ATOM   702 N N   . PRO B 2 10 ? -14.951 0.932   3.208   1.00 17.73 ? 10  PRO B N   1 
ATOM   703 C CA  . PRO B 2 10 ? -16.097 0.069   3.512   1.00 27.57 ? 10  PRO B CA  1 
ATOM   704 C C   . PRO B 2 10 ? -16.763 0.530   4.796   1.00 40.24 ? 10  PRO B C   1 
ATOM   705 O O   . PRO B 2 10 ? -16.194 1.366   5.510   1.00 42.00 ? 10  PRO B O   1 
ATOM   706 C CB  . PRO B 2 10 ? -15.452 -1.306  3.728   1.00 31.50 ? 10  PRO B CB  1 
ATOM   707 C CG  . PRO B 2 10 ? -14.046 -0.985  4.139   1.00 30.26 ? 10  PRO B CG  1 
ATOM   708 C CD  . PRO B 2 10 ? -13.682 0.194   3.288   1.00 19.34 ? 10  PRO B CD  1 
ATOM   709 N N   . SER B 2 11 ? -17.934 -0.032  5.081   1.00 48.73 ? 11  SER B N   1 
ATOM   710 C CA  . SER B 2 11 ? -18.755 0.352   6.226   1.00 62.31 ? 11  SER B CA  1 
ATOM   711 C C   . SER B 2 11 ? -19.658 1.524   5.859   1.00 63.49 ? 11  SER B C   1 
ATOM   712 O O   . SER B 2 11 ? -20.830 1.548   6.220   1.00 70.25 ? 11  SER B O   1 
ATOM   713 C CB  . SER B 2 11 ? -17.895 0.689   7.450   1.00 61.92 ? 11  SER B CB  1 
ATOM   714 O OG  . SER B 2 11 ? -18.682 1.197   8.515   1.00 62.57 ? 11  SER B OG  1 
HETATM 715 O O   . HOH C 3 .  ? -11.019 5.503   -0.264  1.00 15.89 ? 84  HOH A O   1 
HETATM 716 O O   . HOH C 3 .  ? -4.653  -12.038 6.737   1.00 18.29 ? 85  HOH A O   1 
HETATM 717 O O   . HOH C 3 .  ? -3.107  -10.294 -0.004  1.00 18.09 ? 86  HOH A O   1 
HETATM 718 O O   . HOH C 3 .  ? 6.465   -1.915  -3.927  1.00 17.36 ? 87  HOH A O   1 
HETATM 719 O O   . HOH C 3 .  ? -7.984  -9.069  11.283  1.00 25.49 ? 88  HOH A O   1 
HETATM 720 O O   . HOH C 3 .  ? -2.312  1.023   12.048  1.00 20.67 ? 89  HOH A O   1 
HETATM 721 O O   . HOH C 3 .  ? -5.264  -13.075 0.489   1.00 25.79 ? 90  HOH A O   1 
HETATM 722 O O   . HOH C 3 .  ? -5.173  -11.466 -3.152  1.00 24.61 ? 91  HOH A O   1 
HETATM 723 O O   . HOH C 3 .  ? 5.086   -15.006 -0.774  1.00 30.49 ? 92  HOH A O   1 
HETATM 724 O O   . HOH C 3 .  ? -4.378  -9.464  9.364   1.00 21.51 ? 93  HOH A O   1 
HETATM 725 O O   . HOH C 3 .  ? 6.016   15.179  -4.691  1.00 27.20 ? 94  HOH A O   1 
HETATM 726 O O   . HOH C 3 .  ? 0.685   7.095   9.997   1.00 26.49 ? 95  HOH A O   1 
HETATM 727 O O   . HOH C 3 .  ? -10.735 -8.942  2.304   1.00 26.86 ? 96  HOH A O   1 
HETATM 728 O O   . HOH C 3 .  ? -14.031 -2.152  -0.690  1.00 34.73 ? 97  HOH A O   1 
HETATM 729 O O   . HOH C 3 .  ? -7.248  6.060   5.609   1.00 26.37 ? 98  HOH A O   1 
HETATM 730 O O   . HOH C 3 .  ? 3.411   1.883   -5.176  1.00 30.12 ? 99  HOH A O   1 
HETATM 731 O O   . HOH C 3 .  ? -3.938  -0.046  -9.847  1.00 33.88 ? 100 HOH A O   1 
HETATM 732 O O   . HOH C 3 .  ? -5.207  3.305   13.417  1.00 43.16 ? 101 HOH A O   1 
HETATM 733 O O   . HOH C 3 .  ? -14.211 -4.443  2.334   1.00 36.86 ? 102 HOH A O   1 
HETATM 734 O O   . HOH C 3 .  ? 6.185   -0.431  -8.143  1.00 41.51 ? 103 HOH A O   1 
HETATM 735 O O   . HOH C 3 .  ? 2.346   10.121  -9.819  1.00 41.73 ? 104 HOH A O   1 
HETATM 736 O O   . HOH C 3 .  ? -13.827 -4.605  -0.992  1.00 29.39 ? 105 HOH A O   1 
HETATM 737 O O   . HOH C 3 .  ? -0.690  7.140   7.423   1.00 15.45 ? 106 HOH A O   1 
HETATM 738 O O   . HOH C 3 .  ? -13.063 -3.542  6.918   1.00 38.32 ? 107 HOH A O   1 
HETATM 739 O O   . HOH C 3 .  ? -8.880  6.114   7.621   1.00 30.54 ? 108 HOH A O   1 
HETATM 740 O O   . HOH C 3 .  ? -4.920  -14.789 2.487   1.00 38.53 ? 109 HOH A O   1 
HETATM 741 O O   . HOH C 3 .  ? -4.314  6.563   5.976   1.00 25.80 ? 110 HOH A O   1 
HETATM 742 O O   . HOH C 3 .  ? 4.044   -12.616 -4.017  1.00 19.36 ? 111 HOH A O   1 
HETATM 743 O O   . HOH C 3 .  ? 5.961   -4.322  -5.123  1.00 31.79 ? 112 HOH A O   1 
HETATM 744 O O   . HOH C 3 .  ? -0.478  -8.936  10.479  1.00 22.19 ? 113 HOH A O   1 
HETATM 745 O O   . HOH C 3 .  ? 11.088  9.094   2.086   1.00 25.62 ? 114 HOH A O   1 
HETATM 746 O O   . HOH C 3 .  ? 9.265   6.729   9.778   1.00 33.81 ? 115 HOH A O   1 
HETATM 747 O O   . HOH C 3 .  ? 6.156   -4.288  6.377   1.00 32.14 ? 116 HOH A O   1 
HETATM 748 O O   . HOH C 3 .  ? -1.633  10.330  6.813   1.00 28.12 ? 117 HOH A O   1 
HETATM 749 O O   . HOH C 3 .  ? 17.446  4.614   0.574   1.00 31.91 ? 118 HOH A O   1 
HETATM 750 O O   . HOH C 3 .  ? 0.043   -10.755 -14.196 1.00 35.15 ? 119 HOH A O   1 
HETATM 751 O O   . HOH C 3 .  ? 9.512   8.215   5.937   1.00 32.97 ? 120 HOH A O   1 
HETATM 752 O O   . HOH C 3 .  ? -3.585  6.006   -8.015  1.00 31.81 ? 121 HOH A O   1 
HETATM 753 O O   . HOH C 3 .  ? 5.783   -12.816 4.238   1.00 39.92 ? 122 HOH A O   1 
HETATM 754 O O   . HOH C 3 .  ? 4.818   -11.898 8.030   0.50 35.31 ? 123 HOH A O   1 
HETATM 755 O O   . HOH C 3 .  ? -4.264  6.717   8.800   1.00 37.72 ? 124 HOH A O   1 
HETATM 756 O O   . HOH C 3 .  ? -2.199  13.774  -3.985  1.00 42.56 ? 125 HOH A O   1 
HETATM 757 O O   . HOH C 3 .  ? 4.744   -16.519 1.983   1.00 47.37 ? 126 HOH A O   1 
HETATM 758 O O   . HOH C 3 .  ? -2.129  -16.373 2.010   1.00 34.76 ? 127 HOH A O   1 
HETATM 759 O O   . HOH C 3 .  ? -1.049  -11.028 -6.839  1.00 33.65 ? 128 HOH A O   1 
HETATM 760 O O   . HOH C 3 .  ? -3.968  -11.393 -5.573  1.00 39.34 ? 129 HOH A O   1 
HETATM 761 O O   . HOH C 3 .  ? -6.704  6.538   10.106  1.00 41.96 ? 130 HOH A O   1 
HETATM 762 O O   . HOH C 3 .  ? -8.072  -8.118  -14.351 1.00 36.84 ? 131 HOH A O   1 
HETATM 763 O O   . HOH C 3 .  ? -13.519 -4.701  -4.133  1.00 44.53 ? 133 HOH A O   1 
HETATM 764 O O   . HOH C 3 .  ? 8.614   -10.920 -1.155  1.00 42.44 ? 134 HOH A O   1 
HETATM 765 O O   . HOH C 3 .  ? 14.819  -4.028  -3.800  1.00 34.88 ? 135 HOH A O   1 
HETATM 766 O O   . HOH C 3 .  ? -5.209  -14.252 5.015   1.00 39.75 ? 136 HOH A O   1 
HETATM 767 O O   . HOH C 3 .  ? -15.622 -4.328  5.678   1.00 45.62 ? 137 HOH A O   1 
HETATM 768 O O   . HOH C 3 .  ? -13.976 -1.947  -4.862  1.00 40.60 ? 138 HOH A O   1 
HETATM 769 O O   . HOH C 3 .  ? -4.813  1.513   15.090  1.00 47.25 ? 139 HOH A O   1 
HETATM 770 O O   . HOH C 3 .  ? -3.996  14.900  -2.844  1.00 40.05 ? 140 HOH A O   1 
HETATM 771 O O   . HOH C 3 .  ? -9.259  -12.936 1.305   1.00 38.37 ? 141 HOH A O   1 
HETATM 772 O O   . HOH C 3 .  ? -3.415  2.229   -11.256 1.00 50.17 ? 142 HOH A O   1 
HETATM 773 O O   . HOH C 3 .  ? 6.435   16.255  2.269   1.00 47.09 ? 143 HOH A O   1 
HETATM 774 O O   . HOH C 3 .  ? 6.395   16.082  4.883   1.00 45.76 ? 144 HOH A O   1 
HETATM 775 O O   . HOH C 3 .  ? 4.007   0.071   -9.691  1.00 53.03 ? 146 HOH A O   1 
HETATM 776 O O   . HOH C 3 .  ? 0.459   16.468  1.544   1.00 39.41 ? 147 HOH A O   1 
HETATM 777 O O   . HOH C 3 .  ? -6.952  -0.348  13.667  1.00 34.25 ? 148 HOH A O   1 
HETATM 778 O O   . HOH C 3 .  ? -2.130  11.259  -6.292  1.00 28.01 ? 149 HOH A O   1 
HETATM 779 O O   . HOH D 3 .  ? -11.103 1.098   -9.421  1.00 39.90 ? 17  HOH B O   1 
HETATM 780 O O   . HOH D 3 .  ? -13.683 7.360   -5.721  1.00 29.20 ? 41  HOH B O   1 
HETATM 781 O O   . HOH D 3 .  ? -3.823  4.961   -10.440 1.00 44.42 ? 61  HOH B O   1 
# 
loop_
_atom_site_anisotrop.id 
_atom_site_anisotrop.type_symbol 
_atom_site_anisotrop.pdbx_label_atom_id 
_atom_site_anisotrop.pdbx_label_alt_id 
_atom_site_anisotrop.pdbx_label_comp_id 
_atom_site_anisotrop.pdbx_label_asym_id 
_atom_site_anisotrop.pdbx_label_seq_id 
_atom_site_anisotrop.pdbx_PDB_ins_code 
_atom_site_anisotrop.U[1][1] 
_atom_site_anisotrop.U[2][2] 
_atom_site_anisotrop.U[3][3] 
_atom_site_anisotrop.U[1][2] 
_atom_site_anisotrop.U[1][3] 
_atom_site_anisotrop.U[2][3] 
_atom_site_anisotrop.pdbx_auth_seq_id 
_atom_site_anisotrop.pdbx_auth_comp_id 
_atom_site_anisotrop.pdbx_auth_asym_id 
_atom_site_anisotrop.pdbx_auth_atom_id 
1   N N   . SER A 2  ? 0.8445 0.8552 0.8175 0.0296  0.0562  -0.0009 2  SER A N   
2   C CA  . SER A 2  ? 0.7178 0.7448 0.7066 0.0263  0.0544  0.0012  2  SER A CA  
3   C C   . SER A 2  ? 0.6379 0.6665 0.6305 0.0306  0.0513  0.0013  2  SER A C   
4   O O   . SER A 2  ? 0.6279 0.6416 0.6107 0.0334  0.0490  -0.0002 2  SER A O   
5   C CB  . SER A 2  ? 0.6542 0.6808 0.6466 0.0171  0.0497  0.0011  2  SER A CB  
6   O OG  . SER A 2  ? 0.4782 0.5183 0.4840 0.0137  0.0473  0.0019  2  SER A OG  
7   N N   . ALA A 3  ? 0.4532 0.4997 0.4595 0.0309  0.0513  0.0035  3  ALA A N   
8   C CA  . ALA A 3  ? 0.3698 0.4207 0.3805 0.0352  0.0482  0.0047  3  ALA A CA  
9   C C   . ALA A 3  ? 0.2242 0.2738 0.2371 0.0283  0.0417  0.0040  3  ALA A C   
10  O O   . ALA A 3  ? 0.2807 0.3354 0.2972 0.0305  0.0385  0.0054  3  ALA A O   
11  C CB  . ALA A 3  ? 0.3695 0.4430 0.3942 0.0388  0.0507  0.0076  3  ALA A CB  
12  N N   . GLU A 4  ? 0.2192 0.2623 0.2291 0.0207  0.0397  0.0021  4  GLU A N   
13  C CA  . GLU A 4  ? 0.2135 0.2558 0.2252 0.0149  0.0343  0.0012  4  GLU A CA  
14  C C   . GLU A 4  ? 0.2004 0.2260 0.2019 0.0121  0.0320  -0.0004 4  GLU A C   
15  O O   . GLU A 4  ? 0.2149 0.2312 0.2090 0.0120  0.0339  -0.0014 4  GLU A O   
16  C CB  . GLU A 4  ? 0.2845 0.3383 0.3056 0.0078  0.0335  0.0004  4  GLU A CB  
17  C CG  . GLU A 4  ? 0.3788 0.4515 0.4115 0.0087  0.0352  0.0019  4  GLU A CG  
18  C CD  . GLU A 4  ? 0.4683 0.5510 0.5099 0.0004  0.0334  0.0005  4  GLU A CD  
19  O OE1 . GLU A 4  ? 0.4244 0.4980 0.4624 -0.0051 0.0316  -0.0015 4  GLU A OE1 
20  O OE2 . GLU A 4  ? 0.6385 0.7383 0.6905 -0.0005 0.0335  0.0014  4  GLU A OE2 
21  N N   . GLY A 5  ? 0.2109 0.2343 0.2121 0.0099  0.0277  -0.0005 5  GLY A N   
22  C CA  . GLY A 5  ? 0.2244 0.2350 0.2179 0.0068  0.0251  -0.0016 5  GLY A CA  
23  C C   . GLY A 5  ? 0.2005 0.2159 0.1988 0.0014  0.0218  -0.0022 5  GLY A C   
24  O O   . GLY A 5  ? 0.1897 0.2148 0.1938 0.0011  0.0205  -0.0018 5  GLY A O   
25  N N   . TYR A 6  ? 0.1325 0.1417 0.1274 -0.0023 0.0205  -0.0032 6  TYR A N   
26  C CA  . TYR A 6  ? 0.1089 0.1216 0.1073 -0.0061 0.0179  -0.0039 6  TYR A CA  
27  C C   . TYR A 6  ? 0.1487 0.1563 0.1434 -0.0065 0.0153  -0.0029 6  TYR A C   
28  O O   . TYR A 6  ? 0.1536 0.1518 0.1420 -0.0063 0.0148  -0.0026 6  TYR A O   
29  C CB  . TYR A 6  ? 0.1227 0.1320 0.1204 -0.0088 0.0181  -0.0048 6  TYR A CB  
30  C CG  . TYR A 6  ? 0.1617 0.1742 0.1626 -0.0095 0.0210  -0.0052 6  TYR A CG  
31  C CD1 . TYR A 6  ? 0.1295 0.1505 0.1377 -0.0116 0.0214  -0.0063 6  TYR A CD1 
32  C CD2 . TYR A 6  ? 0.2229 0.2297 0.2189 -0.0087 0.0234  -0.0044 6  TYR A CD2 
33  C CE1 . TYR A 6  ? 0.1791 0.2029 0.1911 -0.0136 0.0242  -0.0064 6  TYR A CE1 
34  C CE2 . TYR A 6  ? 0.2296 0.2394 0.2288 -0.0101 0.0267  -0.0038 6  TYR A CE2 
35  C CZ  . TYR A 6  ? 0.2245 0.2427 0.2322 -0.0129 0.0271  -0.0046 6  TYR A CZ  
36  O OH  . TYR A 6  ? 0.2641 0.2851 0.2755 -0.0155 0.0305  -0.0038 6  TYR A OH  
37  N N   . GLN A 7  ? 0.1365 0.1503 0.1348 -0.0076 0.0138  -0.0024 7  GLN A N   
38  C CA  . GLN A 7  ? 0.1121 0.1224 0.1075 -0.0084 0.0119  -0.0004 7  GLN A CA  
39  C C   . GLN A 7  ? 0.1260 0.1388 0.1233 -0.0120 0.0104  -0.0007 7  GLN A C   
40  O O   . GLN A 7  ? 0.1095 0.1290 0.1108 -0.0126 0.0107  -0.0024 7  GLN A O   
41  C CB  . GLN A 7  ? 0.1217 0.1381 0.1187 -0.0063 0.0117  0.0017  7  GLN A CB  
42  C CG  . GLN A 7  ? 0.1519 0.1689 0.1488 -0.0016 0.0132  0.0026  7  GLN A CG  
43  C CD  . GLN A 7  ? 0.1674 0.1917 0.1658 0.0010  0.0123  0.0054  7  GLN A CD  
44  O OE1 . GLN A 7  ? 0.1568 0.1930 0.1601 0.0009  0.0117  0.0043  7  GLN A OE1 
45  N NE2 . GLN A 7  ? 0.1797 0.1965 0.1733 0.0027  0.0120  0.0089  7  GLN A NE2 
46  N N   . TYR A 8  ? 0.1195 0.1267 0.1138 -0.0142 0.0088  0.0009  8  TYR A N   
47  C CA  . TYR A 8  ? 0.1055 0.1166 0.1024 -0.0173 0.0073  0.0014  8  TYR A CA  
48  C C   . TYR A 8  ? 0.1313 0.1419 0.1274 -0.0199 0.0062  0.0045  8  TYR A C   
49  O O   . TYR A 8  ? 0.1493 0.1514 0.1407 -0.0200 0.0060  0.0061  8  TYR A O   
50  C CB  . TYR A 8  ? 0.1235 0.1296 0.1182 -0.0188 0.0058  0.0004  8  TYR A CB  
51  C CG  . TYR A 8  ? 0.1084 0.1140 0.1032 -0.0165 0.0073  -0.0017 8  TYR A CG  
52  C CD1 . TYR A 8  ? 0.1263 0.1376 0.1256 -0.0160 0.0079  -0.0026 8  TYR A CD1 
53  C CD2 . TYR A 8  ? 0.1333 0.1326 0.1236 -0.0146 0.0088  -0.0025 8  TYR A CD2 
54  C CE1 . TYR A 8  ? 0.1022 0.1115 0.1014 -0.0147 0.0096  -0.0039 8  TYR A CE1 
55  C CE2 . TYR A 8  ? 0.1572 0.1569 0.1481 -0.0132 0.0108  -0.0036 8  TYR A CE2 
56  C CZ  . TYR A 8  ? 0.1139 0.1180 0.1092 -0.0137 0.0110  -0.0041 8  TYR A CZ  
57  O OH  . TYR A 8  ? 0.1263 0.1291 0.1219 -0.0131 0.0133  -0.0047 8  TYR A OH  
58  N N   . ARG A 9  ? 0.1142 0.1335 0.1148 -0.0219 0.0060  0.0057  9  ARG A N   
59  C CA  . ARG A 9  ? 0.1137 0.1338 0.1144 -0.0255 0.0054  0.0094  9  ARG A CA  
60  C C   . ARG A 9  ? 0.1388 0.1632 0.1434 -0.0294 0.0036  0.0099  9  ARG A C   
61  O O   . ARG A 9  ? 0.1291 0.1614 0.1382 -0.0278 0.0039  0.0085  9  ARG A O   
62  C CB  . ARG A 9  ? 0.1021 0.1317 0.1050 -0.0242 0.0075  0.0114  9  ARG A CB  
63  C CG  . ARG A 9  ? 0.1422 0.1748 0.1461 -0.0284 0.0077  0.0162  9  ARG A CG  
64  C CD  . ARG A 9  ? 0.1249 0.1668 0.1288 -0.0265 0.0101  0.0183  9  ARG A CD  
65  N NE  . ARG A 9  ? 0.1342 0.1810 0.1400 -0.0310 0.0110  0.0235  9  ARG A NE  
66  C CZ  . ARG A 9  ? 0.1588 0.2170 0.1708 -0.0329 0.0120  0.0239  9  ARG A CZ  
67  N NH1 . ARG A 9  ? 0.1812 0.2456 0.1970 -0.0298 0.0122  0.0195  9  ARG A NH1 
68  N NH2 . ARG A 9  ? 0.1748 0.2385 0.1894 -0.0376 0.0133  0.0292  9  ARG A NH2 
69  N N   . ALA A 10 ? 0.1243 0.1431 0.1272 -0.0346 0.0014  0.0121  10 ALA A N   
70  C CA  . ALA A 10 ? 0.1539 0.1789 0.1613 -0.0391 -0.0012 0.0130  10 ALA A CA  
71  C C   . ALA A 10 ? 0.1513 0.1916 0.1668 -0.0403 0.0005  0.0160  10 ALA A C   
72  O O   . ALA A 10 ? 0.1607 0.2027 0.1763 -0.0420 0.0025  0.0194  10 ALA A O   
73  C CB  . ALA A 10 ? 0.1748 0.1894 0.1781 -0.0457 -0.0044 0.0139  10 ALA A CB  
74  N N   . LEU A 11 ? 0.1211 0.1726 0.1430 -0.0387 0.0002  0.0153  11 LEU A N   
75  C CA  . LEU A 11 ? 0.1443 0.2117 0.1741 -0.0382 0.0027  0.0179  11 LEU A CA  
76  C C   . LEU A 11 ? 0.1895 0.2658 0.2259 -0.0450 0.0002  0.0216  11 LEU A C   
77  O O   . LEU A 11 ? 0.1965 0.2865 0.2399 -0.0464 0.0026  0.0251  11 LEU A O   
78  C CB  . LEU A 11 ? 0.1170 0.1921 0.1505 -0.0316 0.0043  0.0152  11 LEU A CB  
79  C CG  . LEU A 11 ? 0.1601 0.2282 0.1884 -0.0258 0.0065  0.0112  11 LEU A CG  
80  C CD1 . LEU A 11 ? 0.2533 0.3251 0.2846 -0.0202 0.0076  0.0085  11 LEU A CD1 
81  C CD2 . LEU A 11 ? 0.2422 0.3134 0.2684 -0.0248 0.0099  0.0117  11 LEU A CD2 
82  N N   . TYR A 12 ? 0.1490 0.2185 0.1835 -0.0491 -0.0046 0.0207  12 TYR A N   
83  C CA  . TYR A 12 ? 0.1709 0.2490 0.2117 -0.0568 -0.0084 0.0235  12 TYR A CA  
84  C C   . TYR A 12 ? 0.2649 0.3272 0.2982 -0.0642 -0.0128 0.0224  12 TYR A C   
85  O O   . TYR A 12 ? 0.2243 0.2706 0.2477 -0.0614 -0.0133 0.0188  12 TYR A O   
86  C CB  . TYR A 12 ? 0.1582 0.2482 0.2054 -0.0536 -0.0111 0.0228  12 TYR A CB  
87  C CG  . TYR A 12 ? 0.2146 0.3157 0.2671 -0.0446 -0.0069 0.0224  12 TYR A CG  
88  C CD1 . TYR A 12 ? 0.3718 0.4921 0.4350 -0.0438 -0.0042 0.0259  12 TYR A CD1 
89  C CD2 . TYR A 12 ? 0.1992 0.2914 0.2460 -0.0370 -0.0051 0.0187  12 TYR A CD2 
90  C CE1 . TYR A 12 ? 0.4091 0.5374 0.4757 -0.0346 0.0002  0.0249  12 TYR A CE1 
91  C CE2 . TYR A 12 ? 0.2754 0.3747 0.3257 -0.0292 -0.0013 0.0177  12 TYR A CE2 
92  C CZ  . TYR A 12 ? 0.4064 0.5230 0.4661 -0.0276 0.0014  0.0205  12 TYR A CZ  
93  O OH  . TYR A 12 ? 0.5036 0.6250 0.5652 -0.0190 0.0056  0.0188  12 TYR A OH  
94  N N   . ASP A 13 ? 0.2212 0.2880 0.2589 -0.0737 -0.0158 0.0254  13 ASP A N   
95  C CA  . ASP A 13 ? 0.2160 0.2672 0.2459 -0.0815 -0.0208 0.0234  13 ASP A CA  
96  C C   . ASP A 13 ? 0.2227 0.2748 0.2503 -0.0806 -0.0263 0.0195  13 ASP A C   
97  O O   . ASP A 13 ? 0.2398 0.3097 0.2763 -0.0781 -0.0278 0.0208  13 ASP A O   
98  C CB  . ASP A 13 ? 0.2330 0.2896 0.2691 -0.0937 -0.0231 0.0274  13 ASP A CB  
99  C CG  . ASP A 13 ? 0.2900 0.3414 0.3257 -0.0964 -0.0182 0.0319  13 ASP A CG  
100 O OD1 . ASP A 13 ? 0.2668 0.3069 0.2951 -0.0897 -0.0140 0.0316  13 ASP A OD1 
101 O OD2 . ASP A 13 ? 0.3388 0.3982 0.3817 -0.1059 -0.0187 0.0366  13 ASP A OD2 
102 N N   . TYR A 14 ? 0.2164 0.2494 0.2315 -0.0820 -0.0293 0.0153  14 TYR A N   
103 C CA  . TYR A 14 ? 0.2055 0.2374 0.2157 -0.0821 -0.0348 0.0118  14 TYR A CA  
104 C C   . TYR A 14 ? 0.3111 0.3254 0.3104 -0.0910 -0.0395 0.0084  14 TYR A C   
105 O O   . TYR A 14 ? 0.2603 0.2548 0.2497 -0.0905 -0.0369 0.0063  14 TYR A O   
106 C CB  . TYR A 14 ? 0.2109 0.2354 0.2134 -0.0715 -0.0321 0.0086  14 TYR A CB  
107 C CG  . TYR A 14 ? 0.2301 0.2499 0.2239 -0.0714 -0.0373 0.0051  14 TYR A CG  
108 C CD1 . TYR A 14 ? 0.2099 0.2462 0.2101 -0.0718 -0.0421 0.0067  14 TYR A CD1 
109 C CD2 . TYR A 14 ? 0.2409 0.2408 0.2198 -0.0702 -0.0373 0.0006  14 TYR A CD2 
110 C CE1 . TYR A 14 ? 0.2539 0.2864 0.2450 -0.0715 -0.0472 0.0040  14 TYR A CE1 
111 C CE2 . TYR A 14 ? 0.2943 0.2899 0.2634 -0.0699 -0.0418 -0.0026 14 TYR A CE2 
112 C CZ  . TYR A 14 ? 0.2928 0.3048 0.2677 -0.0709 -0.0470 -0.0007 14 TYR A CZ  
113 O OH  . TYR A 14 ? 0.3401 0.3486 0.3045 -0.0703 -0.0517 -0.0034 14 TYR A OH  
114 N N   . LYS A 15 ? 0.3011 0.3229 0.3026 -0.0992 -0.0466 0.0078  15 LYS A N   
115 C CA  . LYS A 15 ? 0.2530 0.2573 0.2426 -0.1081 -0.0521 0.0032  15 LYS A CA  
116 C C   . LYS A 15 ? 0.2911 0.2868 0.2675 -0.1034 -0.0553 -0.0023 15 LYS A C   
117 O O   . LYS A 15 ? 0.3083 0.3195 0.2888 -0.0996 -0.0583 -0.0014 15 LYS A O   
118 C CB  . LYS A 15 ? 0.2922 0.3098 0.2911 -0.1215 -0.0587 0.0052  15 LYS A CB  
119 N N   . LYS A 16 ? 0.3504 0.3214 0.3104 -0.1026 -0.0545 -0.0075 16 LYS A N   
120 C CA  . LYS A 16 ? 0.3686 0.3310 0.3147 -0.0967 -0.0559 -0.0123 16 LYS A CA  
121 C C   . LYS A 16 ? 0.4898 0.4626 0.4345 -0.1029 -0.0649 -0.0140 16 LYS A C   
122 O O   . LYS A 16 ? 0.4881 0.4617 0.4341 -0.1146 -0.0711 -0.0151 16 LYS A O   
123 C CB  . LYS A 16 ? 0.4748 0.4091 0.4033 -0.0951 -0.0532 -0.0179 16 LYS A CB  
124 C CG  . LYS A 16 ? 0.5746 0.4918 0.4950 -0.1065 -0.0576 -0.0217 16 LYS A CG  
125 C CD  . LYS A 16 ? 0.5870 0.4758 0.4883 -0.1021 -0.0543 -0.0276 16 LYS A CD  
126 C CE  . LYS A 16 ? 0.6181 0.5033 0.5055 -0.0959 -0.0556 -0.0329 16 LYS A CE  
127 N NZ  . LYS A 16 ? 0.6652 0.5250 0.5346 -0.0892 -0.0508 -0.0385 16 LYS A NZ  
128 N N   . GLU A 17 ? 0.4296 0.4112 0.3720 -0.0952 -0.0657 -0.0138 17 GLU A N   
129 C CA  . GLU A 17 ? 0.5258 0.5207 0.4677 -0.0992 -0.0745 -0.0143 17 GLU A CA  
130 C C   . GLU A 17 ? 0.6162 0.5951 0.5367 -0.0977 -0.0775 -0.0206 17 GLU A C   
131 O O   . GLU A 17 ? 0.7292 0.7157 0.6449 -0.1015 -0.0855 -0.0220 17 GLU A O   
132 C CB  . GLU A 17 ? 0.5477 0.5665 0.5032 -0.0915 -0.0738 -0.0080 17 GLU A CB  
133 N N   . ARG A 18 ? 0.5444 0.5022 0.4523 -0.0917 -0.0709 -0.0241 18 ARG A N   
134 C CA  . ARG A 18 ? 0.5837 0.5264 0.4710 -0.0877 -0.0712 -0.0297 18 ARG A CA  
135 C C   . ARG A 18 ? 0.6462 0.5629 0.5212 -0.0864 -0.0655 -0.0348 18 ARG A C   
136 O O   . ARG A 18 ? 0.5664 0.4795 0.4500 -0.0849 -0.0596 -0.0323 18 ARG A O   
137 C CB  . ARG A 18 ? 0.6414 0.5921 0.5289 -0.0759 -0.0666 -0.0260 18 ARG A CB  
138 C CG  . ARG A 18 ? 0.7078 0.6510 0.5762 -0.0721 -0.0684 -0.0297 18 ARG A CG  
139 C CD  . ARG A 18 ? 0.7333 0.6902 0.6060 -0.0629 -0.0659 -0.0239 18 ARG A CD  
140 N NE  . ARG A 18 ? 0.7010 0.6805 0.5883 -0.0651 -0.0720 -0.0183 18 ARG A NE  
141 C CZ  . ARG A 18 ? 0.7270 0.7193 0.6175 -0.0582 -0.0723 -0.0128 18 ARG A CZ  
142 N NH1 . ARG A 18 ? 0.7319 0.7163 0.6118 -0.0499 -0.0669 -0.0120 18 ARG A NH1 
143 N NH2 . ARG A 18 ? 0.7741 0.7869 0.6786 -0.0594 -0.0777 -0.0078 18 ARG A NH2 
144 N N   . GLU A 19 ? 0.6907 0.5895 0.5449 -0.0865 -0.0672 -0.0418 19 GLU A N   
145 C CA  . GLU A 19 ? 0.7428 0.6158 0.5840 -0.0843 -0.0618 -0.0472 19 GLU A CA  
146 C C   . GLU A 19 ? 0.5467 0.4178 0.3932 -0.0728 -0.0511 -0.0438 19 GLU A C   
147 O O   . GLU A 19 ? 0.5793 0.4366 0.4258 -0.0717 -0.0464 -0.0443 19 GLU A O   
148 C CB  . GLU A 19 ? 0.8448 0.7003 0.6612 -0.0838 -0.0642 -0.0555 19 GLU A CB  
149 C CG  . GLU A 19 ? 0.9371 0.7662 0.7383 -0.0777 -0.0568 -0.0610 19 GLU A CG  
150 C CD  . GLU A 19 ? 1.0006 0.8313 0.7987 -0.0638 -0.0476 -0.0592 19 GLU A CD  
151 O OE1 . GLU A 19 ? 1.0023 0.8507 0.8049 -0.0597 -0.0477 -0.0549 19 GLU A OE1 
152 O OE2 . GLU A 19 ? 1.0105 0.8249 0.8017 -0.0569 -0.0402 -0.0616 19 GLU A OE2 
153 N N   . GLU A 20 ? 0.5026 0.3872 0.3532 -0.0645 -0.0478 -0.0398 20 GLU A N   
154 C CA  . GLU A 20 ? 0.3955 0.2796 0.2505 -0.0543 -0.0383 -0.0370 20 GLU A CA  
155 C C   . GLU A 20 ? 0.3565 0.2535 0.2321 -0.0541 -0.0354 -0.0308 20 GLU A C   
156 O O   . GLU A 20 ? 0.3461 0.2429 0.2265 -0.0469 -0.0283 -0.0285 20 GLU A O   
157 C CB  . GLU A 20 ? 0.4944 0.3866 0.3449 -0.0466 -0.0356 -0.0353 20 GLU A CB  
158 C CG  . GLU A 20 ? 0.7430 0.6403 0.6020 -0.0375 -0.0266 -0.0312 20 GLU A CG  
159 C CD  . GLU A 20 ? 0.8685 0.7511 0.7233 -0.0329 -0.0199 -0.0338 20 GLU A CD  
160 O OE1 . GLU A 20 ? 0.9990 0.8642 0.8397 -0.0345 -0.0209 -0.0395 20 GLU A OE1 
161 O OE2 . GLU A 20 ? 0.7860 0.6747 0.6513 -0.0274 -0.0136 -0.0302 20 GLU A OE2 
162 N N   . ASP A 21 ? 0.3175 0.2263 0.2045 -0.0619 -0.0410 -0.0280 21 ASP A N   
163 C CA  . ASP A 21 ? 0.3088 0.2312 0.2143 -0.0616 -0.0383 -0.0221 21 ASP A CA  
164 C C   . ASP A 21 ? 0.3102 0.2204 0.2168 -0.0638 -0.0353 -0.0223 21 ASP A C   
165 O O   . ASP A 21 ? 0.3636 0.2558 0.2589 -0.0680 -0.0370 -0.0266 21 ASP A O   
166 C CB  . ASP A 21 ? 0.3257 0.2661 0.2434 -0.0690 -0.0447 -0.0188 21 ASP A CB  
167 C CG  . ASP A 21 ? 0.3167 0.2731 0.2374 -0.0656 -0.0476 -0.0165 21 ASP A CG  
168 O OD1 . ASP A 21 ? 0.3267 0.2806 0.2407 -0.0579 -0.0441 -0.0168 21 ASP A OD1 
169 O OD2 . ASP A 21 ? 0.3465 0.3185 0.2767 -0.0709 -0.0533 -0.0139 21 ASP A OD2 
170 N N   . ILE A 22 ? 0.2710 0.1905 0.1908 -0.0609 -0.0308 -0.0174 22 ILE A N   
171 C CA  . ILE A 22 ? 0.2715 0.1840 0.1951 -0.0643 -0.0291 -0.0156 22 ILE A CA  
172 C C   . ILE A 22 ? 0.2714 0.2012 0.2104 -0.0705 -0.0312 -0.0104 22 ILE A C   
173 O O   . ILE A 22 ? 0.2717 0.2203 0.2210 -0.0681 -0.0314 -0.0076 22 ILE A O   
174 C CB  . ILE A 22 ? 0.2668 0.1749 0.1916 -0.0553 -0.0216 -0.0138 22 ILE A CB  
175 C CG1 . ILE A 22 ? 0.2722 0.1977 0.2067 -0.0485 -0.0183 -0.0111 22 ILE A CG1 
176 C CG2 . ILE A 22 ? 0.3562 0.2442 0.2656 -0.0500 -0.0188 -0.0185 22 ILE A CG2 
177 C CD1 . ILE A 22 ? 0.2889 0.2158 0.2286 -0.0418 -0.0123 -0.0084 22 ILE A CD1 
178 N N   . ASP A 23 ? 0.2838 0.2067 0.2242 -0.0779 -0.0322 -0.0089 23 ASP A N   
179 C CA  . ASP A 23 ? 0.2419 0.1810 0.1971 -0.0828 -0.0322 -0.0031 23 ASP A CA  
180 C C   . ASP A 23 ? 0.2714 0.2190 0.2342 -0.0744 -0.0257 0.0008  23 ASP A C   
181 O O   . ASP A 23 ? 0.2815 0.2170 0.2380 -0.0679 -0.0214 -0.0001 23 ASP A O   
182 C CB  . ASP A 23 ? 0.2435 0.1711 0.1975 -0.0927 -0.0336 -0.0017 23 ASP A CB  
183 C CG  . ASP A 23 ? 0.4149 0.3366 0.3636 -0.1041 -0.0411 -0.0054 23 ASP A CG  
184 O OD1 . ASP A 23 ? 0.3556 0.2943 0.3101 -0.1072 -0.0461 -0.0057 23 ASP A OD1 
185 O OD2 . ASP A 23 ? 0.5588 0.4586 0.4973 -0.1097 -0.0422 -0.0079 23 ASP A OD2 
186 N N   . LEU A 24 ? 0.2298 0.1983 0.2058 -0.0743 -0.0251 0.0047  24 LEU A N   
187 C CA  . LEU A 24 ? 0.1968 0.1737 0.1800 -0.0686 -0.0196 0.0085  24 LEU A CA  
188 C C   . LEU A 24 ? 0.2290 0.2148 0.2211 -0.0756 -0.0192 0.0138  24 LEU A C   
189 O O   . LEU A 24 ? 0.2731 0.2687 0.2716 -0.0834 -0.0230 0.0153  24 LEU A O   
190 C CB  . LEU A 24 ? 0.1842 0.1777 0.1749 -0.0618 -0.0180 0.0087  24 LEU A CB  
191 C CG  . LEU A 24 ? 0.1931 0.1816 0.1770 -0.0553 -0.0180 0.0047  24 LEU A CG  
192 C CD1 . LEU A 24 ? 0.1577 0.1617 0.1500 -0.0497 -0.0163 0.0058  24 LEU A CD1 
193 C CD2 . LEU A 24 ? 0.1976 0.1711 0.1726 -0.0498 -0.0142 0.0027  24 LEU A CD2 
194 N N   . HIS A 25 ? 0.1924 0.1762 0.1850 -0.0725 -0.0145 0.0171  25 HIS A N   
195 C CA  . HIS A 25 ? 0.1870 0.1806 0.1875 -0.0772 -0.0125 0.0230  25 HIS A CA  
196 C C   . HIS A 25 ? 0.1915 0.1980 0.1968 -0.0690 -0.0077 0.0248  25 HIS A C   
197 O O   . HIS A 25 ? 0.1688 0.1691 0.1688 -0.0611 -0.0054 0.0225  25 HIS A O   
198 C CB  . HIS A 25 ? 0.2228 0.1979 0.2159 -0.0819 -0.0115 0.0258  25 HIS A CB  
199 C CG  . HIS A 25 ? 0.3021 0.2570 0.2857 -0.0877 -0.0157 0.0219  25 HIS A CG  
200 N ND1 . HIS A 25 ? 0.2853 0.2225 0.2572 -0.0816 -0.0157 0.0168  25 HIS A ND1 
201 C CD2 . HIS A 25 ? 0.3631 0.3128 0.3466 -0.0994 -0.0200 0.0219  25 HIS A CD2 
202 C CE1 . HIS A 25 ? 0.3526 0.2732 0.3164 -0.0886 -0.0196 0.0134  25 HIS A CE1 
203 N NE2 . HIS A 25 ? 0.4280 0.3553 0.3983 -0.0999 -0.0228 0.0162  25 HIS A NE2 
204 N N   . LEU A 26 ? 0.1947 0.2198 0.2099 -0.0707 -0.0059 0.0286  26 LEU A N   
205 C CA  . LEU A 26 ? 0.1851 0.2218 0.2037 -0.0635 -0.0013 0.0299  26 LEU A CA  
206 C C   . LEU A 26 ? 0.2017 0.2263 0.2121 -0.0592 0.0015  0.0310  26 LEU A C   
207 O O   . LEU A 26 ? 0.2160 0.2304 0.2222 -0.0636 0.0020  0.0349  26 LEU A O   
208 C CB  . LEU A 26 ? 0.2085 0.2634 0.2365 -0.0673 0.0012  0.0352  26 LEU A CB  
209 C CG  . LEU A 26 ? 0.2330 0.2958 0.2606 -0.0611 0.0065  0.0373  26 LEU A CG  
210 C CD1 . LEU A 26 ? 0.2740 0.3474 0.3048 -0.0529 0.0077  0.0328  26 LEU A CD1 
211 C CD2 . LEU A 26 ? 0.4027 0.4784 0.4363 -0.0663 0.0097  0.0440  26 LEU A CD2 
212 N N   . GLY A 27 ? 0.2068 0.2320 0.2146 -0.0510 0.0032  0.0277  27 GLY A N   
213 C CA  . GLY A 27 ? 0.2031 0.2210 0.2047 -0.0460 0.0054  0.0289  27 GLY A CA  
214 C C   . GLY A 27 ? 0.1756 0.1765 0.1694 -0.0431 0.0041  0.0260  27 GLY A C   
215 O O   . GLY A 27 ? 0.1958 0.1927 0.1855 -0.0376 0.0057  0.0265  27 GLY A O   
216 N N   . ASP A 28 ? 0.1488 0.1402 0.1402 -0.0466 0.0011  0.0231  28 ASP A N   
217 C CA  . ASP A 28 ? 0.1588 0.1344 0.1420 -0.0430 0.0005  0.0198  28 ASP A CA  
218 C C   . ASP A 28 ? 0.1405 0.1223 0.1248 -0.0352 0.0022  0.0164  28 ASP A C   
219 O O   . ASP A 28 ? 0.1412 0.1356 0.1312 -0.0342 0.0023  0.0147  28 ASP A O   
220 C CB  . ASP A 28 ? 0.1583 0.1255 0.1381 -0.0476 -0.0030 0.0162  28 ASP A CB  
221 C CG  . ASP A 28 ? 0.2055 0.1608 0.1818 -0.0562 -0.0053 0.0181  28 ASP A CG  
222 O OD1 . ASP A 28 ? 0.2122 0.1635 0.1882 -0.0584 -0.0036 0.0231  28 ASP A OD1 
223 O OD2 . ASP A 28 ? 0.2176 0.1669 0.1908 -0.0610 -0.0090 0.0147  28 ASP A OD2 
224 N N   . ILE A 29 ? 0.1517 0.1240 0.1302 -0.0298 0.0035  0.0156  29 ILE A N   
225 C CA  . ILE A 29 ? 0.1439 0.1219 0.1237 -0.0232 0.0051  0.0129  29 ILE A CA  
226 C C   . ILE A 29 ? 0.1616 0.1294 0.1361 -0.0213 0.0048  0.0088  29 ILE A C   
227 O O   . ILE A 29 ? 0.1781 0.1311 0.1450 -0.0212 0.0047  0.0085  29 ILE A O   
228 C CB  . ILE A 29 ? 0.1799 0.1588 0.1587 -0.0176 0.0071  0.0156  29 ILE A CB  
229 C CG1 . ILE A 29 ? 0.1717 0.1600 0.1536 -0.0194 0.0076  0.0200  29 ILE A CG1 
230 C CG2 . ILE A 29 ? 0.2228 0.2096 0.2045 -0.0121 0.0085  0.0126  29 ILE A CG2 
231 C CD1 . ILE A 29 ? 0.1817 0.1861 0.1705 -0.0208 0.0077  0.0181  29 ILE A CD1 
232 N N   . LEU A 30 ? 0.1632 0.1378 0.1404 -0.0199 0.0050  0.0057  30 LEU A N   
233 C CA  . LEU A 30 ? 0.1538 0.1205 0.1253 -0.0181 0.0052  0.0023  30 LEU A CA  
234 C C   . LEU A 30 ? 0.1671 0.1394 0.1408 -0.0125 0.0082  0.0012  30 LEU A C   
235 O O   . LEU A 30 ? 0.1768 0.1610 0.1576 -0.0119 0.0089  0.0016  30 LEU A O   
236 C CB  . LEU A 30 ? 0.1443 0.1144 0.1169 -0.0221 0.0026  0.0007  30 LEU A CB  
237 C CG  . LEU A 30 ? 0.3019 0.2704 0.2750 -0.0286 -0.0004 0.0026  30 LEU A CG  
238 C CD1 . LEU A 30 ? 0.2099 0.1934 0.1923 -0.0314 -0.0015 0.0045  30 LEU A CD1 
239 C CD2 . LEU A 30 ? 0.3072 0.2632 0.2720 -0.0325 -0.0034 0.0005  30 LEU A CD2 
240 N N   . THR A 31 ? 0.1510 0.1152 0.1187 -0.0087 0.0100  -0.0006 31 THR A N   
241 C CA  . THR A 31 ? 0.1468 0.1173 0.1172 -0.0039 0.0133  -0.0014 31 THR A CA  
242 C C   . THR A 31 ? 0.1762 0.1425 0.1416 -0.0039 0.0141  -0.0039 31 THR A C   
243 O O   . THR A 31 ? 0.2035 0.1576 0.1594 -0.0035 0.0137  -0.0056 31 THR A O   
244 C CB  . THR A 31 ? 0.2136 0.1803 0.1818 0.0024  0.0158  -0.0003 31 THR A CB  
245 O OG1 . THR A 31 ? 0.2346 0.2059 0.2069 0.0029  0.0149  0.0030  31 THR A OG1 
246 C CG2 . THR A 31 ? 0.2127 0.1886 0.1853 0.0069  0.0194  -0.0009 31 THR A CG2 
247 N N   . VAL A 32 ? 0.1582 0.1336 0.1290 -0.0045 0.0151  -0.0042 32 VAL A N   
248 C CA  . VAL A 32 ? 0.1419 0.1146 0.1080 -0.0043 0.0164  -0.0055 32 VAL A CA  
249 C C   . VAL A 32 ? 0.1572 0.1353 0.1261 -0.0002 0.0211  -0.0053 32 VAL A C   
250 O O   . VAL A 32 ? 0.1701 0.1588 0.1481 -0.0004 0.0221  -0.0043 32 VAL A O   
251 C CB  . VAL A 32 ? 0.1342 0.1123 0.1045 -0.0079 0.0145  -0.0051 32 VAL A CB  
252 C CG1 . VAL A 32 ? 0.1638 0.1397 0.1293 -0.0072 0.0163  -0.0052 32 VAL A CG1 
253 C CG2 . VAL A 32 ? 0.1784 0.1540 0.1473 -0.0119 0.0098  -0.0049 32 VAL A CG2 
254 N N   . ASN A 33 ? 0.1760 0.1474 0.1369 0.0035  0.0239  -0.0062 33 ASN A N   
255 C CA  . ASN A 33 ? 0.2091 0.1874 0.1732 0.0076  0.0291  -0.0055 33 ASN A CA  
256 C C   . ASN A 33 ? 0.2010 0.1880 0.1716 0.0043  0.0304  -0.0044 33 ASN A C   
257 O O   . ASN A 33 ? 0.1863 0.1691 0.1527 0.0014  0.0289  -0.0044 33 ASN A O   
258 C CB  . ASN A 33 ? 0.2644 0.2330 0.2170 0.0122  0.0325  -0.0071 33 ASN A CB  
259 C CG  . ASN A 33 ? 0.4216 0.3981 0.3780 0.0181  0.0383  -0.0060 33 ASN A CG  
260 O OD1 . ASN A 33 ? 0.4059 0.3930 0.3687 0.0170  0.0415  -0.0044 33 ASN A OD1 
261 N ND2 . ASN A 33 ? 0.4909 0.4626 0.4438 0.0244  0.0402  -0.0066 33 ASN A ND2 
262 N N   . LYS A 34 ? 0.1943 0.1933 0.1750 0.0045  0.0327  -0.0032 34 LYS A N   
263 C CA  . LYS A 34 ? 0.1670 0.1724 0.1538 0.0003  0.0340  -0.0022 34 LYS A CA  
264 C C   . LYS A 34 ? 0.1549 0.1555 0.1346 0.0006  0.0376  -0.0012 34 LYS A C   
265 O O   . LYS A 34 ? 0.2069 0.2058 0.1866 -0.0030 0.0373  -0.0001 34 LYS A O   
266 C CB  . LYS A 34 ? 0.1907 0.2104 0.1892 -0.0001 0.0363  -0.0013 34 LYS A CB  
267 C CG  . LYS A 34 ? 0.1633 0.1883 0.1677 -0.0052 0.0386  -0.0003 34 LYS A CG  
268 C CD  . LYS A 34 ? 0.2400 0.2805 0.2566 -0.0066 0.0400  0.0002  34 LYS A CD  
269 C CE  . LYS A 34 ? 0.2618 0.3063 0.2845 -0.0130 0.0424  0.0011  34 LYS A CE  
270 N NZ  . LYS A 34 ? 0.1728 0.2342 0.2081 -0.0156 0.0434  0.0015  34 LYS A NZ  
271 N N   . GLY A 35 ? 0.1786 0.1763 0.1514 0.0056  0.0411  -0.0013 35 GLY A N   
272 C CA  . GLY A 35 ? 0.2288 0.2218 0.1925 0.0067  0.0449  -0.0004 35 GLY A CA  
273 C C   . GLY A 35 ? 0.2475 0.2297 0.2013 0.0042  0.0408  -0.0008 35 GLY A C   
274 O O   . GLY A 35 ? 0.2232 0.2034 0.1720 0.0031  0.0427  0.0012  35 GLY A O   
275 N N   . SER A 36 ? 0.2016 0.1777 0.1527 0.0033  0.0353  -0.0030 36 SER A N   
276 C CA  . SER A 36 ? 0.2070 0.1756 0.1503 0.0009  0.0308  -0.0032 36 SER A CA  
277 C C   . SER A 36 ? 0.2203 0.1932 0.1702 -0.0027 0.0296  -0.0006 36 SER A C   
278 O O   . SER A 36 ? 0.2346 0.2035 0.1778 -0.0033 0.0286  0.0011  36 SER A O   
279 C CB  . SER A 36 ? 0.2353 0.1989 0.1772 -0.0006 0.0252  -0.0055 36 SER A CB  
280 O OG  . SER A 36 ? 0.3602 0.3163 0.2944 0.0028  0.0261  -0.0082 36 SER A OG  
281 N N   . LEU A 37 ? 0.1796 0.1596 0.1415 -0.0046 0.0295  -0.0003 37 LEU A N   
282 C CA  . LEU A 37 ? 0.1653 0.1469 0.1326 -0.0076 0.0287  0.0016  37 LEU A CA  
283 C C   . LEU A 37 ? 0.1894 0.1725 0.1581 -0.0086 0.0338  0.0043  37 LEU A C   
284 O O   . LEU A 37 ? 0.2133 0.1927 0.1807 -0.0099 0.0339  0.0069  37 LEU A O   
285 C CB  . LEU A 37 ? 0.2207 0.2080 0.1985 -0.0096 0.0264  0.0000  37 LEU A CB  
286 C CG  . LEU A 37 ? 0.2446 0.2311 0.2219 -0.0096 0.0216  -0.0016 37 LEU A CG  
287 C CD1 . LEU A 37 ? 0.2388 0.2307 0.2249 -0.0115 0.0202  -0.0024 37 LEU A CD1 
288 C CD2 . LEU A 37 ? 0.2431 0.2238 0.2128 -0.0096 0.0182  -0.0008 37 LEU A CD2 
289 N N   . VAL A 38 ? 0.1909 0.1795 0.1622 -0.0076 0.0384  0.0045  38 VAL A N   
290 C CA  . VAL A 38 ? 0.1884 0.1791 0.1604 -0.0089 0.0441  0.0077  38 VAL A CA  
291 C C   . VAL A 38 ? 0.1998 0.1822 0.1585 -0.0070 0.0452  0.0102  38 VAL A C   
292 O O   . VAL A 38 ? 0.2168 0.1961 0.1740 -0.0090 0.0471  0.0140  38 VAL A O   
293 C CB  . VAL A 38 ? 0.2094 0.2098 0.1865 -0.0073 0.0491  0.0076  38 VAL A CB  
294 C CG1 . VAL A 38 ? 0.1823 0.1861 0.1594 -0.0087 0.0559  0.0117  38 VAL A CG1 
295 C CG2 . VAL A 38 ? 0.1770 0.1872 0.1675 -0.0096 0.0473  0.0058  38 VAL A CG2 
296 N N   . ALA A 39 ? 0.2026 0.1808 0.1510 -0.0032 0.0437  0.0081  39 ALA A N   
297 C CA  . ALA A 39 ? 0.2541 0.2249 0.1878 -0.0011 0.0441  0.0097  39 ALA A CA  
298 C C   . ALA A 39 ? 0.2594 0.2251 0.1902 -0.0029 0.0393  0.0121  39 ALA A C   
299 O O   . ALA A 39 ? 0.2823 0.2442 0.2045 -0.0023 0.0407  0.0159  39 ALA A O   
300 C CB  . ALA A 39 ? 0.3011 0.2665 0.2237 0.0025  0.0421  0.0056  39 ALA A CB  
301 N N   . LEU A 40 ? 0.2753 0.2417 0.2132 -0.0045 0.0338  0.0102  40 LEU A N   
302 C CA  . LEU A 40 ? 0.3084 0.2717 0.2452 -0.0051 0.0291  0.0122  40 LEU A CA  
303 C C   . LEU A 40 ? 0.3518 0.3149 0.2966 -0.0069 0.0313  0.0157  40 LEU A C   
304 O O   . LEU A 40 ? 0.2907 0.2505 0.2341 -0.0060 0.0286  0.0186  40 LEU A O   
305 C CB  . LEU A 40 ? 0.2649 0.2303 0.2064 -0.0058 0.0229  0.0089  40 LEU A CB  
306 C CG  . LEU A 40 ? 0.3848 0.3476 0.3173 -0.0052 0.0195  0.0057  40 LEU A CG  
307 C CD1 . LEU A 40 ? 0.4201 0.3857 0.3591 -0.0070 0.0144  0.0031  40 LEU A CD1 
308 C CD2 . LEU A 40 ? 0.4278 0.3863 0.3475 -0.0040 0.0168  0.0075  40 LEU A CD2 
309 N N   . GLY A 41 ? 0.2469 0.2138 0.2005 -0.0093 0.0358  0.0152  41 GLY A N   
310 C CA  . GLY A 41 ? 0.2061 0.1712 0.1673 -0.0122 0.0378  0.0174  41 GLY A CA  
311 C C   . GLY A 41 ? 0.2224 0.1890 0.1929 -0.0134 0.0341  0.0140  41 GLY A C   
312 O O   . GLY A 41 ? 0.2673 0.2290 0.2410 -0.0144 0.0344  0.0154  41 GLY A O   
313 N N   . PHE A 42 ? 0.1933 0.1659 0.1674 -0.0130 0.0313  0.0099  42 PHE A N   
314 C CA  . PHE A 42 ? 0.2268 0.2019 0.2085 -0.0138 0.0284  0.0068  42 PHE A CA  
315 C C   . PHE A 42 ? 0.1965 0.1790 0.1864 -0.0164 0.0295  0.0034  42 PHE A C   
316 O O   . PHE A 42 ? 0.2132 0.1992 0.2077 -0.0165 0.0268  0.0005  42 PHE A O   
317 C CB  . PHE A 42 ? 0.2388 0.2154 0.2179 -0.0114 0.0232  0.0056  42 PHE A CB  
318 C CG  . PHE A 42 ? 0.2681 0.2401 0.2405 -0.0089 0.0207  0.0088  42 PHE A CG  
319 C CD1 . PHE A 42 ? 0.3570 0.3252 0.3315 -0.0076 0.0206  0.0111  42 PHE A CD1 
320 C CD2 . PHE A 42 ? 0.2810 0.2524 0.2449 -0.0076 0.0182  0.0094  42 PHE A CD2 
321 C CE1 . PHE A 42 ? 0.3839 0.3493 0.3525 -0.0044 0.0179  0.0149  42 PHE A CE1 
322 C CE2 . PHE A 42 ? 0.3569 0.3261 0.3148 -0.0055 0.0150  0.0125  42 PHE A CE2 
323 C CZ  . PHE A 42 ? 0.3241 0.2912 0.2848 -0.0036 0.0148  0.0156  42 PHE A CZ  
324 N N   . SER A 43 ? 0.1609 0.1473 0.1530 -0.0181 0.0334  0.0041  43 SER A N   
325 C CA  . SER A 43 ? 0.1820 0.1778 0.1820 -0.0200 0.0339  0.0013  43 SER A CA  
326 C C   . SER A 43 ? 0.2004 0.1979 0.2085 -0.0251 0.0346  -0.0002 43 SER A C   
327 O O   . SER A 43 ? 0.1823 0.1890 0.1975 -0.0273 0.0344  -0.0025 43 SER A O   
328 C CB  . SER A 43 ? 0.1616 0.1632 0.1613 -0.0189 0.0379  0.0029  43 SER A CB  
329 O OG  . SER A 43 ? 0.1584 0.1564 0.1556 -0.0207 0.0422  0.0065  43 SER A OG  
330 N N   . ASP A 44 ? 0.1675 0.1555 0.1739 -0.0267 0.0351  0.0009  44 ASP A N   
331 C CA  . ASP A 44 ? 0.1514 0.1373 0.1637 -0.0319 0.0359  -0.0011 44 ASP A CA  
332 C C   . ASP A 44 ? 0.2206 0.2037 0.2337 -0.0310 0.0323  -0.0054 44 ASP A C   
333 O O   . ASP A 44 ? 0.2663 0.2403 0.2794 -0.0331 0.0328  -0.0066 44 ASP A O   
334 C CB  . ASP A 44 ? 0.1974 0.1724 0.2071 -0.0345 0.0396  0.0029  44 ASP A CB  
335 C CG  . ASP A 44 ? 0.3309 0.2942 0.3326 -0.0296 0.0385  0.0057  44 ASP A CG  
336 O OD1 . ASP A 44 ? 0.3330 0.2988 0.3307 -0.0245 0.0355  0.0058  44 ASP A OD1 
337 O OD2 . ASP A 44 ? 0.4050 0.3569 0.4048 -0.0311 0.0405  0.0083  44 ASP A OD2 
338 N N   . GLY A 45 ? 0.2245 0.2140 0.2371 -0.0275 0.0292  -0.0073 45 GLY A N   
339 C CA  . GLY A 45 ? 0.2958 0.2853 0.3092 -0.0262 0.0264  -0.0110 45 GLY A CA  
340 C C   . GLY A 45 ? 0.2758 0.2641 0.2851 -0.0210 0.0241  -0.0098 45 GLY A C   
341 O O   . GLY A 45 ? 0.2356 0.2283 0.2461 -0.0194 0.0220  -0.0122 45 GLY A O   
342 N N   . GLN A 46 ? 0.2024 0.1858 0.2071 -0.0185 0.0244  -0.0056 46 GLN A N   
343 C CA  . GLN A 46 ? 0.2196 0.2033 0.2215 -0.0144 0.0217  -0.0043 46 GLN A CA  
344 C C   . GLN A 46 ? 0.1612 0.1526 0.1627 -0.0139 0.0193  -0.0048 46 GLN A C   
345 O O   . GLN A 46 ? 0.1962 0.1897 0.1969 -0.0119 0.0167  -0.0040 46 GLN A O   
346 C CB  . GLN A 46 ? 0.3394 0.3163 0.3360 -0.0120 0.0218  0.0002  46 GLN A CB  
347 C CG  . GLN A 46 ? 0.4627 0.4317 0.4598 -0.0100 0.0227  0.0010  46 GLN A CG  
348 C CD  . GLN A 46 ? 0.4944 0.4576 0.4857 -0.0065 0.0221  0.0063  46 GLN A CD  
349 O OE1 . GLN A 46 ? 0.4596 0.4186 0.4464 -0.0077 0.0240  0.0095  46 GLN A OE1 
350 N NE2 . GLN A 46 ? 0.5075 0.4720 0.4993 -0.0018 0.0196  0.0075  46 GLN A NE2 
351 N N   . GLU A 47 ? 0.2058 0.2016 0.2086 -0.0157 0.0203  -0.0058 47 GLU A N   
352 C CA  . GLU A 47 ? 0.1643 0.1655 0.1667 -0.0149 0.0184  -0.0062 47 GLU A CA  
353 C C   . GLU A 47 ? 0.1279 0.1340 0.1333 -0.0146 0.0163  -0.0079 47 GLU A C   
354 O O   . GLU A 47 ? 0.1416 0.1502 0.1460 -0.0139 0.0143  -0.0071 47 GLU A O   
355 C CB  . GLU A 47 ? 0.1699 0.1758 0.1742 -0.0156 0.0201  -0.0068 47 GLU A CB  
356 C CG  . GLU A 47 ? 0.1859 0.1982 0.1965 -0.0179 0.0206  -0.0094 47 GLU A CG  
357 C CD  . GLU A 47 ? 0.2063 0.2166 0.2196 -0.0211 0.0232  -0.0096 47 GLU A CD  
358 O OE1 . GLU A 47 ? 0.1937 0.1966 0.2037 -0.0210 0.0250  -0.0073 47 GLU A OE1 
359 O OE2 . GLU A 47 ? 0.2703 0.2863 0.2888 -0.0242 0.0234  -0.0120 47 GLU A OE2 
360 N N   . ALA A 48 ? 0.1201 0.1266 0.1286 -0.0151 0.0170  -0.0103 48 ALA A N   
361 C CA  . ALA A 48 ? 0.1547 0.1662 0.1651 -0.0143 0.0159  -0.0122 48 ALA A CA  
362 C C   . ALA A 48 ? 0.1419 0.1523 0.1521 -0.0116 0.0150  -0.0108 48 ALA A C   
363 O O   . ALA A 48 ? 0.1425 0.1583 0.1544 -0.0104 0.0146  -0.0117 48 ALA A O   
364 C CB  . ALA A 48 ? 0.2107 0.2228 0.2233 -0.0160 0.0170  -0.0163 48 ALA A CB  
365 N N   . ARG A 49 ? 0.1332 0.1381 0.1413 -0.0105 0.0148  -0.0082 49 ARG A N   
366 C CA  . ARG A 49 ? 0.1264 0.1318 0.1349 -0.0074 0.0135  -0.0061 49 ARG A CA  
367 C C   . ARG A 49 ? 0.1169 0.1226 0.1225 -0.0077 0.0109  -0.0027 49 ARG A C   
368 O O   . ARG A 49 ? 0.1399 0.1409 0.1425 -0.0060 0.0103  -0.0003 49 ARG A O   
369 C CB  . ARG A 49 ? 0.1584 0.1559 0.1667 -0.0048 0.0154  -0.0061 49 ARG A CB  
370 C CG  . ARG A 49 ? 0.1825 0.1778 0.1925 -0.0048 0.0178  -0.0105 49 ARG A CG  
371 C CD  A ARG A 49 ? 0.2877 0.2710 0.2961 -0.0036 0.0200  -0.0107 49 ARG A CD  
372 C CD  B ARG A 49 ? 0.2840 0.2673 0.2925 -0.0039 0.0201  -0.0107 49 ARG A CD  
373 N NE  A ARG A 49 ? 0.3160 0.2962 0.3252 -0.0036 0.0219  -0.0160 49 ARG A NE  
374 N NE  B ARG A 49 ? 0.3679 0.3473 0.3767 -0.0074 0.0219  -0.0157 49 ARG A NE  
375 C CZ  A ARG A 49 ? 0.3170 0.2933 0.3260 0.0015  0.0232  -0.0174 49 ARG A CZ  
376 C CZ  B ARG A 49 ? 0.4395 0.4138 0.4480 -0.0122 0.0232  -0.0164 49 ARG A CZ  
377 N NH1 A ARG A 49 ? 0.2868 0.2638 0.2965 0.0073  0.0226  -0.0132 49 ARG A NH1 
378 N NH1 B ARG A 49 ? 0.5016 0.4740 0.5111 -0.0161 0.0241  -0.0213 49 ARG A NH1 
379 N NH2 A ARG A 49 ? 0.3367 0.3088 0.3446 0.0011  0.0249  -0.0232 49 ARG A NH2 
380 N NH2 B ARG A 49 ? 0.4418 0.4137 0.4489 -0.0134 0.0237  -0.0120 49 ARG A NH2 
381 N N   . PRO A 50 ? 0.1221 0.1320 0.1272 -0.0098 0.0090  -0.0025 50 PRO A N   
382 C CA  . PRO A 50 ? 0.1154 0.1236 0.1161 -0.0111 0.0061  -0.0004 50 PRO A CA  
383 C C   . PRO A 50 ? 0.1258 0.1381 0.1279 -0.0096 0.0032  0.0021  50 PRO A C   
384 O O   . PRO A 50 ? 0.1373 0.1471 0.1347 -0.0099 0.0007  0.0039  50 PRO A O   
385 C CB  . PRO A 50 ? 0.0990 0.1105 0.1001 -0.0139 0.0050  -0.0009 50 PRO A CB  
386 C CG  . PRO A 50 ? 0.1373 0.1558 0.1442 -0.0134 0.0066  -0.0019 50 PRO A CG  
387 C CD  . PRO A 50 ? 0.1232 0.1384 0.1306 -0.0115 0.0094  -0.0042 50 PRO A CD  
388 N N   . GLU A 51 ? 0.1263 0.1455 0.1348 -0.0073 0.0037  0.0022  51 GLU A N   
389 C CA  . GLU A 51 ? 0.1504 0.1762 0.1622 -0.0048 0.0011  0.0052  51 GLU A CA  
390 C C   . GLU A 51 ? 0.1544 0.1737 0.1629 -0.0008 0.0013  0.0072  51 GLU A C   
391 O O   . GLU A 51 ? 0.1629 0.1870 0.1724 0.0016  -0.0018 0.0104  51 GLU A O   
392 C CB  . GLU A 51 ? 0.1177 0.1532 0.1374 -0.0021 0.0027  0.0049  51 GLU A CB  
393 C CG  . GLU A 51 ? 0.1458 0.1761 0.1661 0.0022  0.0071  0.0024  51 GLU A CG  
394 C CD  . GLU A 51 ? 0.2001 0.2258 0.2182 -0.0004 0.0098  -0.0016 51 GLU A CD  
395 O OE1 . GLU A 51 ? 0.1704 0.1980 0.1873 -0.0047 0.0088  -0.0020 51 GLU A OE1 
396 O OE2 . GLU A 51 ? 0.2234 0.2431 0.2408 0.0016  0.0127  -0.0044 51 GLU A OE2 
397 N N   . GLU A 52 ? 0.1409 0.1499 0.1457 -0.0002 0.0047  0.0058  52 GLU A N   
398 C CA  . GLU A 52 ? 0.1823 0.1829 0.1828 0.0029  0.0056  0.0084  52 GLU A CA  
399 C C   . GLU A 52 ? 0.2200 0.2151 0.2123 0.0004  0.0047  0.0099  52 GLU A C   
400 O O   . GLU A 52 ? 0.2073 0.1977 0.1945 0.0028  0.0042  0.0135  52 GLU A O   
401 C CB  . GLU A 52 ? 0.1575 0.1494 0.1589 0.0041  0.0103  0.0065  52 GLU A CB  
402 C CG  . GLU A 52 ? 0.2246 0.2198 0.2319 0.0076  0.0117  0.0044  52 GLU A CG  
403 C CD  . GLU A 52 ? 0.2893 0.2734 0.2960 0.0084  0.0159  0.0017  52 GLU A CD  
404 O OE1 . GLU A 52 ? 0.3524 0.3265 0.3549 0.0063  0.0176  0.0027  52 GLU A OE1 
405 O OE2 . GLU A 52 ? 0.2780 0.2632 0.2876 0.0106  0.0176  -0.0016 52 GLU A OE2 
406 N N   . ILE A 53 ? 0.1955 0.1905 0.1857 -0.0037 0.0049  0.0074  53 ILE A N   
407 C CA  . ILE A 53 ? 0.1868 0.1767 0.1684 -0.0054 0.0046  0.0080  53 ILE A CA  
408 C C   . ILE A 53 ? 0.2273 0.2203 0.2040 -0.0057 -0.0007 0.0097  53 ILE A C   
409 O O   . ILE A 53 ? 0.2725 0.2613 0.2409 -0.0048 -0.0016 0.0118  53 ILE A O   
410 C CB  . ILE A 53 ? 0.1561 0.1451 0.1368 -0.0085 0.0064  0.0048  53 ILE A CB  
411 C CG1 . ILE A 53 ? 0.2199 0.2072 0.2050 -0.0088 0.0111  0.0033  53 ILE A CG1 
412 C CG2 . ILE A 53 ? 0.2047 0.1882 0.1757 -0.0092 0.0064  0.0049  53 ILE A CG2 
413 C CD1 . ILE A 53 ? 0.2052 0.1942 0.1914 -0.0108 0.0126  0.0006  53 ILE A CD1 
414 N N   . GLY A 54 ? 0.2201 0.2212 0.2017 -0.0075 -0.0043 0.0088  54 GLY A N   
415 C CA  . GLY A 54 ? 0.2524 0.2573 0.2301 -0.0094 -0.0100 0.0099  54 GLY A CA  
416 C C   . GLY A 54 ? 0.1875 0.1892 0.1608 -0.0145 -0.0114 0.0066  54 GLY A C   
417 O O   . GLY A 54 ? 0.2006 0.2035 0.1791 -0.0164 -0.0094 0.0048  54 GLY A O   
418 N N   . TRP A 55 ? 0.2060 0.2027 0.1690 -0.0163 -0.0143 0.0058  55 TRP A N   
419 C CA  . TRP A 55 ? 0.2289 0.2190 0.1855 -0.0205 -0.0153 0.0023  55 TRP A CA  
420 C C   . TRP A 55 ? 0.2303 0.2121 0.1839 -0.0187 -0.0093 0.0002  55 TRP A C   
421 O O   . TRP A 55 ? 0.2507 0.2291 0.2013 -0.0152 -0.0053 0.0012  55 TRP A O   
422 C CB  . TRP A 55 ? 0.2647 0.2503 0.2089 -0.0226 -0.0202 0.0012  55 TRP A CB  
423 C CG  . TRP A 55 ? 0.2312 0.2272 0.1800 -0.0263 -0.0273 0.0025  55 TRP A CG  
424 C CD1 . TRP A 55 ? 0.2955 0.3015 0.2477 -0.0239 -0.0308 0.0063  55 TRP A CD1 
425 C CD2 . TRP A 55 ? 0.2502 0.2488 0.2020 -0.0331 -0.0315 0.0006  55 TRP A CD2 
426 N NE1 . TRP A 55 ? 0.2498 0.2668 0.2078 -0.0287 -0.0372 0.0069  55 TRP A NE1 
427 C CE2 . TRP A 55 ? 0.2453 0.2576 0.2032 -0.0352 -0.0378 0.0034  55 TRP A CE2 
428 C CE3 . TRP A 55 ? 0.2851 0.2754 0.2350 -0.0377 -0.0308 -0.0025 55 TRP A CE3 
429 C CZ2 . TRP A 55 ? 0.2439 0.2632 0.2070 -0.0428 -0.0431 0.0028  55 TRP A CZ2 
430 C CZ3 . TRP A 55 ? 0.2437 0.2383 0.1974 -0.0452 -0.0358 -0.0030 55 TRP A CZ3 
431 C CH2 . TRP A 55 ? 0.2732 0.2829 0.2339 -0.0483 -0.0420 -0.0004 55 TRP A CH2 
432 N N   . LEU A 56 ? 0.1883 0.1673 0.1436 -0.0210 -0.0084 -0.0020 56 LEU A N   
433 C CA  . LEU A 56 ? 0.1665 0.1392 0.1195 -0.0188 -0.0033 -0.0036 56 LEU A CA  
434 C C   . LEU A 56 ? 0.2068 0.1691 0.1500 -0.0204 -0.0044 -0.0066 56 LEU A C   
435 O O   . LEU A 56 ? 0.2460 0.2063 0.1866 -0.0249 -0.0092 -0.0076 56 LEU A O   
436 C CB  . LEU A 56 ? 0.1840 0.1624 0.1476 -0.0188 -0.0010 -0.0031 56 LEU A CB  
437 C CG  . LEU A 56 ? 0.2099 0.1964 0.1823 -0.0167 0.0009  -0.0014 56 LEU A CG  
438 C CD1 . LEU A 56 ? 0.2087 0.2015 0.1898 -0.0174 0.0018  -0.0013 56 LEU A CD1 
439 C CD2 . LEU A 56 ? 0.2595 0.2427 0.2297 -0.0138 0.0054  -0.0014 56 LEU A CD2 
440 N N   . ASN A 57 ? 0.1950 0.1506 0.1331 -0.0169 0.0002  -0.0082 57 ASN A N   
441 C CA  . ASN A 57 ? 0.1988 0.1425 0.1271 -0.0171 0.0002  -0.0114 57 ASN A CA  
442 C C   . ASN A 57 ? 0.1978 0.1408 0.1311 -0.0139 0.0045  -0.0111 57 ASN A C   
443 O O   . ASN A 57 ? 0.2217 0.1707 0.1602 -0.0101 0.0090  -0.0098 57 ASN A O   
444 C CB  . ASN A 57 ? 0.2847 0.2202 0.1994 -0.0141 0.0020  -0.0136 57 ASN A CB  
445 C CG  . ASN A 57 ? 0.3803 0.3013 0.2834 -0.0129 0.0029  -0.0177 57 ASN A CG  
446 O OD1 . ASN A 57 ? 0.4642 0.3820 0.3672 -0.0079 0.0081  -0.0182 57 ASN A OD1 
447 N ND2 . ASN A 57 ? 0.4198 0.3321 0.3134 -0.0174 -0.0023 -0.0207 57 ASN A ND2 
448 N N   . GLY A 58 ? 0.2156 0.1523 0.1482 -0.0158 0.0031  -0.0118 58 GLY A N   
449 C CA  . GLY A 58 ? 0.2208 0.1574 0.1578 -0.0121 0.0068  -0.0107 58 GLY A CA  
450 C C   . GLY A 58 ? 0.2239 0.1487 0.1562 -0.0136 0.0054  -0.0113 58 GLY A C   
451 O O   . GLY A 58 ? 0.2478 0.1631 0.1728 -0.0185 0.0015  -0.0133 58 GLY A O   
452 N N   . TYR A 59 ? 0.2070 0.1326 0.1436 -0.0098 0.0083  -0.0092 59 TYR A N   
453 C CA  . TYR A 59 ? 0.2299 0.1426 0.1616 -0.0097 0.0079  -0.0088 59 TYR A CA  
454 C C   . TYR A 59 ? 0.2431 0.1623 0.1834 -0.0145 0.0057  -0.0049 59 TYR A C   
455 O O   . TYR A 59 ? 0.2092 0.1419 0.1588 -0.0126 0.0070  -0.0021 59 TYR A O   
456 C CB  . TYR A 59 ? 0.2259 0.1355 0.1563 -0.0008 0.0129  -0.0081 59 TYR A CB  
457 C CG  . TYR A 59 ? 0.2816 0.1759 0.2062 0.0010  0.0132  -0.0071 59 TYR A CG  
458 C CD1 . TYR A 59 ? 0.3609 0.2345 0.2722 -0.0001 0.0124  -0.0107 59 TYR A CD1 
459 C CD2 . TYR A 59 ? 0.3166 0.2158 0.2478 0.0038  0.0143  -0.0024 59 TYR A CD2 
460 C CE1 . TYR A 59 ? 0.3906 0.2472 0.2958 0.0015  0.0130  -0.0097 59 TYR A CE1 
461 C CE2 . TYR A 59 ? 0.3442 0.2277 0.2693 0.0060  0.0149  -0.0005 59 TYR A CE2 
462 C CZ  . TYR A 59 ? 0.4338 0.2953 0.3461 0.0047  0.0143  -0.0041 59 TYR A CZ  
463 O OH  . TYR A 59 ? 0.4101 0.2529 0.3155 0.0068  0.0151  -0.0021 59 TYR A OH  
464 N N   . ASN A 60 ? 0.2185 0.1281 0.1549 -0.0211 0.0023  -0.0047 60 ASN A N   
465 C CA  . ASN A 60 ? 0.2181 0.1332 0.1617 -0.0257 0.0010  -0.0003 60 ASN A CA  
466 C C   . ASN A 60 ? 0.2437 0.1489 0.1843 -0.0213 0.0036  0.0026  60 ASN A C   
467 O O   . ASN A 60 ? 0.2685 0.1548 0.1999 -0.0221 0.0033  0.0017  60 ASN A O   
468 C CB  . ASN A 60 ? 0.2488 0.1595 0.1908 -0.0355 -0.0037 -0.0008 60 ASN A CB  
469 C CG  . ASN A 60 ? 0.2291 0.1495 0.1801 -0.0409 -0.0046 0.0042  60 ASN A CG  
470 O OD1 . ASN A 60 ? 0.2303 0.1513 0.1837 -0.0382 -0.0020 0.0082  60 ASN A OD1 
471 N ND2 . ASN A 60 ? 0.2127 0.1416 0.1687 -0.0486 -0.0084 0.0044  60 ASN A ND2 
472 N N   . GLU A 61 ? 0.2047 0.1222 0.1526 -0.0162 0.0061  0.0059  61 GLU A N   
473 C CA  . GLU A 61 ? 0.2180 0.1291 0.1637 -0.0100 0.0086  0.0095  61 GLU A CA  
474 C C   . GLU A 61 ? 0.2673 0.1682 0.2105 -0.0157 0.0073  0.0137  61 GLU A C   
475 O O   . GLU A 61 ? 0.2785 0.1649 0.2155 -0.0121 0.0087  0.0163  61 GLU A O   
476 C CB  . GLU A 61 ? 0.2231 0.1530 0.1778 -0.0053 0.0103  0.0123  61 GLU A CB  
477 C CG  . GLU A 61 ? 0.2594 0.2006 0.2183 -0.0008 0.0119  0.0088  61 GLU A CG  
478 C CD  . GLU A 61 ? 0.4360 0.3720 0.3912 0.0080  0.0151  0.0083  61 GLU A CD  
479 O OE1 . GLU A 61 ? 0.4407 0.3621 0.3891 0.0116  0.0160  0.0101  61 GLU A OE1 
480 O OE2 . GLU A 61 ? 0.4124 0.3594 0.3723 0.0117  0.0169  0.0065  61 GLU A OE2 
481 N N   . THR A 62 ? 0.2382 0.1475 0.1868 -0.0241 0.0048  0.0148  62 THR A N   
482 C CA  . THR A 62 ? 0.2496 0.1529 0.1978 -0.0309 0.0038  0.0196  62 THR A CA  
483 C C   . THR A 62 ? 0.3311 0.2118 0.2699 -0.0368 0.0018  0.0177  62 THR A C   
484 O O   . THR A 62 ? 0.3022 0.1674 0.2356 -0.0383 0.0026  0.0214  62 THR A O   
485 C CB  . THR A 62 ? 0.2225 0.1447 0.1807 -0.0377 0.0024  0.0218  62 THR A CB  
486 O OG1 . THR A 62 ? 0.2021 0.1428 0.1673 -0.0321 0.0041  0.0223  62 THR A OG1 
487 C CG2 . THR A 62 ? 0.2827 0.2015 0.2415 -0.0442 0.0025  0.0282  62 THR A CG2 
488 N N   . THR A 63 ? 0.2961 0.1739 0.2318 -0.0402 -0.0008 0.0116  63 THR A N   
489 C CA  . THR A 63 ? 0.3259 0.1827 0.2515 -0.0469 -0.0036 0.0083  63 THR A CA  
490 C C   . THR A 63 ? 0.3591 0.1958 0.2716 -0.0395 -0.0018 0.0031  63 THR A C   
491 O O   . THR A 63 ? 0.3497 0.1637 0.2512 -0.0436 -0.0032 0.0001  63 THR A O   
492 C CB  . THR A 63 ? 0.3199 0.1852 0.2482 -0.0558 -0.0084 0.0044  63 THR A CB  
493 O OG1 . THR A 63 ? 0.2856 0.1592 0.2133 -0.0496 -0.0081 0.0000  63 THR A OG1 
494 C CG2 . THR A 63 ? 0.3147 0.2010 0.2564 -0.0625 -0.0098 0.0094  63 THR A CG2 
495 N N   . GLY A 64 ? 0.3241 0.1686 0.2376 -0.0292 0.0015  0.0016  64 GLY A N   
496 C CA  . GLY A 64 ? 0.3549 0.1839 0.2569 -0.0212 0.0040  -0.0033 64 GLY A CA  
497 C C   . GLY A 64 ? 0.3832 0.2088 0.2779 -0.0242 0.0016  -0.0105 64 GLY A C   
498 O O   . GLY A 64 ? 0.3779 0.1885 0.2606 -0.0185 0.0037  -0.0154 64 GLY A O   
499 N N   . GLU A 65 ? 0.3200 0.1603 0.2212 -0.0322 -0.0026 -0.0109 65 GLU A N   
500 C CA  . GLU A 65 ? 0.3319 0.1709 0.2259 -0.0353 -0.0057 -0.0168 65 GLU A CA  
501 C C   . GLU A 65 ? 0.3377 0.1958 0.2380 -0.0300 -0.0040 -0.0170 65 GLU A C   
502 O O   . GLU A 65 ? 0.2933 0.1692 0.2061 -0.0285 -0.0027 -0.0127 65 GLU A O   
503 C CB  . GLU A 65 ? 0.3346 0.1766 0.2312 -0.0481 -0.0123 -0.0170 65 GLU A CB  
504 C CG  . GLU A 65 ? 0.4006 0.2209 0.2898 -0.0552 -0.0142 -0.0175 65 GLU A CG  
505 C CD  . GLU A 65 ? 0.4977 0.3231 0.3914 -0.0690 -0.0207 -0.0169 65 GLU A CD  
506 O OE1 . GLU A 65 ? 0.4130 0.2620 0.3204 -0.0721 -0.0224 -0.0132 65 GLU A OE1 
507 O OE2 . GLU A 65 ? 0.4638 0.2696 0.3477 -0.0769 -0.0240 -0.0202 65 GLU A OE2 
508 N N   . ARG A 66 ? 0.3113 0.1645 0.2015 -0.0275 -0.0040 -0.0220 66 ARG A N   
509 C CA  . ARG A 66 ? 0.2744 0.1439 0.1694 -0.0229 -0.0020 -0.0216 66 ARG A CA  
510 C C   . ARG A 66 ? 0.2743 0.1477 0.1652 -0.0287 -0.0071 -0.0241 66 ARG A C   
511 O O   . ARG A 66 ? 0.3028 0.1625 0.1814 -0.0331 -0.0108 -0.0287 66 ARG A O   
512 C CB  . ARG A 66 ? 0.2688 0.1323 0.1565 -0.0126 0.0042  -0.0237 66 ARG A CB  
513 C CG  . ARG A 66 ? 0.3178 0.1961 0.2091 -0.0089 0.0067  -0.0231 66 ARG A CG  
514 C CD  . ARG A 66 ? 0.3650 0.2386 0.2492 0.0007  0.0133  -0.0250 66 ARG A CD  
515 N NE  . ARG A 66 ? 0.4164 0.2876 0.3047 0.0074  0.0175  -0.0230 66 ARG A NE  
516 C CZ  . ARG A 66 ? 0.4809 0.3678 0.3826 0.0111  0.0206  -0.0186 66 ARG A CZ  
517 N NH1 . ARG A 66 ? 0.4844 0.3885 0.3963 0.0085  0.0201  -0.0163 66 ARG A NH1 
518 N NH2 . ARG A 66 ? 0.5275 0.4121 0.4318 0.0176  0.0238  -0.0167 66 ARG A NH2 
519 N N   . GLY A 67 ? 0.2434 0.1351 0.1439 -0.0287 -0.0077 -0.0214 67 GLY A N   
520 C CA  . GLY A 67 ? 0.2673 0.1642 0.1642 -0.0328 -0.0125 -0.0228 67 GLY A CA  
521 C C   . GLY A 67 ? 0.2430 0.1596 0.1533 -0.0328 -0.0132 -0.0184 67 GLY A C   
522 O O   . GLY A 67 ? 0.2408 0.1663 0.1614 -0.0289 -0.0091 -0.0152 67 GLY A O   
523 N N   . ASP A 68 ? 0.2597 0.1830 0.1693 -0.0370 -0.0186 -0.0183 68 ASP A N   
524 C CA  . ASP A 68 ? 0.2034 0.1438 0.1240 -0.0361 -0.0193 -0.0143 68 ASP A CA  
525 C C   . ASP A 68 ? 0.2230 0.1750 0.1575 -0.0410 -0.0221 -0.0111 68 ASP A C   
526 O O   . ASP A 68 ? 0.2377 0.1868 0.1719 -0.0480 -0.0263 -0.0119 68 ASP A O   
527 C CB  . ASP A 68 ? 0.2429 0.1862 0.1561 -0.0372 -0.0242 -0.0150 68 ASP A CB  
528 C CG  . ASP A 68 ? 0.3838 0.3184 0.2833 -0.0315 -0.0207 -0.0171 68 ASP A CG  
529 O OD1 . ASP A 68 ? 0.3304 0.2594 0.2283 -0.0263 -0.0141 -0.0176 68 ASP A OD1 
530 O OD2 . ASP A 68 ? 0.4065 0.3417 0.2970 -0.0322 -0.0246 -0.0178 68 ASP A OD2 
531 N N   . PHE A 69 ? 0.2042 0.1690 0.1504 -0.0377 -0.0195 -0.0075 69 PHE A N   
532 C CA  . PHE A 69 ? 0.1997 0.1771 0.1588 -0.0410 -0.0211 -0.0043 69 PHE A CA  
533 C C   . PHE A 69 ? 0.1678 0.1584 0.1357 -0.0364 -0.0198 -0.0015 69 PHE A C   
534 O O   . PHE A 69 ? 0.1786 0.1668 0.1440 -0.0309 -0.0162 -0.0017 69 PHE A O   
535 C CB  . PHE A 69 ? 0.1919 0.1662 0.1551 -0.0415 -0.0176 -0.0035 69 PHE A CB  
536 C CG  . PHE A 69 ? 0.1745 0.1480 0.1391 -0.0348 -0.0116 -0.0034 69 PHE A CG  
537 C CD1 . PHE A 69 ? 0.1775 0.1628 0.1522 -0.0320 -0.0092 -0.0012 69 PHE A CD1 
538 C CD2 . PHE A 69 ? 0.2106 0.1721 0.1666 -0.0312 -0.0086 -0.0057 69 PHE A CD2 
539 C CE1 . PHE A 69 ? 0.2046 0.1900 0.1810 -0.0270 -0.0045 -0.0015 69 PHE A CE1 
540 C CE2 . PHE A 69 ? 0.1836 0.1473 0.1427 -0.0255 -0.0036 -0.0053 69 PHE A CE2 
541 C CZ  . PHE A 69 ? 0.2015 0.1771 0.1708 -0.0242 -0.0020 -0.0032 69 PHE A CZ  
542 N N   . PRO A 70 ? 0.1642 0.1684 0.1423 -0.0386 -0.0223 0.0013  70 PRO A N   
543 C CA  . PRO A 70 ? 0.1511 0.1661 0.1365 -0.0334 -0.0211 0.0037  70 PRO A CA  
544 C C   . PRO A 70 ? 0.1216 0.1386 0.1134 -0.0291 -0.0153 0.0042  70 PRO A C   
545 O O   . PRO A 70 ? 0.1581 0.1787 0.1553 -0.0313 -0.0138 0.0046  70 PRO A O   
546 C CB  . PRO A 70 ? 0.1739 0.2040 0.1684 -0.0368 -0.0257 0.0065  70 PRO A CB  
547 C CG  . PRO A 70 ? 0.2140 0.2425 0.2093 -0.0447 -0.0277 0.0059  70 PRO A CG  
548 C CD  . PRO A 70 ? 0.2115 0.2218 0.1948 -0.0460 -0.0264 0.0023  70 PRO A CD  
549 N N   . GLY A 71 ? 0.1325 0.1470 0.1230 -0.0237 -0.0121 0.0041  71 GLY A N   
550 C CA  . GLY A 71 ? 0.1435 0.1585 0.1386 -0.0205 -0.0071 0.0035  71 GLY A CA  
551 C C   . GLY A 71 ? 0.1265 0.1531 0.1317 -0.0191 -0.0062 0.0049  71 GLY A C   
552 O O   . GLY A 71 ? 0.1288 0.1569 0.1372 -0.0179 -0.0028 0.0039  71 GLY A O   
553 N N   . THR A 72 ? 0.1143 0.1501 0.1241 -0.0188 -0.0093 0.0072  72 THR A N   
554 C CA  . THR A 72 ? 0.1021 0.1502 0.1216 -0.0167 -0.0079 0.0087  72 THR A CA  
555 C C   . THR A 72 ? 0.1253 0.1800 0.1491 -0.0216 -0.0077 0.0092  72 THR A C   
556 O O   . THR A 72 ? 0.1414 0.2062 0.1725 -0.0198 -0.0052 0.0102  72 THR A O   
557 C CB  . THR A 72 ? 0.1359 0.1949 0.1606 -0.0147 -0.0116 0.0120  72 THR A CB  
558 O OG1 . THR A 72 ? 0.1372 0.1973 0.1590 -0.0205 -0.0172 0.0128  72 THR A OG1 
559 C CG2 . THR A 72 ? 0.1491 0.2028 0.1708 -0.0082 -0.0108 0.0126  72 THR A CG2 
560 N N   . TYR A 73 ? 0.1158 0.1638 0.1346 -0.0274 -0.0098 0.0088  73 TYR A N   
561 C CA  . TYR A 73 ? 0.1053 0.1573 0.1273 -0.0327 -0.0098 0.0103  73 TYR A CA  
562 C C   . TYR A 73 ? 0.1354 0.1808 0.1542 -0.0316 -0.0056 0.0090  73 TYR A C   
563 O O   . TYR A 73 ? 0.1238 0.1706 0.1438 -0.0353 -0.0048 0.0108  73 TYR A O   
564 C CB  . TYR A 73 ? 0.1286 0.1747 0.1460 -0.0401 -0.0144 0.0105  73 TYR A CB  
565 C CG  . TYR A 73 ? 0.1402 0.1980 0.1635 -0.0442 -0.0194 0.0126  73 TYR A CG  
566 C CD1 . TYR A 73 ? 0.1139 0.1796 0.1401 -0.0397 -0.0214 0.0133  73 TYR A CD1 
567 C CD2 . TYR A 73 ? 0.1273 0.1879 0.1529 -0.0528 -0.0225 0.0143  73 TYR A CD2 
568 C CE1 . TYR A 73 ? 0.1447 0.2237 0.1770 -0.0433 -0.0267 0.0158  73 TYR A CE1 
569 C CE2 . TYR A 73 ? 0.1658 0.2393 0.1980 -0.0578 -0.0278 0.0162  73 TYR A CE2 
570 C CZ  . TYR A 73 ? 0.1751 0.2587 0.2107 -0.0526 -0.0301 0.0170  73 TYR A CZ  
571 O OH  . TYR A 73 ? 0.2196 0.3184 0.2626 -0.0574 -0.0359 0.0194  73 TYR A OH  
572 N N   . VAL A 74 ? 0.1128 0.1513 0.1275 -0.0268 -0.0031 0.0065  74 VAL A N   
573 C CA  . VAL A 74 ? 0.0982 0.1315 0.1099 -0.0257 0.0000  0.0053  74 VAL A CA  
574 C C   . VAL A 74 ? 0.1298 0.1665 0.1439 -0.0209 0.0033  0.0032  74 VAL A C   
575 O O   . VAL A 74 ? 0.1416 0.1802 0.1577 -0.0179 0.0037  0.0023  74 VAL A O   
576 C CB  . VAL A 74 ? 0.1236 0.1436 0.1272 -0.0260 -0.0004 0.0037  74 VAL A CB  
577 C CG1 . VAL A 74 ? 0.1466 0.1602 0.1456 -0.0310 -0.0040 0.0045  74 VAL A CG1 
578 C CG2 . VAL A 74 ? 0.1149 0.1308 0.1158 -0.0224 0.0005  0.0016  74 VAL A CG2 
579 N N   . GLU A 75 ? 0.1134 0.1504 0.1265 -0.0203 0.0056  0.0027  75 GLU A N   
580 C CA  . GLU A 75 ? 0.0944 0.1337 0.1081 -0.0169 0.0082  -0.0001 75 GLU A CA  
581 C C   . GLU A 75 ? 0.1245 0.1576 0.1344 -0.0165 0.0088  -0.0016 75 GLU A C   
582 O O   . GLU A 75 ? 0.1377 0.1681 0.1449 -0.0176 0.0082  0.0001  75 GLU A O   
583 C CB  . GLU A 75 ? 0.1822 0.2308 0.1982 -0.0168 0.0100  0.0008  75 GLU A CB  
584 C CG  . GLU A 75 ? 0.2405 0.2920 0.2561 -0.0137 0.0122  -0.0030 75 GLU A CG  
585 C CD  . GLU A 75 ? 0.3977 0.4594 0.4147 -0.0125 0.0144  -0.0024 75 GLU A CD  
586 O OE1 . GLU A 75 ? 0.2492 0.3151 0.2658 -0.0148 0.0143  0.0014  75 GLU A OE1 
587 O OE2 . GLU A 75 ? 0.5107 0.5752 0.5282 -0.0094 0.0163  -0.0057 75 GLU A OE2 
588 N N   . TYR A 76 ? 0.1065 0.1374 0.1164 -0.0147 0.0100  -0.0045 76 TYR A N   
589 C CA  . TYR A 76 ? 0.0866 0.1151 0.0950 -0.0145 0.0107  -0.0059 76 TYR A CA  
590 C C   . TYR A 76 ? 0.1313 0.1666 0.1402 -0.0141 0.0111  -0.0063 76 TYR A C   
591 O O   . TYR A 76 ? 0.1364 0.1773 0.1465 -0.0137 0.0117  -0.0082 76 TYR A O   
592 C CB  . TYR A 76 ? 0.1157 0.1415 0.1252 -0.0139 0.0120  -0.0087 76 TYR A CB  
593 C CG  . TYR A 76 ? 0.1310 0.1571 0.1409 -0.0144 0.0130  -0.0101 76 TYR A CG  
594 C CD1 . TYR A 76 ? 0.1582 0.1808 0.1662 -0.0141 0.0133  -0.0083 76 TYR A CD1 
595 C CD2 . TYR A 76 ? 0.1647 0.1953 0.1769 -0.0153 0.0135  -0.0132 76 TYR A CD2 
596 C CE1 . TYR A 76 ? 0.1437 0.1691 0.1534 -0.0140 0.0146  -0.0090 76 TYR A CE1 
597 C CE2 . TYR A 76 ? 0.1736 0.2071 0.1877 -0.0165 0.0140  -0.0140 76 TYR A CE2 
598 C CZ  . TYR A 76 ? 0.1973 0.2290 0.2109 -0.0155 0.0147  -0.0116 76 TYR A CZ  
599 O OH  . TYR A 76 ? 0.1905 0.2275 0.2075 -0.0162 0.0155  -0.0119 76 TYR A OH  
600 N N   . ILE A 77 ? 0.1032 0.1380 0.1102 -0.0136 0.0107  -0.0047 77 ILE A N   
601 C CA  . ILE A 77 ? 0.1134 0.1554 0.1202 -0.0129 0.0105  -0.0043 77 ILE A CA  
602 C C   . ILE A 77 ? 0.1480 0.1934 0.1558 -0.0117 0.0103  -0.0056 77 ILE A C   
603 O O   . ILE A 77 ? 0.1545 0.2075 0.1621 -0.0109 0.0095  -0.0056 77 ILE A O   
604 C CB  . ILE A 77 ? 0.1147 0.1559 0.1187 -0.0128 0.0100  0.0003  77 ILE A CB  
605 C CG1 . ILE A 77 ? 0.1247 0.1570 0.1260 -0.0118 0.0096  0.0026  77 ILE A CG1 
606 C CG2 . ILE A 77 ? 0.0902 0.1325 0.0950 -0.0148 0.0102  0.0019  77 ILE A CG2 
607 C CD1 . ILE A 77 ? 0.1183 0.1468 0.1162 -0.0120 0.0093  0.0074  77 ILE A CD1 
608 N N   . GLY A 78 ? 0.1266 0.1681 0.1359 -0.0117 0.0111  -0.0065 78 GLY A N   
609 C CA  . GLY A 78 ? 0.1350 0.1823 0.1473 -0.0112 0.0113  -0.0077 78 GLY A CA  
610 C C   . GLY A 78 ? 0.1375 0.1805 0.1498 -0.0092 0.0127  -0.0059 78 GLY A C   
611 O O   . GLY A 78 ? 0.1460 0.1797 0.1548 -0.0089 0.0135  -0.0049 78 GLY A O   
612 N N   . ARG A 79 ? 0.1126 0.1631 0.1286 -0.0078 0.0131  -0.0058 79 ARG A N   
613 C CA  . ARG A 79 ? 0.1453 0.1926 0.1611 -0.0049 0.0154  -0.0040 79 ARG A CA  
614 C C   . ARG A 79 ? 0.1972 0.2511 0.2143 0.0000  0.0151  -0.0011 79 ARG A C   
615 O O   . ARG A 79 ? 0.2003 0.2641 0.2200 0.0004  0.0128  -0.0007 79 ARG A O   
616 C CB  . ARG A 79 ? 0.2679 0.3180 0.2881 -0.0076 0.0175  -0.0058 79 ARG A CB  
617 C CG  . ARG A 79 ? 0.3391 0.4008 0.3662 -0.0113 0.0162  -0.0083 79 ARG A CG  
618 C CD  . ARG A 79 ? 0.4442 0.5038 0.4743 -0.0162 0.0182  -0.0103 79 ARG A CD  
619 N NE  . ARG A 79 ? 0.4130 0.4742 0.4455 -0.0149 0.0217  -0.0082 79 ARG A NE  
620 C CZ  . ARG A 79 ? 0.3831 0.4412 0.4172 -0.0185 0.0244  -0.0084 79 ARG A CZ  
621 N NH1 . ARG A 79 ? 0.3379 0.3896 0.3712 -0.0231 0.0239  -0.0106 79 ARG A NH1 
622 N NH2 . ARG A 79 ? 0.3519 0.4132 0.3879 -0.0169 0.0282  -0.0060 79 ARG A NH2 
623 N N   . LYS A 80 ? 0.1798 0.2281 0.1945 0.0045  0.0175  0.0007  80 LYS A N   
624 C CA  . LYS A 80 ? 0.1822 0.2363 0.1983 0.0108  0.0178  0.0039  80 LYS A CA  
625 C C   . LYS A 80 ? 0.2078 0.2614 0.2247 0.0153  0.0217  0.0044  80 LYS A C   
626 O O   . LYS A 80 ? 0.2006 0.2466 0.2145 0.0137  0.0242  0.0027  80 LYS A O   
627 C CB  . LYS A 80 ? 0.1893 0.2330 0.1982 0.0140  0.0166  0.0068  80 LYS A CB  
628 C CG  . LYS A 80 ? 0.2572 0.2830 0.2577 0.0142  0.0181  0.0064  80 LYS A CG  
629 C CD  . LYS A 80 ? 0.2740 0.2894 0.2681 0.0179  0.0175  0.0098  80 LYS A CD  
630 C CE  . LYS A 80 ? 0.2943 0.2910 0.2794 0.0168  0.0182  0.0087  80 LYS A CE  
631 N NZ  . LYS A 80 ? 0.3246 0.3086 0.3030 0.0196  0.0178  0.0121  80 LYS A NZ  
632 N N   . LYS A 81 ? 0.1948 0.2578 0.2159 0.0217  0.0225  0.0071  81 LYS A N   
633 C CA  . LYS A 81 ? 0.1859 0.2475 0.2065 0.0283  0.0269  0.0083  81 LYS A CA  
634 C C   . LYS A 81 ? 0.2615 0.3027 0.2703 0.0332  0.0283  0.0089  81 LYS A C   
635 O O   . LYS A 81 ? 0.3128 0.3464 0.3168 0.0345  0.0258  0.0108  81 LYS A O   
636 C CB  . LYS A 81 ? 0.2747 0.3544 0.3044 0.0347  0.0273  0.0115  81 LYS A CB  
637 N N   . ILE A 82 ? 0.3055 0.3375 0.3088 0.0354  0.0323  0.0072  82 ILE A N   
638 C CA  . ILE A 82 ? 0.3668 0.3783 0.3578 0.0398  0.0337  0.0067  82 ILE A CA  
639 C C   . ILE A 82 ? 0.4845 0.4959 0.4741 0.0501  0.0388  0.0077  82 ILE A C   
640 O O   . ILE A 82 ? 0.4338 0.4583 0.4299 0.0518  0.0426  0.0075  82 ILE A O   
641 C CB  . ILE A 82 ? 0.3519 0.3489 0.3339 0.0339  0.0334  0.0032  82 ILE A CB  
642 C CG1 . ILE A 82 ? 0.3944 0.3974 0.3779 0.0331  0.0372  0.0014  82 ILE A CG1 
643 C CG2 . ILE A 82 ? 0.3197 0.3166 0.3030 0.0251  0.0286  0.0025  82 ILE A CG2 
644 C CD1 . ILE A 82 ? 0.4377 0.4286 0.4123 0.0274  0.0364  -0.0016 82 ILE A CD1 
645 N N   . LYS B 3  ? 0.9553 0.7519 0.6689 0.0434  0.0260  -0.0229 3  LYS B N   
646 C CA  . LYS B 3  ? 0.8766 0.7074 0.6205 0.0343  0.0232  -0.0275 3  LYS B CA  
647 C C   . LYS B 3  ? 0.7837 0.6260 0.5439 0.0326  -0.0026 -0.0236 3  LYS B C   
648 O O   . LYS B 3  ? 0.7720 0.6191 0.5434 0.0357  -0.0150 -0.0170 3  LYS B O   
649 C CB  . LYS B 3  ? 0.8386 0.6989 0.6150 0.0250  0.0415  -0.0318 3  LYS B CB  
650 C CG  . LYS B 3  ? 0.8966 0.7469 0.6583 0.0198  0.0673  -0.0362 3  LYS B CG  
651 C CD  . LYS B 3  ? 0.9133 0.7689 0.6910 0.0121  0.0816  -0.0377 3  LYS B CD  
652 C CE  . LYS B 3  ? 0.9044 0.8000 0.7183 0.0017  0.0827  -0.0430 3  LYS B CE  
653 N NZ  . LYS B 3  ? 0.8925 0.8132 0.7099 -0.0119 0.0980  -0.0521 3  LYS B NZ  
654 N N   . ARG B 4  ? 0.6128 0.4596 0.3717 0.0281  -0.0095 -0.0270 4  ARG B N   
655 C CA  . ARG B 4  ? 0.5563 0.4140 0.3308 0.0205  -0.0302 -0.0249 4  ARG B CA  
656 C C   . ARG B 4  ? 0.4572 0.3537 0.2805 0.0157  -0.0272 -0.0225 4  ARG B C   
657 O O   . ARG B 4  ? 0.3849 0.2999 0.2270 0.0147  -0.0093 -0.0266 4  ARG B O   
658 C CB  . ARG B 4  ? 0.5699 0.4183 0.3283 0.0177  -0.0298 -0.0295 4  ARG B CB  
659 C CG  . ARG B 4  ? 0.4710 0.3239 0.2399 0.0058  -0.0473 -0.0286 4  ARG B CG  
660 C CD  . ARG B 4  ? 0.4223 0.2554 0.1648 0.0067  -0.0413 -0.0328 4  ARG B CD  
661 N NE  . ARG B 4  ? 0.4489 0.2794 0.1967 -0.0079 -0.0546 -0.0326 4  ARG B NE  
662 C CZ  . ARG B 4  ? 0.4944 0.3060 0.2210 -0.0080 -0.0481 -0.0354 4  ARG B CZ  
663 N NH1 . ARG B 4  ? 0.4898 0.2905 0.1918 0.0095  -0.0296 -0.0373 4  ARG B NH1 
664 N NH2 . ARG B 4  ? 0.4704 0.2748 0.1990 -0.0248 -0.0588 -0.0354 4  ARG B NH2 
665 N N   . PRO B 5  ? 0.3912 0.3024 0.2339 0.0132  -0.0447 -0.0153 5  PRO B N   
666 C CA  . PRO B 5  ? 0.3788 0.3261 0.2664 0.0120  -0.0402 -0.0109 5  PRO B CA  
667 C C   . PRO B 5  ? 0.3435 0.3080 0.2521 0.0025  -0.0349 -0.0157 5  PRO B C   
668 O O   . PRO B 5  ? 0.3254 0.2779 0.2188 -0.0053 -0.0442 -0.0190 5  PRO B O   
669 C CB  . PRO B 5  ? 0.4249 0.3902 0.3272 0.0108  -0.0636 -0.0009 5  PRO B CB  
670 C CG  . PRO B 5  ? 0.5441 0.4814 0.4083 0.0042  -0.0836 -0.0035 5  PRO B CG  
671 C CD  . PRO B 5  ? 0.4752 0.3740 0.2990 0.0133  -0.0687 -0.0097 5  PRO B CD  
672 N N   . LEU B 6  ? 0.2933 0.2792 0.2299 0.0041  -0.0190 -0.0159 6  LEU B N   
673 C CA  . LEU B 6  ? 0.2516 0.2545 0.2079 -0.0024 -0.0137 -0.0193 6  LEU B CA  
674 C C   . LEU B 6  ? 0.2744 0.2995 0.2610 -0.0091 -0.0265 -0.0114 6  LEU B C   
675 O O   . LEU B 6  ? 0.2844 0.3265 0.2906 -0.0046 -0.0321 -0.0021 6  LEU B O   
676 C CB  . LEU B 6  ? 0.1962 0.2124 0.1680 0.0007  0.0073  -0.0224 6  LEU B CB  
677 C CG  . LEU B 6  ? 0.2464 0.2531 0.1952 0.0014  0.0218  -0.0317 6  LEU B CG  
678 C CD1 . LEU B 6  ? 0.2349 0.2498 0.1932 -0.0001 0.0406  -0.0349 6  LEU B CD1 
679 C CD2 . LEU B 6  ? 0.2562 0.2679 0.1967 0.0003  0.0219  -0.0374 6  LEU B CD2 
680 N N   . PRO B 7  ? 0.2166 0.2428 0.2063 -0.0188 -0.0295 -0.0139 7  PRO B N   
681 C CA  . PRO B 7  ? 0.2010 0.2526 0.2238 -0.0285 -0.0381 -0.0063 7  PRO B CA  
682 C C   . PRO B 7  ? 0.2230 0.3003 0.2800 -0.0208 -0.0207 -0.0024 7  PRO B C   
683 O O   . PRO B 7  ? 0.1969 0.2667 0.2458 -0.0137 -0.0038 -0.0090 7  PRO B O   
684 C CB  . PRO B 7  ? 0.3285 0.3604 0.3323 -0.0411 -0.0411 -0.0119 7  PRO B CB  
685 C CG  . PRO B 7  ? 0.3287 0.3433 0.3094 -0.0296 -0.0238 -0.0204 7  PRO B CG  
686 C CD  . PRO B 7  ? 0.3064 0.3118 0.2691 -0.0198 -0.0230 -0.0224 7  PRO B CD  
687 N N   . PRO B 8  ? 0.1434 0.2524 0.2372 -0.0219 -0.0245 0.0088  8  PRO B N   
688 C CA  . PRO B 8  ? 0.1303 0.2577 0.2517 -0.0138 -0.0059 0.0133  8  PRO B CA  
689 C C   . PRO B 8  ? 0.1750 0.2949 0.2944 -0.0214 0.0032  0.0065  8  PRO B C   
690 O O   . PRO B 8  ? 0.1750 0.2810 0.2789 -0.0342 -0.0063 0.0021  8  PRO B O   
691 C CB  . PRO B 8  ? 0.1744 0.3420 0.3356 -0.0140 -0.0144 0.0287  8  PRO B CB  
692 C CG  . PRO B 8  ? 0.3024 0.4737 0.4583 -0.0332 -0.0392 0.0283  8  PRO B CG  
693 C CD  . PRO B 8  ? 0.1915 0.3250 0.3031 -0.0303 -0.0456 0.0186  8  PRO B CD  
694 N N   . LEU B 9  ? 0.1530 0.2757 0.2806 -0.0125 0.0224  0.0055  9  LEU B N   
695 C CA  . LEU B 9  ? 0.1927 0.3110 0.3196 -0.0162 0.0320  0.0013  9  LEU B CA  
696 C C   . LEU B 9  ? 0.1900 0.3258 0.3439 -0.0277 0.0265  0.0105  9  LEU B C   
697 O O   . LEU B 9  ? 0.2079 0.3731 0.3937 -0.0282 0.0216  0.0223  9  LEU B O   
698 C CB  . LEU B 9  ? 0.1375 0.2566 0.2675 -0.0050 0.0523  -0.0004 9  LEU B CB  
699 C CG  . LEU B 9  ? 0.1718 0.2763 0.2747 0.0002  0.0600  -0.0114 9  LEU B CG  
700 C CD1 . LEU B 9  ? 0.2315 0.3351 0.3354 0.0066  0.0789  -0.0130 9  LEU B CD1 
701 C CD2 . LEU B 9  ? 0.1539 0.2474 0.2290 -0.0029 0.0549  -0.0221 9  LEU B CD2 
702 N N   . PRO B 10 ? 0.1385 0.2574 0.2778 -0.0369 0.0284  0.0056  10 PRO B N   
703 C CA  . PRO B 10 ? 0.2516 0.3829 0.4130 -0.0531 0.0257  0.0133  10 PRO B CA  
704 C C   . PRO B 10 ? 0.3936 0.5475 0.5878 -0.0451 0.0438  0.0219  10 PRO B C   
705 O O   . PRO B 10 ? 0.4188 0.5684 0.6085 -0.0275 0.0583  0.0195  10 PRO B O   
706 C CB  . PRO B 10 ? 0.3280 0.4194 0.4495 -0.0611 0.0281  0.0042  10 PRO B CB  
707 C CG  . PRO B 10 ? 0.3278 0.4012 0.4206 -0.0412 0.0389  -0.0051 10 PRO B CG  
708 C CD  . PRO B 10 ? 0.1837 0.2700 0.2813 -0.0336 0.0317  -0.0061 10 PRO B CD  
709 N N   . SER B 11 ? 0.4838 0.6599 0.7078 -0.0595 0.0436  0.0317  11 SER B N   
710 C CA  . SER B 11 ? 0.6356 0.8371 0.8947 -0.0519 0.0618  0.0429  11 SER B CA  
711 C C   . SER B 11 ? 0.6221 0.8690 0.9211 -0.0408 0.0595  0.0574  11 SER B C   
712 O O   . SER B 11 ? 0.6806 0.9675 1.0211 -0.0436 0.0645  0.0720  11 SER B O   
713 C CB  . SER B 11 ? 0.6470 0.8217 0.8840 -0.0327 0.0831  0.0365  11 SER B CB  
714 O OG  . SER B 11 ? 0.6392 0.8332 0.9049 -0.0221 0.1020  0.0480  11 SER B OG  
# 
loop_
_pdbx_poly_seq_scheme.asym_id 
_pdbx_poly_seq_scheme.entity_id 
_pdbx_poly_seq_scheme.seq_id 
_pdbx_poly_seq_scheme.mon_id 
_pdbx_poly_seq_scheme.ndb_seq_num 
_pdbx_poly_seq_scheme.pdb_seq_num 
_pdbx_poly_seq_scheme.auth_seq_num 
_pdbx_poly_seq_scheme.pdb_mon_id 
_pdbx_poly_seq_scheme.auth_mon_id 
_pdbx_poly_seq_scheme.pdb_strand_id 
_pdbx_poly_seq_scheme.pdb_ins_code 
_pdbx_poly_seq_scheme.hetero 
A 1 1  MET 1  1  ?  ?   ?   A . n 
A 1 2  SER 2  2  2  SER SER A . n 
A 1 3  ALA 3  3  3  ALA ALA A . n 
A 1 4  GLU 4  4  4  GLU GLU A . n 
A 1 5  GLY 5  5  5  GLY GLY A . n 
A 1 6  TYR 6  6  6  TYR TYR A . n 
A 1 7  GLN 7  7  7  GLN GLN A . n 
A 1 8  TYR 8  8  8  TYR TYR A . n 
A 1 9  ARG 9  9  9  ARG ARG A . n 
A 1 10 ALA 10 10 10 ALA ALA A . n 
A 1 11 LEU 11 11 11 LEU LEU A . n 
A 1 12 TYR 12 12 12 TYR TYR A . n 
A 1 13 ASP 13 13 13 ASP ASP A . n 
A 1 14 TYR 14 14 14 TYR TYR A . n 
A 1 15 LYS 15 15 15 LYS LYS A . n 
A 1 16 LYS 16 16 16 LYS LYS A . n 
A 1 17 GLU 17 17 17 GLU GLU A . n 
A 1 18 ARG 18 18 18 ARG ARG A . n 
A 1 19 GLU 19 19 19 GLU GLU A . n 
A 1 20 GLU 20 20 20 GLU GLU A . n 
A 1 21 ASP 21 21 21 ASP ASP A . n 
A 1 22 ILE 22 22 22 ILE ILE A . n 
A 1 23 ASP 23 23 23 ASP ASP A . n 
A 1 24 LEU 24 24 24 LEU LEU A . n 
A 1 25 HIS 25 25 25 HIS HIS A . n 
A 1 26 LEU 26 26 26 LEU LEU A . n 
A 1 27 GLY 27 27 27 GLY GLY A . n 
A 1 28 ASP 28 28 28 ASP ASP A . n 
A 1 29 ILE 29 29 29 ILE ILE A . n 
A 1 30 LEU 30 30 30 LEU LEU A . n 
A 1 31 THR 31 31 31 THR THR A . n 
A 1 32 VAL 32 32 32 VAL VAL A . n 
A 1 33 ASN 33 33 33 ASN ASN A . n 
A 1 34 LYS 34 34 34 LYS LYS A . n 
A 1 35 GLY 35 35 35 GLY GLY A . n 
A 1 36 SER 36 36 36 SER SER A . n 
A 1 37 LEU 37 37 37 LEU LEU A . n 
A 1 38 VAL 38 38 38 VAL VAL A . n 
A 1 39 ALA 39 39 39 ALA ALA A . n 
A 1 40 LEU 40 40 40 LEU LEU A . n 
A 1 41 GLY 41 41 41 GLY GLY A . n 
A 1 42 PHE 42 42 42 PHE PHE A . n 
A 1 43 SER 43 43 43 SER SER A . n 
A 1 44 ASP 44 44 44 ASP ASP A . n 
A 1 45 GLY 45 45 45 GLY GLY A . n 
A 1 46 GLN 46 46 46 GLN GLN A . n 
A 1 47 GLU 47 47 47 GLU GLU A . n 
A 1 48 ALA 48 48 48 ALA ALA A . n 
A 1 49 ARG 49 49 49 ARG ARG A . n 
A 1 50 PRO 50 50 50 PRO PRO A . n 
A 1 51 GLU 51 51 51 GLU GLU A . n 
A 1 52 GLU 52 52 52 GLU GLU A . n 
A 1 53 ILE 53 53 53 ILE ILE A . n 
A 1 54 GLY 54 54 54 GLY GLY A . n 
A 1 55 TRP 55 55 55 TRP TRP A . n 
A 1 56 LEU 56 56 56 LEU LEU A . n 
A 1 57 ASN 57 57 57 ASN ASN A . n 
A 1 58 GLY 58 58 58 GLY GLY A . n 
A 1 59 TYR 59 59 59 TYR TYR A . n 
A 1 60 ASN 60 60 60 ASN ASN A . n 
A 1 61 GLU 61 61 61 GLU GLU A . n 
A 1 62 THR 62 62 62 THR THR A . n 
A 1 63 THR 63 63 63 THR THR A . n 
A 1 64 GLY 64 64 64 GLY GLY A . n 
A 1 65 GLU 65 65 65 GLU GLU A . n 
A 1 66 ARG 66 66 66 ARG ARG A . n 
A 1 67 GLY 67 67 67 GLY GLY A . n 
A 1 68 ASP 68 68 68 ASP ASP A . n 
A 1 69 PHE 69 69 69 PHE PHE A . n 
A 1 70 PRO 70 70 70 PRO PRO A . n 
A 1 71 GLY 71 71 71 GLY GLY A . n 
A 1 72 THR 72 72 72 THR THR A . n 
A 1 73 TYR 73 73 73 TYR TYR A . n 
A 1 74 VAL 74 74 74 VAL VAL A . n 
A 1 75 GLU 75 75 75 GLU GLU A . n 
A 1 76 TYR 76 76 76 TYR TYR A . n 
A 1 77 ILE 77 77 77 ILE ILE A . n 
A 1 78 GLY 78 78 78 GLY GLY A . n 
A 1 79 ARG 79 79 79 ARG ARG A . n 
A 1 80 LYS 80 80 80 LYS LYS A . n 
A 1 81 LYS 81 81 81 LYS LYS A . n 
A 1 82 ILE 82 82 82 ILE ILE A . n 
A 1 83 SER 83 83 ?  ?   ?   A . n 
B 2 1  HIS 1  1  ?  ?   ?   B . n 
B 2 2  SER 2  2  ?  ?   ?   B . n 
B 2 3  LYS 3  3  3  LYS LYS B . n 
B 2 4  ARG 4  4  4  ARG ARG B . n 
B 2 5  PRO 5  5  5  PRO PRO B . n 
B 2 6  LEU 6  6  6  LEU LEU B . n 
B 2 7  PRO 7  7  7  PRO PRO B . n 
B 2 8  PRO 8  8  8  PRO PRO B . n 
B 2 9  LEU 9  9  9  LEU LEU B . n 
B 2 10 PRO 10 10 10 PRO PRO B . n 
B 2 11 SER 11 11 11 SER SER B . n 
B 2 12 LEU 12 12 ?  ?   ?   B . n 
# 
loop_
_pdbx_nonpoly_scheme.asym_id 
_pdbx_nonpoly_scheme.entity_id 
_pdbx_nonpoly_scheme.mon_id 
_pdbx_nonpoly_scheme.ndb_seq_num 
_pdbx_nonpoly_scheme.pdb_seq_num 
_pdbx_nonpoly_scheme.auth_seq_num 
_pdbx_nonpoly_scheme.pdb_mon_id 
_pdbx_nonpoly_scheme.auth_mon_id 
_pdbx_nonpoly_scheme.pdb_strand_id 
_pdbx_nonpoly_scheme.pdb_ins_code 
C 3 HOH 1  84  1  HOH HOH A . 
C 3 HOH 2  85  2  HOH HOH A . 
C 3 HOH 3  86  3  HOH HOH A . 
C 3 HOH 4  87  4  HOH HOH A . 
C 3 HOH 5  88  5  HOH HOH A . 
C 3 HOH 6  89  6  HOH HOH A . 
C 3 HOH 7  90  7  HOH HOH A . 
C 3 HOH 8  91  8  HOH HOH A . 
C 3 HOH 9  92  9  HOH HOH A . 
C 3 HOH 10 93  10 HOH HOH A . 
C 3 HOH 11 94  11 HOH HOH A . 
C 3 HOH 12 95  12 HOH HOH A . 
C 3 HOH 13 96  13 HOH HOH A . 
C 3 HOH 14 97  14 HOH HOH A . 
C 3 HOH 15 98  15 HOH HOH A . 
C 3 HOH 16 99  16 HOH HOH A . 
C 3 HOH 17 100 18 HOH HOH A . 
C 3 HOH 18 101 19 HOH HOH A . 
C 3 HOH 19 102 20 HOH HOH A . 
C 3 HOH 20 103 21 HOH HOH A . 
C 3 HOH 21 104 22 HOH HOH A . 
C 3 HOH 22 105 23 HOH HOH A . 
C 3 HOH 23 106 24 HOH HOH A . 
C 3 HOH 24 107 25 HOH HOH A . 
C 3 HOH 25 108 26 HOH HOH A . 
C 3 HOH 26 109 27 HOH HOH A . 
C 3 HOH 27 110 28 HOH HOH A . 
C 3 HOH 28 111 29 HOH HOH A . 
C 3 HOH 29 112 30 HOH HOH A . 
C 3 HOH 30 113 31 HOH HOH A . 
C 3 HOH 31 114 32 HOH HOH A . 
C 3 HOH 32 115 34 HOH HOH A . 
C 3 HOH 33 116 36 HOH HOH A . 
C 3 HOH 34 117 37 HOH HOH A . 
C 3 HOH 35 118 38 HOH HOH A . 
C 3 HOH 36 119 39 HOH HOH A . 
C 3 HOH 37 120 42 HOH HOH A . 
C 3 HOH 38 121 43 HOH HOH A . 
C 3 HOH 39 122 44 HOH HOH A . 
C 3 HOH 40 123 45 HOH HOH A . 
C 3 HOH 41 124 46 HOH HOH A . 
C 3 HOH 42 125 47 HOH HOH A . 
C 3 HOH 43 126 48 HOH HOH A . 
C 3 HOH 44 127 49 HOH HOH A . 
C 3 HOH 45 128 50 HOH HOH A . 
C 3 HOH 46 129 51 HOH HOH A . 
C 3 HOH 47 130 52 HOH HOH A . 
C 3 HOH 48 131 53 HOH HOH A . 
C 3 HOH 49 133 55 HOH HOH A . 
C 3 HOH 50 134 56 HOH HOH A . 
C 3 HOH 51 135 57 HOH HOH A . 
C 3 HOH 52 136 58 HOH HOH A . 
C 3 HOH 53 137 59 HOH HOH A . 
C 3 HOH 54 138 60 HOH HOH A . 
C 3 HOH 55 139 62 HOH HOH A . 
C 3 HOH 56 140 63 HOH HOH A . 
C 3 HOH 57 141 64 HOH HOH A . 
C 3 HOH 58 142 65 HOH HOH A . 
C 3 HOH 59 143 66 HOH HOH A . 
C 3 HOH 60 144 67 HOH HOH A . 
C 3 HOH 61 146 69 HOH HOH A . 
C 3 HOH 62 147 70 HOH HOH A . 
C 3 HOH 63 148 33 HOH HOH A . 
C 3 HOH 64 149 35 HOH HOH A . 
D 3 HOH 1  17  17 HOH HOH B . 
D 3 HOH 2  41  41 HOH HOH B . 
D 3 HOH 3  61  61 HOH HOH B . 
# 
_pdbx_struct_assembly.id                   1 
_pdbx_struct_assembly.details              software_defined_assembly 
_pdbx_struct_assembly.method_details       PISA 
_pdbx_struct_assembly.oligomeric_details   dimeric 
_pdbx_struct_assembly.oligomeric_count     2 
# 
_pdbx_struct_assembly_gen.assembly_id       1 
_pdbx_struct_assembly_gen.oper_expression   1 
_pdbx_struct_assembly_gen.asym_id_list      A,B,C,D 
# 
loop_
_pdbx_struct_assembly_prop.biol_id 
_pdbx_struct_assembly_prop.type 
_pdbx_struct_assembly_prop.value 
_pdbx_struct_assembly_prop.details 
1 'ABSA (A^2)' 900  ? 
1 MORE         -3   ? 
1 'SSA (A^2)'  5030 ? 
# 
_pdbx_struct_oper_list.id                   1 
_pdbx_struct_oper_list.type                 'identity operation' 
_pdbx_struct_oper_list.name                 1_555 
_pdbx_struct_oper_list.symmetry_operation   x,y,z 
_pdbx_struct_oper_list.matrix[1][1]         1.0000000000 
_pdbx_struct_oper_list.matrix[1][2]         0.0000000000 
_pdbx_struct_oper_list.matrix[1][3]         0.0000000000 
_pdbx_struct_oper_list.vector[1]            0.0000000000 
_pdbx_struct_oper_list.matrix[2][1]         0.0000000000 
_pdbx_struct_oper_list.matrix[2][2]         1.0000000000 
_pdbx_struct_oper_list.matrix[2][3]         0.0000000000 
_pdbx_struct_oper_list.vector[2]            0.0000000000 
_pdbx_struct_oper_list.matrix[3][1]         0.0000000000 
_pdbx_struct_oper_list.matrix[3][2]         0.0000000000 
_pdbx_struct_oper_list.matrix[3][3]         1.0000000000 
_pdbx_struct_oper_list.vector[3]            0.0000000000 
# 
_pdbx_struct_special_symmetry.id              1 
_pdbx_struct_special_symmetry.PDB_model_num   1 
_pdbx_struct_special_symmetry.auth_asym_id    A 
_pdbx_struct_special_symmetry.auth_comp_id    HOH 
_pdbx_struct_special_symmetry.auth_seq_id     123 
_pdbx_struct_special_symmetry.PDB_ins_code    ? 
_pdbx_struct_special_symmetry.label_asym_id   C 
_pdbx_struct_special_symmetry.label_comp_id   HOH 
_pdbx_struct_special_symmetry.label_seq_id    . 
# 
loop_
_pdbx_audit_revision_history.ordinal 
_pdbx_audit_revision_history.data_content_type 
_pdbx_audit_revision_history.major_revision 
_pdbx_audit_revision_history.minor_revision 
_pdbx_audit_revision_history.revision_date 
1 'Structure model' 1 0 2010-03-02 
2 'Structure model' 1 1 2011-07-13 
3 'Structure model' 1 2 2023-09-06 
# 
_pdbx_audit_revision_details.ordinal             1 
_pdbx_audit_revision_details.revision_ordinal    1 
_pdbx_audit_revision_details.data_content_type   'Structure model' 
_pdbx_audit_revision_details.provider            repository 
_pdbx_audit_revision_details.type                'Initial release' 
_pdbx_audit_revision_details.description         ? 
_pdbx_audit_revision_details.details             ? 
# 
loop_
_pdbx_audit_revision_group.ordinal 
_pdbx_audit_revision_group.revision_ordinal 
_pdbx_audit_revision_group.data_content_type 
_pdbx_audit_revision_group.group 
1 2 'Structure model' 'Version format compliance' 
2 3 'Structure model' 'Data collection'           
3 3 'Structure model' 'Database references'       
4 3 'Structure model' 'Refinement description'    
# 
loop_
_pdbx_audit_revision_category.ordinal 
_pdbx_audit_revision_category.revision_ordinal 
_pdbx_audit_revision_category.data_content_type 
_pdbx_audit_revision_category.category 
1 3 'Structure model' chem_comp_atom                
2 3 'Structure model' chem_comp_bond                
3 3 'Structure model' database_2                    
4 3 'Structure model' pdbx_initial_refinement_model 
# 
loop_
_pdbx_audit_revision_item.ordinal 
_pdbx_audit_revision_item.revision_ordinal 
_pdbx_audit_revision_item.data_content_type 
_pdbx_audit_revision_item.item 
1 3 'Structure model' '_database_2.pdbx_DOI'                
2 3 'Structure model' '_database_2.pdbx_database_accession' 
# 
loop_
_pdbx_refine_tls.pdbx_refine_id 
_pdbx_refine_tls.id 
_pdbx_refine_tls.details 
_pdbx_refine_tls.method 
_pdbx_refine_tls.origin_x 
_pdbx_refine_tls.origin_y 
_pdbx_refine_tls.origin_z 
_pdbx_refine_tls.T[1][1] 
_pdbx_refine_tls.T[2][2] 
_pdbx_refine_tls.T[3][3] 
_pdbx_refine_tls.T[1][2] 
_pdbx_refine_tls.T[1][3] 
_pdbx_refine_tls.T[2][3] 
_pdbx_refine_tls.L[1][1] 
_pdbx_refine_tls.L[2][2] 
_pdbx_refine_tls.L[3][3] 
_pdbx_refine_tls.L[1][2] 
_pdbx_refine_tls.L[1][3] 
_pdbx_refine_tls.L[2][3] 
_pdbx_refine_tls.S[1][1] 
_pdbx_refine_tls.S[1][2] 
_pdbx_refine_tls.S[1][3] 
_pdbx_refine_tls.S[2][1] 
_pdbx_refine_tls.S[2][2] 
_pdbx_refine_tls.S[2][3] 
_pdbx_refine_tls.S[3][1] 
_pdbx_refine_tls.S[3][2] 
_pdbx_refine_tls.S[3][3] 
'X-RAY DIFFRACTION' 1 ? refined -11.5672 3.6376 -3.6675 0.1207 0.1026 0.0959 -0.0200 0.0022  -0.0028 1.0283 0.8631 1.4854 -0.1174 -0.1114 -0.2306 0.0059 0.0119 -0.0599 -0.1543 0.0111 0.0409 0.1559 -0.0668 -0.0302 
'X-RAY DIFFRACTION' 2 ? ?       ?        ?      ?       0.1624 0.2021 0.1694 -0.0141 -0.0171 -0.0136 0.6458 2.6264 5.9836 -0.5949 -1.6521 -0.8223 0.1245 0.1254 0.0349  -0.4780 0.1348 0.5717 0.1974 -0.4092 -0.2604 
# 
loop_
_pdbx_refine_tls_group.pdbx_refine_id 
_pdbx_refine_tls_group.id 
_pdbx_refine_tls_group.refine_tls_id 
_pdbx_refine_tls_group.beg_auth_asym_id 
_pdbx_refine_tls_group.beg_auth_seq_id 
_pdbx_refine_tls_group.end_auth_asym_id 
_pdbx_refine_tls_group.end_auth_seq_id 
_pdbx_refine_tls_group.selection_details 
_pdbx_refine_tls_group.beg_label_asym_id 
_pdbx_refine_tls_group.beg_label_seq_id 
_pdbx_refine_tls_group.end_label_asym_id 
_pdbx_refine_tls_group.end_label_seq_id 
_pdbx_refine_tls_group.selection 
'X-RAY DIFFRACTION' 1 1 A 2 A 82 'chain A' ? ? ? ? ? 
'X-RAY DIFFRACTION' 2 2 B 3 B 11 'chain B' ? ? ? ? ? 
# 
loop_
_software.name 
_software.classification 
_software.version 
_software.citation_id 
_software.pdbx_ordinal 
ADSC   'data collection' Quantum           ? 1 
MOLREP phasing           .                 ? 2 
PHENIX refinement        '(phenix.refine)' ? 3 
MOSFLM 'data reduction'  .                 ? 4 
SCALA  'data scaling'    .                 ? 5 
# 
_pdbx_validate_torsion.id              1 
_pdbx_validate_torsion.PDB_model_num   1 
_pdbx_validate_torsion.auth_comp_id    ASP 
_pdbx_validate_torsion.auth_asym_id    A 
_pdbx_validate_torsion.auth_seq_id     44 
_pdbx_validate_torsion.PDB_ins_code    ? 
_pdbx_validate_torsion.label_alt_id    ? 
_pdbx_validate_torsion.phi             -97.05 
_pdbx_validate_torsion.psi             34.25 
# 
loop_
_pdbx_unobs_or_zero_occ_atoms.id 
_pdbx_unobs_or_zero_occ_atoms.PDB_model_num 
_pdbx_unobs_or_zero_occ_atoms.polymer_flag 
_pdbx_unobs_or_zero_occ_atoms.occupancy_flag 
_pdbx_unobs_or_zero_occ_atoms.auth_asym_id 
_pdbx_unobs_or_zero_occ_atoms.auth_comp_id 
_pdbx_unobs_or_zero_occ_atoms.auth_seq_id 
_pdbx_unobs_or_zero_occ_atoms.PDB_ins_code 
_pdbx_unobs_or_zero_occ_atoms.auth_atom_id 
_pdbx_unobs_or_zero_occ_atoms.label_alt_id 
_pdbx_unobs_or_zero_occ_atoms.label_asym_id 
_pdbx_unobs_or_zero_occ_atoms.label_comp_id 
_pdbx_unobs_or_zero_occ_atoms.label_seq_id 
_pdbx_unobs_or_zero_occ_atoms.label_atom_id 
1  1 Y 1 A LYS 15 ? CG  ? A LYS 15 CG  
2  1 Y 1 A LYS 15 ? CD  ? A LYS 15 CD  
3  1 Y 1 A LYS 15 ? CE  ? A LYS 15 CE  
4  1 Y 1 A LYS 15 ? NZ  ? A LYS 15 NZ  
5  1 Y 1 A GLU 17 ? CG  ? A GLU 17 CG  
6  1 Y 1 A GLU 17 ? CD  ? A GLU 17 CD  
7  1 Y 1 A GLU 17 ? OE1 ? A GLU 17 OE1 
8  1 Y 1 A GLU 17 ? OE2 ? A GLU 17 OE2 
9  1 Y 1 A LYS 81 ? CG  ? A LYS 81 CG  
10 1 Y 1 A LYS 81 ? CD  ? A LYS 81 CD  
11 1 Y 1 A LYS 81 ? CE  ? A LYS 81 CE  
12 1 Y 1 A LYS 81 ? NZ  ? A LYS 81 NZ  
# 
loop_
_pdbx_unobs_or_zero_occ_residues.id 
_pdbx_unobs_or_zero_occ_residues.PDB_model_num 
_pdbx_unobs_or_zero_occ_residues.polymer_flag 
_pdbx_unobs_or_zero_occ_residues.occupancy_flag 
_pdbx_unobs_or_zero_occ_residues.auth_asym_id 
_pdbx_unobs_or_zero_occ_residues.auth_comp_id 
_pdbx_unobs_or_zero_occ_residues.auth_seq_id 
_pdbx_unobs_or_zero_occ_residues.PDB_ins_code 
_pdbx_unobs_or_zero_occ_residues.label_asym_id 
_pdbx_unobs_or_zero_occ_residues.label_comp_id 
_pdbx_unobs_or_zero_occ_residues.label_seq_id 
1 1 Y 1 A MET 1  ? A MET 1  
2 1 Y 1 A SER 83 ? A SER 83 
3 1 Y 1 B HIS 1  ? B HIS 1  
4 1 Y 1 B SER 2  ? B SER 2  
5 1 Y 1 B LEU 12 ? B LEU 12 
# 
loop_
_chem_comp_atom.comp_id 
_chem_comp_atom.atom_id 
_chem_comp_atom.type_symbol 
_chem_comp_atom.pdbx_aromatic_flag 
_chem_comp_atom.pdbx_stereo_config 
_chem_comp_atom.pdbx_ordinal 
ALA N    N N N 1   
ALA CA   C N S 2   
ALA C    C N N 3   
ALA O    O N N 4   
ALA CB   C N N 5   
ALA OXT  O N N 6   
ALA H    H N N 7   
ALA H2   H N N 8   
ALA HA   H N N 9   
ALA HB1  H N N 10  
ALA HB2  H N N 11  
ALA HB3  H N N 12  
ALA HXT  H N N 13  
ARG N    N N N 14  
ARG CA   C N S 15  
ARG C    C N N 16  
ARG O    O N N 17  
ARG CB   C N N 18  
ARG CG   C N N 19  
ARG CD   C N N 20  
ARG NE   N N N 21  
ARG CZ   C N N 22  
ARG NH1  N N N 23  
ARG NH2  N N N 24  
ARG OXT  O N N 25  
ARG H    H N N 26  
ARG H2   H N N 27  
ARG HA   H N N 28  
ARG HB2  H N N 29  
ARG HB3  H N N 30  
ARG HG2  H N N 31  
ARG HG3  H N N 32  
ARG HD2  H N N 33  
ARG HD3  H N N 34  
ARG HE   H N N 35  
ARG HH11 H N N 36  
ARG HH12 H N N 37  
ARG HH21 H N N 38  
ARG HH22 H N N 39  
ARG HXT  H N N 40  
ASN N    N N N 41  
ASN CA   C N S 42  
ASN C    C N N 43  
ASN O    O N N 44  
ASN CB   C N N 45  
ASN CG   C N N 46  
ASN OD1  O N N 47  
ASN ND2  N N N 48  
ASN OXT  O N N 49  
ASN H    H N N 50  
ASN H2   H N N 51  
ASN HA   H N N 52  
ASN HB2  H N N 53  
ASN HB3  H N N 54  
ASN HD21 H N N 55  
ASN HD22 H N N 56  
ASN HXT  H N N 57  
ASP N    N N N 58  
ASP CA   C N S 59  
ASP C    C N N 60  
ASP O    O N N 61  
ASP CB   C N N 62  
ASP CG   C N N 63  
ASP OD1  O N N 64  
ASP OD2  O N N 65  
ASP OXT  O N N 66  
ASP H    H N N 67  
ASP H2   H N N 68  
ASP HA   H N N 69  
ASP HB2  H N N 70  
ASP HB3  H N N 71  
ASP HD2  H N N 72  
ASP HXT  H N N 73  
GLN N    N N N 74  
GLN CA   C N S 75  
GLN C    C N N 76  
GLN O    O N N 77  
GLN CB   C N N 78  
GLN CG   C N N 79  
GLN CD   C N N 80  
GLN OE1  O N N 81  
GLN NE2  N N N 82  
GLN OXT  O N N 83  
GLN H    H N N 84  
GLN H2   H N N 85  
GLN HA   H N N 86  
GLN HB2  H N N 87  
GLN HB3  H N N 88  
GLN HG2  H N N 89  
GLN HG3  H N N 90  
GLN HE21 H N N 91  
GLN HE22 H N N 92  
GLN HXT  H N N 93  
GLU N    N N N 94  
GLU CA   C N S 95  
GLU C    C N N 96  
GLU O    O N N 97  
GLU CB   C N N 98  
GLU CG   C N N 99  
GLU CD   C N N 100 
GLU OE1  O N N 101 
GLU OE2  O N N 102 
GLU OXT  O N N 103 
GLU H    H N N 104 
GLU H2   H N N 105 
GLU HA   H N N 106 
GLU HB2  H N N 107 
GLU HB3  H N N 108 
GLU HG2  H N N 109 
GLU HG3  H N N 110 
GLU HE2  H N N 111 
GLU HXT  H N N 112 
GLY N    N N N 113 
GLY CA   C N N 114 
GLY C    C N N 115 
GLY O    O N N 116 
GLY OXT  O N N 117 
GLY H    H N N 118 
GLY H2   H N N 119 
GLY HA2  H N N 120 
GLY HA3  H N N 121 
GLY HXT  H N N 122 
HIS N    N N N 123 
HIS CA   C N S 124 
HIS C    C N N 125 
HIS O    O N N 126 
HIS CB   C N N 127 
HIS CG   C Y N 128 
HIS ND1  N Y N 129 
HIS CD2  C Y N 130 
HIS CE1  C Y N 131 
HIS NE2  N Y N 132 
HIS OXT  O N N 133 
HIS H    H N N 134 
HIS H2   H N N 135 
HIS HA   H N N 136 
HIS HB2  H N N 137 
HIS HB3  H N N 138 
HIS HD1  H N N 139 
HIS HD2  H N N 140 
HIS HE1  H N N 141 
HIS HE2  H N N 142 
HIS HXT  H N N 143 
HOH O    O N N 144 
HOH H1   H N N 145 
HOH H2   H N N 146 
ILE N    N N N 147 
ILE CA   C N S 148 
ILE C    C N N 149 
ILE O    O N N 150 
ILE CB   C N S 151 
ILE CG1  C N N 152 
ILE CG2  C N N 153 
ILE CD1  C N N 154 
ILE OXT  O N N 155 
ILE H    H N N 156 
ILE H2   H N N 157 
ILE HA   H N N 158 
ILE HB   H N N 159 
ILE HG12 H N N 160 
ILE HG13 H N N 161 
ILE HG21 H N N 162 
ILE HG22 H N N 163 
ILE HG23 H N N 164 
ILE HD11 H N N 165 
ILE HD12 H N N 166 
ILE HD13 H N N 167 
ILE HXT  H N N 168 
LEU N    N N N 169 
LEU CA   C N S 170 
LEU C    C N N 171 
LEU O    O N N 172 
LEU CB   C N N 173 
LEU CG   C N N 174 
LEU CD1  C N N 175 
LEU CD2  C N N 176 
LEU OXT  O N N 177 
LEU H    H N N 178 
LEU H2   H N N 179 
LEU HA   H N N 180 
LEU HB2  H N N 181 
LEU HB3  H N N 182 
LEU HG   H N N 183 
LEU HD11 H N N 184 
LEU HD12 H N N 185 
LEU HD13 H N N 186 
LEU HD21 H N N 187 
LEU HD22 H N N 188 
LEU HD23 H N N 189 
LEU HXT  H N N 190 
LYS N    N N N 191 
LYS CA   C N S 192 
LYS C    C N N 193 
LYS O    O N N 194 
LYS CB   C N N 195 
LYS CG   C N N 196 
LYS CD   C N N 197 
LYS CE   C N N 198 
LYS NZ   N N N 199 
LYS OXT  O N N 200 
LYS H    H N N 201 
LYS H2   H N N 202 
LYS HA   H N N 203 
LYS HB2  H N N 204 
LYS HB3  H N N 205 
LYS HG2  H N N 206 
LYS HG3  H N N 207 
LYS HD2  H N N 208 
LYS HD3  H N N 209 
LYS HE2  H N N 210 
LYS HE3  H N N 211 
LYS HZ1  H N N 212 
LYS HZ2  H N N 213 
LYS HZ3  H N N 214 
LYS HXT  H N N 215 
MET N    N N N 216 
MET CA   C N S 217 
MET C    C N N 218 
MET O    O N N 219 
MET CB   C N N 220 
MET CG   C N N 221 
MET SD   S N N 222 
MET CE   C N N 223 
MET OXT  O N N 224 
MET H    H N N 225 
MET H2   H N N 226 
MET HA   H N N 227 
MET HB2  H N N 228 
MET HB3  H N N 229 
MET HG2  H N N 230 
MET HG3  H N N 231 
MET HE1  H N N 232 
MET HE2  H N N 233 
MET HE3  H N N 234 
MET HXT  H N N 235 
PHE N    N N N 236 
PHE CA   C N S 237 
PHE C    C N N 238 
PHE O    O N N 239 
PHE CB   C N N 240 
PHE CG   C Y N 241 
PHE CD1  C Y N 242 
PHE CD2  C Y N 243 
PHE CE1  C Y N 244 
PHE CE2  C Y N 245 
PHE CZ   C Y N 246 
PHE OXT  O N N 247 
PHE H    H N N 248 
PHE H2   H N N 249 
PHE HA   H N N 250 
PHE HB2  H N N 251 
PHE HB3  H N N 252 
PHE HD1  H N N 253 
PHE HD2  H N N 254 
PHE HE1  H N N 255 
PHE HE2  H N N 256 
PHE HZ   H N N 257 
PHE HXT  H N N 258 
PRO N    N N N 259 
PRO CA   C N S 260 
PRO C    C N N 261 
PRO O    O N N 262 
PRO CB   C N N 263 
PRO CG   C N N 264 
PRO CD   C N N 265 
PRO OXT  O N N 266 
PRO H    H N N 267 
PRO HA   H N N 268 
PRO HB2  H N N 269 
PRO HB3  H N N 270 
PRO HG2  H N N 271 
PRO HG3  H N N 272 
PRO HD2  H N N 273 
PRO HD3  H N N 274 
PRO HXT  H N N 275 
SER N    N N N 276 
SER CA   C N S 277 
SER C    C N N 278 
SER O    O N N 279 
SER CB   C N N 280 
SER OG   O N N 281 
SER OXT  O N N 282 
SER H    H N N 283 
SER H2   H N N 284 
SER HA   H N N 285 
SER HB2  H N N 286 
SER HB3  H N N 287 
SER HG   H N N 288 
SER HXT  H N N 289 
THR N    N N N 290 
THR CA   C N S 291 
THR C    C N N 292 
THR O    O N N 293 
THR CB   C N R 294 
THR OG1  O N N 295 
THR CG2  C N N 296 
THR OXT  O N N 297 
THR H    H N N 298 
THR H2   H N N 299 
THR HA   H N N 300 
THR HB   H N N 301 
THR HG1  H N N 302 
THR HG21 H N N 303 
THR HG22 H N N 304 
THR HG23 H N N 305 
THR HXT  H N N 306 
TRP N    N N N 307 
TRP CA   C N S 308 
TRP C    C N N 309 
TRP O    O N N 310 
TRP CB   C N N 311 
TRP CG   C Y N 312 
TRP CD1  C Y N 313 
TRP CD2  C Y N 314 
TRP NE1  N Y N 315 
TRP CE2  C Y N 316 
TRP CE3  C Y N 317 
TRP CZ2  C Y N 318 
TRP CZ3  C Y N 319 
TRP CH2  C Y N 320 
TRP OXT  O N N 321 
TRP H    H N N 322 
TRP H2   H N N 323 
TRP HA   H N N 324 
TRP HB2  H N N 325 
TRP HB3  H N N 326 
TRP HD1  H N N 327 
TRP HE1  H N N 328 
TRP HE3  H N N 329 
TRP HZ2  H N N 330 
TRP HZ3  H N N 331 
TRP HH2  H N N 332 
TRP HXT  H N N 333 
TYR N    N N N 334 
TYR CA   C N S 335 
TYR C    C N N 336 
TYR O    O N N 337 
TYR CB   C N N 338 
TYR CG   C Y N 339 
TYR CD1  C Y N 340 
TYR CD2  C Y N 341 
TYR CE1  C Y N 342 
TYR CE2  C Y N 343 
TYR CZ   C Y N 344 
TYR OH   O N N 345 
TYR OXT  O N N 346 
TYR H    H N N 347 
TYR H2   H N N 348 
TYR HA   H N N 349 
TYR HB2  H N N 350 
TYR HB3  H N N 351 
TYR HD1  H N N 352 
TYR HD2  H N N 353 
TYR HE1  H N N 354 
TYR HE2  H N N 355 
TYR HH   H N N 356 
TYR HXT  H N N 357 
VAL N    N N N 358 
VAL CA   C N S 359 
VAL C    C N N 360 
VAL O    O N N 361 
VAL CB   C N N 362 
VAL CG1  C N N 363 
VAL CG2  C N N 364 
VAL OXT  O N N 365 
VAL H    H N N 366 
VAL H2   H N N 367 
VAL HA   H N N 368 
VAL HB   H N N 369 
VAL HG11 H N N 370 
VAL HG12 H N N 371 
VAL HG13 H N N 372 
VAL HG21 H N N 373 
VAL HG22 H N N 374 
VAL HG23 H N N 375 
VAL HXT  H N N 376 
# 
loop_
_chem_comp_bond.comp_id 
_chem_comp_bond.atom_id_1 
_chem_comp_bond.atom_id_2 
_chem_comp_bond.value_order 
_chem_comp_bond.pdbx_aromatic_flag 
_chem_comp_bond.pdbx_stereo_config 
_chem_comp_bond.pdbx_ordinal 
ALA N   CA   sing N N 1   
ALA N   H    sing N N 2   
ALA N   H2   sing N N 3   
ALA CA  C    sing N N 4   
ALA CA  CB   sing N N 5   
ALA CA  HA   sing N N 6   
ALA C   O    doub N N 7   
ALA C   OXT  sing N N 8   
ALA CB  HB1  sing N N 9   
ALA CB  HB2  sing N N 10  
ALA CB  HB3  sing N N 11  
ALA OXT HXT  sing N N 12  
ARG N   CA   sing N N 13  
ARG N   H    sing N N 14  
ARG N   H2   sing N N 15  
ARG CA  C    sing N N 16  
ARG CA  CB   sing N N 17  
ARG CA  HA   sing N N 18  
ARG C   O    doub N N 19  
ARG C   OXT  sing N N 20  
ARG CB  CG   sing N N 21  
ARG CB  HB2  sing N N 22  
ARG CB  HB3  sing N N 23  
ARG CG  CD   sing N N 24  
ARG CG  HG2  sing N N 25  
ARG CG  HG3  sing N N 26  
ARG CD  NE   sing N N 27  
ARG CD  HD2  sing N N 28  
ARG CD  HD3  sing N N 29  
ARG NE  CZ   sing N N 30  
ARG NE  HE   sing N N 31  
ARG CZ  NH1  sing N N 32  
ARG CZ  NH2  doub N N 33  
ARG NH1 HH11 sing N N 34  
ARG NH1 HH12 sing N N 35  
ARG NH2 HH21 sing N N 36  
ARG NH2 HH22 sing N N 37  
ARG OXT HXT  sing N N 38  
ASN N   CA   sing N N 39  
ASN N   H    sing N N 40  
ASN N   H2   sing N N 41  
ASN CA  C    sing N N 42  
ASN CA  CB   sing N N 43  
ASN CA  HA   sing N N 44  
ASN C   O    doub N N 45  
ASN C   OXT  sing N N 46  
ASN CB  CG   sing N N 47  
ASN CB  HB2  sing N N 48  
ASN CB  HB3  sing N N 49  
ASN CG  OD1  doub N N 50  
ASN CG  ND2  sing N N 51  
ASN ND2 HD21 sing N N 52  
ASN ND2 HD22 sing N N 53  
ASN OXT HXT  sing N N 54  
ASP N   CA   sing N N 55  
ASP N   H    sing N N 56  
ASP N   H2   sing N N 57  
ASP CA  C    sing N N 58  
ASP CA  CB   sing N N 59  
ASP CA  HA   sing N N 60  
ASP C   O    doub N N 61  
ASP C   OXT  sing N N 62  
ASP CB  CG   sing N N 63  
ASP CB  HB2  sing N N 64  
ASP CB  HB3  sing N N 65  
ASP CG  OD1  doub N N 66  
ASP CG  OD2  sing N N 67  
ASP OD2 HD2  sing N N 68  
ASP OXT HXT  sing N N 69  
GLN N   CA   sing N N 70  
GLN N   H    sing N N 71  
GLN N   H2   sing N N 72  
GLN CA  C    sing N N 73  
GLN CA  CB   sing N N 74  
GLN CA  HA   sing N N 75  
GLN C   O    doub N N 76  
GLN C   OXT  sing N N 77  
GLN CB  CG   sing N N 78  
GLN CB  HB2  sing N N 79  
GLN CB  HB3  sing N N 80  
GLN CG  CD   sing N N 81  
GLN CG  HG2  sing N N 82  
GLN CG  HG3  sing N N 83  
GLN CD  OE1  doub N N 84  
GLN CD  NE2  sing N N 85  
GLN NE2 HE21 sing N N 86  
GLN NE2 HE22 sing N N 87  
GLN OXT HXT  sing N N 88  
GLU N   CA   sing N N 89  
GLU N   H    sing N N 90  
GLU N   H2   sing N N 91  
GLU CA  C    sing N N 92  
GLU CA  CB   sing N N 93  
GLU CA  HA   sing N N 94  
GLU C   O    doub N N 95  
GLU C   OXT  sing N N 96  
GLU CB  CG   sing N N 97  
GLU CB  HB2  sing N N 98  
GLU CB  HB3  sing N N 99  
GLU CG  CD   sing N N 100 
GLU CG  HG2  sing N N 101 
GLU CG  HG3  sing N N 102 
GLU CD  OE1  doub N N 103 
GLU CD  OE2  sing N N 104 
GLU OE2 HE2  sing N N 105 
GLU OXT HXT  sing N N 106 
GLY N   CA   sing N N 107 
GLY N   H    sing N N 108 
GLY N   H2   sing N N 109 
GLY CA  C    sing N N 110 
GLY CA  HA2  sing N N 111 
GLY CA  HA3  sing N N 112 
GLY C   O    doub N N 113 
GLY C   OXT  sing N N 114 
GLY OXT HXT  sing N N 115 
HIS N   CA   sing N N 116 
HIS N   H    sing N N 117 
HIS N   H2   sing N N 118 
HIS CA  C    sing N N 119 
HIS CA  CB   sing N N 120 
HIS CA  HA   sing N N 121 
HIS C   O    doub N N 122 
HIS C   OXT  sing N N 123 
HIS CB  CG   sing N N 124 
HIS CB  HB2  sing N N 125 
HIS CB  HB3  sing N N 126 
HIS CG  ND1  sing Y N 127 
HIS CG  CD2  doub Y N 128 
HIS ND1 CE1  doub Y N 129 
HIS ND1 HD1  sing N N 130 
HIS CD2 NE2  sing Y N 131 
HIS CD2 HD2  sing N N 132 
HIS CE1 NE2  sing Y N 133 
HIS CE1 HE1  sing N N 134 
HIS NE2 HE2  sing N N 135 
HIS OXT HXT  sing N N 136 
HOH O   H1   sing N N 137 
HOH O   H2   sing N N 138 
ILE N   CA   sing N N 139 
ILE N   H    sing N N 140 
ILE N   H2   sing N N 141 
ILE CA  C    sing N N 142 
ILE CA  CB   sing N N 143 
ILE CA  HA   sing N N 144 
ILE C   O    doub N N 145 
ILE C   OXT  sing N N 146 
ILE CB  CG1  sing N N 147 
ILE CB  CG2  sing N N 148 
ILE CB  HB   sing N N 149 
ILE CG1 CD1  sing N N 150 
ILE CG1 HG12 sing N N 151 
ILE CG1 HG13 sing N N 152 
ILE CG2 HG21 sing N N 153 
ILE CG2 HG22 sing N N 154 
ILE CG2 HG23 sing N N 155 
ILE CD1 HD11 sing N N 156 
ILE CD1 HD12 sing N N 157 
ILE CD1 HD13 sing N N 158 
ILE OXT HXT  sing N N 159 
LEU N   CA   sing N N 160 
LEU N   H    sing N N 161 
LEU N   H2   sing N N 162 
LEU CA  C    sing N N 163 
LEU CA  CB   sing N N 164 
LEU CA  HA   sing N N 165 
LEU C   O    doub N N 166 
LEU C   OXT  sing N N 167 
LEU CB  CG   sing N N 168 
LEU CB  HB2  sing N N 169 
LEU CB  HB3  sing N N 170 
LEU CG  CD1  sing N N 171 
LEU CG  CD2  sing N N 172 
LEU CG  HG   sing N N 173 
LEU CD1 HD11 sing N N 174 
LEU CD1 HD12 sing N N 175 
LEU CD1 HD13 sing N N 176 
LEU CD2 HD21 sing N N 177 
LEU CD2 HD22 sing N N 178 
LEU CD2 HD23 sing N N 179 
LEU OXT HXT  sing N N 180 
LYS N   CA   sing N N 181 
LYS N   H    sing N N 182 
LYS N   H2   sing N N 183 
LYS CA  C    sing N N 184 
LYS CA  CB   sing N N 185 
LYS CA  HA   sing N N 186 
LYS C   O    doub N N 187 
LYS C   OXT  sing N N 188 
LYS CB  CG   sing N N 189 
LYS CB  HB2  sing N N 190 
LYS CB  HB3  sing N N 191 
LYS CG  CD   sing N N 192 
LYS CG  HG2  sing N N 193 
LYS CG  HG3  sing N N 194 
LYS CD  CE   sing N N 195 
LYS CD  HD2  sing N N 196 
LYS CD  HD3  sing N N 197 
LYS CE  NZ   sing N N 198 
LYS CE  HE2  sing N N 199 
LYS CE  HE3  sing N N 200 
LYS NZ  HZ1  sing N N 201 
LYS NZ  HZ2  sing N N 202 
LYS NZ  HZ3  sing N N 203 
LYS OXT HXT  sing N N 204 
MET N   CA   sing N N 205 
MET N   H    sing N N 206 
MET N   H2   sing N N 207 
MET CA  C    sing N N 208 
MET CA  CB   sing N N 209 
MET CA  HA   sing N N 210 
MET C   O    doub N N 211 
MET C   OXT  sing N N 212 
MET CB  CG   sing N N 213 
MET CB  HB2  sing N N 214 
MET CB  HB3  sing N N 215 
MET CG  SD   sing N N 216 
MET CG  HG2  sing N N 217 
MET CG  HG3  sing N N 218 
MET SD  CE   sing N N 219 
MET CE  HE1  sing N N 220 
MET CE  HE2  sing N N 221 
MET CE  HE3  sing N N 222 
MET OXT HXT  sing N N 223 
PHE N   CA   sing N N 224 
PHE N   H    sing N N 225 
PHE N   H2   sing N N 226 
PHE CA  C    sing N N 227 
PHE CA  CB   sing N N 228 
PHE CA  HA   sing N N 229 
PHE C   O    doub N N 230 
PHE C   OXT  sing N N 231 
PHE CB  CG   sing N N 232 
PHE CB  HB2  sing N N 233 
PHE CB  HB3  sing N N 234 
PHE CG  CD1  doub Y N 235 
PHE CG  CD2  sing Y N 236 
PHE CD1 CE1  sing Y N 237 
PHE CD1 HD1  sing N N 238 
PHE CD2 CE2  doub Y N 239 
PHE CD2 HD2  sing N N 240 
PHE CE1 CZ   doub Y N 241 
PHE CE1 HE1  sing N N 242 
PHE CE2 CZ   sing Y N 243 
PHE CE2 HE2  sing N N 244 
PHE CZ  HZ   sing N N 245 
PHE OXT HXT  sing N N 246 
PRO N   CA   sing N N 247 
PRO N   CD   sing N N 248 
PRO N   H    sing N N 249 
PRO CA  C    sing N N 250 
PRO CA  CB   sing N N 251 
PRO CA  HA   sing N N 252 
PRO C   O    doub N N 253 
PRO C   OXT  sing N N 254 
PRO CB  CG   sing N N 255 
PRO CB  HB2  sing N N 256 
PRO CB  HB3  sing N N 257 
PRO CG  CD   sing N N 258 
PRO CG  HG2  sing N N 259 
PRO CG  HG3  sing N N 260 
PRO CD  HD2  sing N N 261 
PRO CD  HD3  sing N N 262 
PRO OXT HXT  sing N N 263 
SER N   CA   sing N N 264 
SER N   H    sing N N 265 
SER N   H2   sing N N 266 
SER CA  C    sing N N 267 
SER CA  CB   sing N N 268 
SER CA  HA   sing N N 269 
SER C   O    doub N N 270 
SER C   OXT  sing N N 271 
SER CB  OG   sing N N 272 
SER CB  HB2  sing N N 273 
SER CB  HB3  sing N N 274 
SER OG  HG   sing N N 275 
SER OXT HXT  sing N N 276 
THR N   CA   sing N N 277 
THR N   H    sing N N 278 
THR N   H2   sing N N 279 
THR CA  C    sing N N 280 
THR CA  CB   sing N N 281 
THR CA  HA   sing N N 282 
THR C   O    doub N N 283 
THR C   OXT  sing N N 284 
THR CB  OG1  sing N N 285 
THR CB  CG2  sing N N 286 
THR CB  HB   sing N N 287 
THR OG1 HG1  sing N N 288 
THR CG2 HG21 sing N N 289 
THR CG2 HG22 sing N N 290 
THR CG2 HG23 sing N N 291 
THR OXT HXT  sing N N 292 
TRP N   CA   sing N N 293 
TRP N   H    sing N N 294 
TRP N   H2   sing N N 295 
TRP CA  C    sing N N 296 
TRP CA  CB   sing N N 297 
TRP CA  HA   sing N N 298 
TRP C   O    doub N N 299 
TRP C   OXT  sing N N 300 
TRP CB  CG   sing N N 301 
TRP CB  HB2  sing N N 302 
TRP CB  HB3  sing N N 303 
TRP CG  CD1  doub Y N 304 
TRP CG  CD2  sing Y N 305 
TRP CD1 NE1  sing Y N 306 
TRP CD1 HD1  sing N N 307 
TRP CD2 CE2  doub Y N 308 
TRP CD2 CE3  sing Y N 309 
TRP NE1 CE2  sing Y N 310 
TRP NE1 HE1  sing N N 311 
TRP CE2 CZ2  sing Y N 312 
TRP CE3 CZ3  doub Y N 313 
TRP CE3 HE3  sing N N 314 
TRP CZ2 CH2  doub Y N 315 
TRP CZ2 HZ2  sing N N 316 
TRP CZ3 CH2  sing Y N 317 
TRP CZ3 HZ3  sing N N 318 
TRP CH2 HH2  sing N N 319 
TRP OXT HXT  sing N N 320 
TYR N   CA   sing N N 321 
TYR N   H    sing N N 322 
TYR N   H2   sing N N 323 
TYR CA  C    sing N N 324 
TYR CA  CB   sing N N 325 
TYR CA  HA   sing N N 326 
TYR C   O    doub N N 327 
TYR C   OXT  sing N N 328 
TYR CB  CG   sing N N 329 
TYR CB  HB2  sing N N 330 
TYR CB  HB3  sing N N 331 
TYR CG  CD1  doub Y N 332 
TYR CG  CD2  sing Y N 333 
TYR CD1 CE1  sing Y N 334 
TYR CD1 HD1  sing N N 335 
TYR CD2 CE2  doub Y N 336 
TYR CD2 HD2  sing N N 337 
TYR CE1 CZ   doub Y N 338 
TYR CE1 HE1  sing N N 339 
TYR CE2 CZ   sing Y N 340 
TYR CE2 HE2  sing N N 341 
TYR CZ  OH   sing N N 342 
TYR OH  HH   sing N N 343 
TYR OXT HXT  sing N N 344 
VAL N   CA   sing N N 345 
VAL N   H    sing N N 346 
VAL N   H2   sing N N 347 
VAL CA  C    sing N N 348 
VAL CA  CB   sing N N 349 
VAL CA  HA   sing N N 350 
VAL C   O    doub N N 351 
VAL C   OXT  sing N N 352 
VAL CB  CG1  sing N N 353 
VAL CB  CG2  sing N N 354 
VAL CB  HB   sing N N 355 
VAL CG1 HG11 sing N N 356 
VAL CG1 HG12 sing N N 357 
VAL CG1 HG13 sing N N 358 
VAL CG2 HG21 sing N N 359 
VAL CG2 HG22 sing N N 360 
VAL CG2 HG23 sing N N 361 
VAL OXT HXT  sing N N 362 
# 
_pdbx_entity_nonpoly.entity_id   3 
_pdbx_entity_nonpoly.name        water 
_pdbx_entity_nonpoly.comp_id     HOH 
# 
_pdbx_initial_refinement_model.id               1 
_pdbx_initial_refinement_model.entity_id_list   ? 
_pdbx_initial_refinement_model.type             'experimental model' 
_pdbx_initial_refinement_model.source_name      PDB 
_pdbx_initial_refinement_model.accession_code   1PHT 
_pdbx_initial_refinement_model.details          'PDB entry 1pht' 
# 
